data_2MN2
#
_entry.id   2MN2
#
_entity_poly.entity_id   1
_entity_poly.type   'polypeptide(L)'
_entity_poly.pdbx_seq_one_letter_code
;MSHHHHHHSMGMDEYSPKRHDVAQLKFLCESLYDEGIATLGDSHHGWVNDPTSAVNLQLNDLIEHIASFVMSFKIKYPDD
GDLSELVEEYLDDTYTLFSSYGINDPELQRWQKTKERLFRLFSGEYISTLMKT
;
_entity_poly.pdbx_strand_id   A
#
# COMPACT_ATOMS: atom_id res chain seq x y z
N MET A 12 -22.78 -15.73 -6.67
CA MET A 12 -21.90 -14.52 -6.69
C MET A 12 -22.19 -13.65 -5.48
N ASP A 13 -21.38 -13.81 -4.42
CA ASP A 13 -21.58 -13.06 -3.19
C ASP A 13 -21.20 -11.61 -3.38
N GLU A 14 -22.14 -10.83 -3.86
CA GLU A 14 -21.90 -9.43 -4.12
C GLU A 14 -22.21 -8.54 -2.91
N TYR A 15 -21.86 -9.02 -1.71
CA TYR A 15 -22.03 -8.22 -0.50
C TYR A 15 -21.15 -6.98 -0.59
N SER A 16 -19.85 -7.19 -0.75
CA SER A 16 -18.91 -6.09 -0.93
C SER A 16 -18.72 -5.81 -2.44
N PRO A 17 -18.53 -4.53 -2.84
CA PRO A 17 -18.36 -4.17 -4.24
C PRO A 17 -16.92 -4.43 -4.72
N LYS A 18 -16.78 -5.25 -5.77
CA LYS A 18 -15.45 -5.60 -6.30
C LYS A 18 -14.73 -4.37 -6.88
N ARG A 19 -15.40 -3.61 -7.76
CA ARG A 19 -14.77 -2.40 -8.30
C ARG A 19 -14.29 -1.50 -7.16
N HIS A 20 -15.14 -1.34 -6.13
CA HIS A 20 -14.81 -0.55 -4.95
C HIS A 20 -13.60 -1.11 -4.25
N ASP A 21 -13.62 -2.42 -3.97
CA ASP A 21 -12.52 -3.07 -3.26
C ASP A 21 -11.21 -3.03 -4.09
N VAL A 22 -11.32 -3.34 -5.38
CA VAL A 22 -10.18 -3.21 -6.30
C VAL A 22 -9.69 -1.74 -6.32
N ALA A 23 -10.61 -0.78 -6.57
CA ALA A 23 -10.27 0.64 -6.55
C ALA A 23 -9.61 1.00 -5.23
N GLN A 24 -10.23 0.57 -4.12
CA GLN A 24 -9.67 0.78 -2.79
C GLN A 24 -8.23 0.29 -2.74
N LEU A 25 -8.01 -0.96 -3.21
CA LEU A 25 -6.68 -1.56 -3.21
C LEU A 25 -5.65 -0.61 -3.82
N LYS A 26 -5.90 -0.15 -5.05
CA LYS A 26 -4.98 0.77 -5.70
C LYS A 26 -4.92 2.09 -4.95
N PHE A 27 -6.09 2.70 -4.71
CA PHE A 27 -6.16 3.97 -4.00
C PHE A 27 -5.45 3.90 -2.66
N LEU A 28 -5.72 2.87 -1.87
CA LEU A 28 -5.04 2.68 -0.59
C LEU A 28 -3.53 2.63 -0.79
N CYS A 29 -3.06 1.84 -1.75
CA CYS A 29 -1.63 1.70 -2.01
C CYS A 29 -1.04 2.97 -2.61
N GLU A 30 -1.69 3.52 -3.62
CA GLU A 30 -1.19 4.72 -4.28
C GLU A 30 -1.24 5.93 -3.34
N SER A 31 -2.36 6.09 -2.61
CA SER A 31 -2.46 7.16 -1.63
C SER A 31 -1.40 6.95 -0.54
N LEU A 32 -1.25 5.68 -0.09
CA LEU A 32 -0.19 5.35 0.89
C LEU A 32 1.15 5.81 0.36
N TYR A 33 1.45 5.52 -0.90
CA TYR A 33 2.70 5.96 -1.50
C TYR A 33 2.86 7.48 -1.32
N ASP A 34 1.77 8.22 -1.55
CA ASP A 34 1.77 9.68 -1.38
C ASP A 34 1.97 10.05 0.08
N GLU A 35 1.19 9.41 0.98
CA GLU A 35 1.35 9.63 2.43
C GLU A 35 2.81 9.33 2.80
N GLY A 36 3.32 8.23 2.27
CA GLY A 36 4.68 7.81 2.52
C GLY A 36 5.66 8.85 2.08
N ILE A 37 5.64 9.22 0.79
CA ILE A 37 6.56 10.24 0.26
C ILE A 37 6.49 11.51 1.11
N ALA A 38 5.27 12.01 1.38
CA ALA A 38 5.10 13.19 2.26
C ALA A 38 5.86 13.00 3.57
N THR A 39 5.74 11.81 4.14
CA THR A 39 6.39 11.49 5.41
C THR A 39 7.90 11.24 5.24
N LEU A 40 8.29 10.36 4.31
CA LEU A 40 9.71 10.03 4.12
C LEU A 40 10.48 11.23 3.55
N GLY A 41 9.78 12.12 2.85
CA GLY A 41 10.41 13.30 2.30
C GLY A 41 10.56 14.40 3.32
N ASP A 42 9.50 14.65 4.05
CA ASP A 42 9.49 15.67 5.07
C ASP A 42 9.74 15.12 6.46
N SER A 43 11.02 14.98 6.82
CA SER A 43 11.38 14.62 8.17
C SER A 43 11.07 15.82 9.06
N HIS A 44 10.01 15.70 9.86
CA HIS A 44 9.49 16.83 10.67
C HIS A 44 10.57 17.66 11.38
N HIS A 45 11.68 17.03 11.77
CA HIS A 45 12.76 17.76 12.43
C HIS A 45 14.00 17.96 11.54
N GLY A 46 13.82 17.89 10.22
CA GLY A 46 14.93 18.11 9.27
C GLY A 46 15.86 16.93 9.05
N TRP A 47 15.94 16.01 10.01
CA TRP A 47 16.79 14.82 9.87
C TRP A 47 15.93 13.56 9.94
N VAL A 48 15.54 13.18 11.16
CA VAL A 48 14.66 12.02 11.34
C VAL A 48 13.20 12.45 11.30
N ASN A 49 12.29 11.49 11.19
CA ASN A 49 10.86 11.77 11.24
C ASN A 49 10.25 11.10 12.44
N ASP A 50 9.32 11.76 13.11
CA ASP A 50 8.71 11.19 14.29
C ASP A 50 7.72 10.11 13.92
N PRO A 51 7.97 8.85 14.35
CA PRO A 51 7.04 7.72 14.10
C PRO A 51 5.62 7.98 14.62
N THR A 52 5.45 8.99 15.48
CA THR A 52 4.14 9.32 16.03
C THR A 52 3.38 10.36 15.19
N SER A 53 4.06 11.00 14.25
CA SER A 53 3.46 12.00 13.40
C SER A 53 2.19 11.45 12.72
N ALA A 54 1.20 12.33 12.49
CA ALA A 54 -0.09 11.93 11.87
C ALA A 54 0.12 11.13 10.59
N VAL A 55 1.12 11.52 9.80
CA VAL A 55 1.44 10.82 8.59
C VAL A 55 1.89 9.42 8.92
N ASN A 56 2.87 9.31 9.81
CA ASN A 56 3.37 8.03 10.25
C ASN A 56 2.23 7.18 10.80
N LEU A 57 1.39 7.78 11.67
CA LEU A 57 0.23 7.09 12.24
C LEU A 57 -0.71 6.64 11.14
N GLN A 58 -1.02 7.58 10.21
CA GLN A 58 -1.82 7.27 9.05
C GLN A 58 -1.29 6.05 8.34
N LEU A 59 -0.01 6.10 7.96
CA LEU A 59 0.66 5.00 7.27
C LEU A 59 0.65 3.73 8.11
N ASN A 60 0.92 3.87 9.41
CA ASN A 60 0.90 2.71 10.34
C ASN A 60 -0.44 2.04 10.27
N ASP A 61 -1.49 2.86 10.32
CA ASP A 61 -2.85 2.37 10.18
C ASP A 61 -3.03 1.79 8.80
N LEU A 62 -2.74 2.61 7.78
CA LEU A 62 -2.76 2.21 6.37
C LEU A 62 -2.20 0.82 6.19
N ILE A 63 -0.95 0.65 6.61
CA ILE A 63 -0.24 -0.62 6.50
C ILE A 63 -1.14 -1.81 6.88
N GLU A 64 -1.66 -1.81 8.10
CA GLU A 64 -2.51 -2.91 8.56
C GLU A 64 -3.91 -2.82 8.00
N HIS A 65 -4.47 -1.61 8.00
CA HIS A 65 -5.79 -1.38 7.45
C HIS A 65 -5.88 -1.91 6.01
N ILE A 66 -4.80 -1.73 5.25
CA ILE A 66 -4.71 -2.27 3.90
C ILE A 66 -4.42 -3.77 3.99
N ALA A 67 -3.51 -4.16 4.92
CA ALA A 67 -3.17 -5.59 5.13
C ALA A 67 -4.41 -6.45 5.28
N SER A 68 -5.25 -6.13 6.27
CA SER A 68 -6.50 -6.86 6.49
C SER A 68 -7.41 -6.76 5.27
N PHE A 69 -7.40 -5.58 4.64
CA PHE A 69 -8.16 -5.38 3.43
C PHE A 69 -7.68 -6.34 2.36
N VAL A 70 -6.35 -6.45 2.18
CA VAL A 70 -5.76 -7.37 1.24
C VAL A 70 -6.26 -8.80 1.52
N MET A 71 -6.15 -9.25 2.77
CA MET A 71 -6.66 -10.57 3.15
C MET A 71 -8.13 -10.69 2.71
N SER A 72 -8.92 -9.64 2.99
CA SER A 72 -10.30 -9.56 2.58
C SER A 72 -10.41 -9.57 1.03
N PHE A 73 -9.57 -8.75 0.39
CA PHE A 73 -9.48 -8.66 -1.08
C PHE A 73 -9.39 -10.05 -1.69
N LYS A 74 -8.47 -10.85 -1.17
CA LYS A 74 -8.23 -12.21 -1.63
C LYS A 74 -9.41 -13.17 -1.30
N ILE A 75 -10.28 -12.77 -0.37
CA ILE A 75 -11.47 -13.59 -0.03
C ILE A 75 -12.47 -13.49 -1.17
N LYS A 76 -12.69 -12.25 -1.64
CA LYS A 76 -13.64 -12.02 -2.72
C LYS A 76 -13.07 -12.38 -4.10
N TYR A 77 -11.75 -12.60 -4.19
CA TYR A 77 -11.12 -12.95 -5.47
C TYR A 77 -9.77 -13.65 -5.25
N PRO A 78 -9.56 -14.81 -5.90
CA PRO A 78 -8.33 -15.61 -5.72
C PRO A 78 -7.17 -15.22 -6.69
N ASP A 79 -7.52 -14.83 -7.91
CA ASP A 79 -6.49 -14.58 -8.97
C ASP A 79 -5.63 -13.35 -8.75
N ASP A 80 -5.97 -12.53 -7.80
CA ASP A 80 -5.22 -11.33 -7.50
C ASP A 80 -4.04 -11.57 -6.58
N GLY A 81 -3.86 -12.81 -6.17
CA GLY A 81 -2.80 -13.17 -5.23
C GLY A 81 -1.49 -12.41 -5.45
N ASP A 82 -1.07 -12.25 -6.72
CA ASP A 82 0.15 -11.50 -7.06
C ASP A 82 0.02 -10.04 -6.71
N LEU A 83 -1.13 -9.46 -7.01
CA LEU A 83 -1.42 -8.07 -6.67
C LEU A 83 -1.48 -7.91 -5.16
N SER A 84 -2.29 -8.75 -4.52
CA SER A 84 -2.45 -8.66 -3.08
C SER A 84 -1.13 -8.87 -2.36
N GLU A 85 -0.40 -9.93 -2.74
CA GLU A 85 0.91 -10.21 -2.18
C GLU A 85 1.85 -9.02 -2.37
N LEU A 86 1.85 -8.44 -3.57
CA LEU A 86 2.65 -7.23 -3.84
C LEU A 86 2.25 -6.14 -2.86
N VAL A 87 0.93 -5.91 -2.76
CA VAL A 87 0.40 -4.94 -1.81
C VAL A 87 0.95 -5.27 -0.41
N GLU A 88 0.79 -6.53 0.01
CA GLU A 88 1.33 -7.00 1.30
C GLU A 88 2.81 -6.66 1.42
N GLU A 89 3.59 -6.99 0.38
CA GLU A 89 5.03 -6.65 0.32
C GLU A 89 5.19 -5.15 0.61
N TYR A 90 4.40 -4.33 -0.10
CA TYR A 90 4.42 -2.89 0.06
C TYR A 90 4.12 -2.49 1.51
N LEU A 91 3.04 -3.02 2.08
CA LEU A 91 2.67 -2.72 3.47
C LEU A 91 3.85 -3.03 4.39
N ASP A 92 4.41 -4.23 4.23
CA ASP A 92 5.57 -4.70 4.99
C ASP A 92 6.71 -3.69 4.92
N ASP A 93 7.09 -3.33 3.70
CA ASP A 93 8.17 -2.35 3.49
C ASP A 93 7.81 -1.03 4.16
N THR A 94 6.57 -0.56 3.93
CA THR A 94 6.08 0.68 4.55
C THR A 94 6.28 0.61 6.07
N TYR A 95 5.73 -0.44 6.69
CA TYR A 95 5.88 -0.68 8.13
C TYR A 95 7.36 -0.67 8.50
N THR A 96 8.13 -1.47 7.80
CA THR A 96 9.57 -1.56 8.01
C THR A 96 10.22 -0.15 8.07
N LEU A 97 10.10 0.62 6.98
CA LEU A 97 10.65 1.98 6.90
C LEU A 97 10.25 2.81 8.10
N PHE A 98 8.94 3.08 8.20
CA PHE A 98 8.38 3.94 9.24
C PHE A 98 8.62 3.44 10.66
N SER A 99 9.09 2.22 10.79
CA SER A 99 9.46 1.71 12.09
C SER A 99 10.77 2.37 12.61
N SER A 100 11.50 3.05 11.70
CA SER A 100 12.74 3.75 12.05
C SER A 100 12.49 5.25 12.20
N TYR A 101 13.26 5.89 13.08
CA TYR A 101 13.17 7.36 13.25
C TYR A 101 13.63 8.05 11.96
N GLY A 102 14.67 7.50 11.34
CA GLY A 102 15.16 7.99 10.08
C GLY A 102 14.90 6.97 9.00
N ILE A 103 14.54 7.44 7.81
CA ILE A 103 14.22 6.52 6.72
C ILE A 103 15.48 5.87 6.14
N ASN A 104 15.43 4.57 5.99
CA ASN A 104 16.57 3.79 5.48
C ASN A 104 16.48 3.65 3.97
N ASP A 105 17.45 4.23 3.25
CA ASP A 105 17.48 4.22 1.77
C ASP A 105 17.17 2.85 1.16
N PRO A 106 17.93 1.78 1.56
CA PRO A 106 17.72 0.43 0.98
C PRO A 106 16.27 -0.03 1.07
N GLU A 107 15.74 -0.12 2.31
CA GLU A 107 14.34 -0.50 2.51
C GLU A 107 13.43 0.46 1.76
N LEU A 108 13.72 1.76 1.87
CA LEU A 108 12.95 2.78 1.16
C LEU A 108 12.88 2.46 -0.32
N GLN A 109 14.03 2.32 -0.96
CA GLN A 109 14.07 2.01 -2.38
C GLN A 109 13.41 0.68 -2.68
N ARG A 110 13.49 -0.26 -1.74
CA ARG A 110 12.79 -1.53 -1.86
C ARG A 110 11.28 -1.25 -1.88
N TRP A 111 10.83 -0.49 -0.87
CA TRP A 111 9.43 -0.03 -0.75
C TRP A 111 8.97 0.55 -2.08
N GLN A 112 9.83 1.38 -2.65
CA GLN A 112 9.58 2.00 -3.94
C GLN A 112 9.47 0.94 -5.03
N LYS A 113 10.50 0.07 -5.14
CA LYS A 113 10.47 -1.03 -6.12
C LYS A 113 9.15 -1.80 -6.01
N THR A 114 8.76 -2.12 -4.78
CA THR A 114 7.52 -2.81 -4.50
C THR A 114 6.32 -2.03 -5.08
N LYS A 115 6.21 -0.71 -4.78
CA LYS A 115 5.09 0.06 -5.31
C LYS A 115 5.11 0.11 -6.83
N GLU A 116 6.30 0.34 -7.44
CA GLU A 116 6.38 0.37 -8.91
C GLU A 116 5.67 -0.87 -9.47
N ARG A 117 6.11 -2.05 -9.00
CA ARG A 117 5.48 -3.32 -9.37
C ARG A 117 3.96 -3.25 -9.16
N LEU A 118 3.54 -2.86 -7.95
CA LEU A 118 2.11 -2.70 -7.61
C LEU A 118 1.36 -1.85 -8.65
N PHE A 119 1.98 -0.73 -9.01
CA PHE A 119 1.38 0.20 -9.95
C PHE A 119 1.31 -0.40 -11.32
N ARG A 120 2.26 -1.28 -11.65
CA ARG A 120 2.21 -2.00 -12.91
C ARG A 120 0.88 -2.73 -12.99
N LEU A 121 0.54 -3.47 -11.92
CA LEU A 121 -0.70 -4.15 -11.81
C LEU A 121 -1.88 -3.16 -11.84
N PHE A 122 -1.83 -2.17 -10.94
CA PHE A 122 -2.89 -1.16 -10.79
C PHE A 122 -3.11 -0.30 -12.04
N SER A 123 -2.07 -0.09 -12.85
CA SER A 123 -2.19 0.79 -14.04
C SER A 123 -3.00 0.15 -15.19
N GLY A 124 -3.50 -1.07 -15.00
CA GLY A 124 -4.35 -1.67 -16.01
C GLY A 124 -3.94 -3.05 -16.43
N GLU A 125 -3.52 -3.89 -15.49
CA GLU A 125 -3.22 -5.27 -15.80
C GLU A 125 -4.53 -6.07 -15.78
N TYR A 126 -4.86 -6.62 -14.63
CA TYR A 126 -6.10 -7.38 -14.40
C TYR A 126 -7.25 -6.48 -13.94
N ILE A 127 -6.92 -5.33 -13.34
CA ILE A 127 -7.91 -4.41 -12.78
C ILE A 127 -9.06 -4.16 -13.75
N SER A 128 -8.74 -3.64 -14.92
CA SER A 128 -9.73 -3.31 -15.96
C SER A 128 -10.64 -4.51 -16.30
N THR A 129 -10.07 -5.71 -16.28
CA THR A 129 -10.83 -6.91 -16.55
C THR A 129 -11.63 -7.33 -15.31
N LEU A 130 -11.06 -7.09 -14.13
CA LEU A 130 -11.70 -7.38 -12.86
C LEU A 130 -12.92 -6.49 -12.67
N MET A 131 -12.72 -5.19 -12.72
CA MET A 131 -13.82 -4.23 -12.62
C MET A 131 -14.39 -3.97 -14.01
N LYS A 132 -14.98 -5.01 -14.60
CA LYS A 132 -15.48 -4.95 -15.97
C LYS A 132 -16.64 -3.95 -16.15
N THR A 133 -17.86 -4.40 -15.88
CA THR A 133 -19.03 -3.56 -16.07
C THR A 133 -19.07 -2.44 -15.02
N MET A 12 -23.08 2.35 -0.53
CA MET A 12 -21.68 1.87 -0.53
C MET A 12 -21.56 0.61 0.32
N ASP A 13 -21.57 -0.54 -0.33
CA ASP A 13 -21.54 -1.81 0.39
C ASP A 13 -20.64 -2.79 -0.31
N GLU A 14 -19.88 -3.54 0.46
CA GLU A 14 -18.98 -4.54 -0.09
C GLU A 14 -19.62 -5.92 -0.05
N TYR A 15 -20.37 -6.24 -1.09
CA TYR A 15 -21.03 -7.54 -1.20
C TYR A 15 -20.04 -8.56 -1.80
N SER A 16 -20.18 -8.89 -3.09
CA SER A 16 -19.25 -9.75 -3.77
C SER A 16 -18.69 -9.08 -5.08
N PRO A 17 -18.53 -7.70 -5.17
CA PRO A 17 -18.03 -7.05 -6.37
C PRO A 17 -16.53 -6.78 -6.31
N LYS A 18 -15.74 -7.66 -6.96
CA LYS A 18 -14.27 -7.47 -6.99
C LYS A 18 -13.93 -6.05 -7.44
N ARG A 19 -14.71 -5.51 -8.38
CA ARG A 19 -14.52 -4.14 -8.85
C ARG A 19 -14.41 -3.14 -7.69
N HIS A 20 -15.15 -3.40 -6.60
CA HIS A 20 -15.09 -2.56 -5.41
C HIS A 20 -13.72 -2.64 -4.77
N ASP A 21 -13.26 -3.88 -4.50
CA ASP A 21 -11.94 -4.05 -3.87
C ASP A 21 -10.83 -3.57 -4.77
N VAL A 22 -10.89 -3.91 -6.05
CA VAL A 22 -9.88 -3.42 -6.99
C VAL A 22 -9.78 -1.89 -6.94
N ALA A 23 -10.92 -1.20 -7.22
CA ALA A 23 -10.97 0.27 -7.17
C ALA A 23 -10.51 0.80 -5.81
N GLN A 24 -11.02 0.20 -4.73
CA GLN A 24 -10.62 0.62 -3.38
C GLN A 24 -9.11 0.41 -3.18
N LEU A 25 -8.58 -0.73 -3.64
CA LEU A 25 -7.15 -1.04 -3.50
C LEU A 25 -6.29 0.06 -4.08
N LYS A 26 -6.52 0.40 -5.36
CA LYS A 26 -5.74 1.49 -5.97
C LYS A 26 -5.87 2.76 -5.14
N PHE A 27 -7.11 3.15 -4.79
CA PHE A 27 -7.34 4.33 -3.95
C PHE A 27 -6.52 4.25 -2.66
N LEU A 28 -6.63 3.12 -1.94
CA LEU A 28 -5.86 2.93 -0.71
C LEU A 28 -4.36 3.15 -1.00
N CYS A 29 -3.88 2.55 -2.09
CA CYS A 29 -2.50 2.71 -2.54
C CYS A 29 -2.21 4.18 -2.87
N GLU A 30 -3.00 4.76 -3.78
CA GLU A 30 -2.88 6.17 -4.17
C GLU A 30 -2.81 7.08 -2.93
N SER A 31 -3.68 6.81 -1.95
CA SER A 31 -3.70 7.58 -0.70
C SER A 31 -2.36 7.42 0.04
N LEU A 32 -1.98 6.17 0.36
CA LEU A 32 -0.70 5.90 1.05
C LEU A 32 0.49 6.41 0.24
N TYR A 33 0.44 6.21 -1.07
CA TYR A 33 1.50 6.67 -2.00
C TYR A 33 1.99 8.07 -1.63
N ASP A 34 1.02 8.98 -1.43
CA ASP A 34 1.35 10.38 -1.10
C ASP A 34 1.87 10.49 0.32
N GLU A 35 1.11 9.94 1.27
CA GLU A 35 1.53 9.96 2.69
C GLU A 35 2.95 9.40 2.84
N GLY A 36 3.23 8.31 2.12
CA GLY A 36 4.52 7.69 2.16
C GLY A 36 5.59 8.57 1.60
N ILE A 37 5.49 8.95 0.32
CA ILE A 37 6.48 9.84 -0.30
C ILE A 37 6.70 11.10 0.55
N ALA A 38 5.58 11.73 0.95
CA ALA A 38 5.62 12.93 1.78
C ALA A 38 6.44 12.71 3.05
N THR A 39 6.21 11.58 3.71
CA THR A 39 6.90 11.29 4.96
C THR A 39 8.28 10.66 4.74
N LEU A 40 8.38 9.68 3.85
CA LEU A 40 9.65 9.00 3.60
C LEU A 40 10.67 9.93 2.95
N GLY A 41 10.20 10.98 2.26
CA GLY A 41 11.10 11.91 1.62
C GLY A 41 11.62 12.99 2.57
N ASP A 42 11.17 12.97 3.85
CA ASP A 42 11.59 13.96 4.84
C ASP A 42 11.96 13.28 6.16
N SER A 43 12.24 14.10 7.16
CA SER A 43 12.52 13.63 8.51
C SER A 43 11.91 14.60 9.52
N HIS A 44 10.84 14.18 10.20
CA HIS A 44 10.08 15.04 11.13
C HIS A 44 10.98 15.87 12.04
N HIS A 45 11.94 15.24 12.69
CA HIS A 45 12.86 15.96 13.59
C HIS A 45 14.03 16.63 12.85
N GLY A 46 14.01 16.63 11.51
CA GLY A 46 15.09 17.22 10.72
C GLY A 46 16.28 16.30 10.51
N TRP A 47 16.47 15.34 11.41
CA TRP A 47 17.53 14.36 11.29
C TRP A 47 16.91 12.99 11.09
N VAL A 48 16.20 12.51 12.09
CA VAL A 48 15.46 11.25 11.99
C VAL A 48 13.97 11.52 11.85
N ASN A 49 13.22 10.48 11.50
CA ASN A 49 11.75 10.57 11.42
C ASN A 49 11.16 10.01 12.69
N ASP A 50 9.95 10.45 13.04
CA ASP A 50 9.29 9.96 14.23
C ASP A 50 8.39 8.80 13.89
N PRO A 51 8.71 7.58 14.34
CA PRO A 51 7.85 6.41 14.10
C PRO A 51 6.40 6.70 14.50
N THR A 52 6.21 7.61 15.46
CA THR A 52 4.90 8.00 15.91
C THR A 52 4.50 9.42 15.46
N SER A 53 5.08 9.87 14.34
CA SER A 53 4.73 11.14 13.75
C SER A 53 3.29 11.06 13.22
N ALA A 54 2.59 12.19 13.13
CA ALA A 54 1.21 12.19 12.65
C ALA A 54 1.06 11.50 11.29
N VAL A 55 2.09 11.54 10.45
CA VAL A 55 2.07 10.86 9.19
C VAL A 55 2.47 9.42 9.40
N ASN A 56 3.59 9.20 10.11
CA ASN A 56 4.05 7.85 10.40
C ASN A 56 2.92 7.05 11.03
N LEU A 57 2.17 7.70 11.92
CA LEU A 57 1.00 7.11 12.56
C LEU A 57 -0.09 6.86 11.54
N GLN A 58 -0.41 7.91 10.74
CA GLN A 58 -1.38 7.79 9.68
C GLN A 58 -1.09 6.63 8.77
N LEU A 59 0.16 6.57 8.29
CA LEU A 59 0.62 5.48 7.43
C LEU A 59 0.54 4.17 8.17
N ASN A 60 0.98 4.16 9.42
CA ASN A 60 0.90 2.95 10.28
C ASN A 60 -0.55 2.46 10.30
N ASP A 61 -1.46 3.41 10.53
CA ASP A 61 -2.90 3.15 10.49
C ASP A 61 -3.29 2.64 9.11
N LEU A 62 -2.92 3.41 8.08
CA LEU A 62 -3.12 3.06 6.68
C LEU A 62 -2.72 1.61 6.43
N ILE A 63 -1.45 1.31 6.70
CA ILE A 63 -0.85 -0.02 6.51
C ILE A 63 -1.81 -1.14 6.95
N GLU A 64 -2.30 -1.08 8.19
CA GLU A 64 -3.24 -2.10 8.70
C GLU A 64 -4.58 -1.96 8.04
N HIS A 65 -5.08 -0.74 7.98
CA HIS A 65 -6.35 -0.44 7.33
C HIS A 65 -6.38 -1.06 5.92
N ILE A 66 -5.29 -0.86 5.17
CA ILE A 66 -5.15 -1.45 3.86
C ILE A 66 -4.96 -2.97 4.01
N ALA A 67 -4.09 -3.40 4.95
CA ALA A 67 -3.85 -4.83 5.20
C ALA A 67 -5.16 -5.59 5.39
N SER A 68 -5.95 -5.12 6.34
CA SER A 68 -7.26 -5.71 6.64
C SER A 68 -8.18 -5.65 5.42
N PHE A 69 -8.14 -4.54 4.67
CA PHE A 69 -8.94 -4.41 3.45
C PHE A 69 -8.47 -5.44 2.41
N VAL A 70 -7.15 -5.46 2.16
CA VAL A 70 -6.53 -6.39 1.21
C VAL A 70 -6.98 -7.80 1.52
N MET A 71 -7.05 -8.16 2.82
CA MET A 71 -7.54 -9.48 3.22
C MET A 71 -8.82 -9.82 2.46
N SER A 72 -9.81 -8.92 2.54
CA SER A 72 -11.06 -9.10 1.85
C SER A 72 -10.86 -9.09 0.33
N PHE A 73 -10.01 -8.17 -0.17
CA PHE A 73 -9.67 -8.12 -1.60
C PHE A 73 -9.24 -9.52 -2.09
N LYS A 74 -8.21 -10.09 -1.44
CA LYS A 74 -7.71 -11.45 -1.77
C LYS A 74 -8.65 -12.58 -1.34
N ILE A 75 -9.60 -12.30 -0.43
CA ILE A 75 -10.58 -13.31 -0.01
C ILE A 75 -11.43 -13.70 -1.21
N LYS A 76 -11.83 -12.69 -1.98
CA LYS A 76 -12.63 -12.87 -3.14
C LYS A 76 -11.86 -13.60 -4.24
N TYR A 77 -10.65 -13.11 -4.56
CA TYR A 77 -9.85 -13.74 -5.61
C TYR A 77 -8.50 -14.23 -5.06
N PRO A 78 -8.42 -15.49 -4.61
CA PRO A 78 -7.11 -16.07 -4.19
C PRO A 78 -6.04 -15.88 -5.30
N ASP A 79 -6.51 -15.83 -6.56
CA ASP A 79 -5.64 -15.65 -7.73
C ASP A 79 -5.12 -14.23 -7.88
N ASP A 80 -5.70 -13.29 -7.15
CA ASP A 80 -5.26 -11.92 -7.18
C ASP A 80 -4.03 -11.69 -6.32
N GLY A 81 -3.58 -12.76 -5.63
CA GLY A 81 -2.44 -12.73 -4.75
C GLY A 81 -1.28 -11.88 -5.22
N ASP A 82 -1.02 -11.83 -6.55
CA ASP A 82 0.07 -11.00 -7.10
C ASP A 82 -0.11 -9.53 -6.67
N LEU A 83 -1.30 -9.01 -6.93
CA LEU A 83 -1.67 -7.65 -6.56
C LEU A 83 -1.69 -7.48 -5.06
N SER A 84 -2.40 -8.39 -4.37
CA SER A 84 -2.50 -8.33 -2.92
C SER A 84 -1.10 -8.35 -2.31
N GLU A 85 -0.30 -9.33 -2.73
CA GLU A 85 1.07 -9.46 -2.37
C GLU A 85 1.83 -8.15 -2.56
N LEU A 86 1.62 -7.49 -3.69
CA LEU A 86 2.26 -6.19 -3.95
C LEU A 86 1.84 -5.20 -2.87
N VAL A 87 0.54 -5.14 -2.61
CA VAL A 87 0.03 -4.28 -1.55
C VAL A 87 0.68 -4.69 -0.20
N GLU A 88 0.70 -6.01 0.08
CA GLU A 88 1.36 -6.53 1.30
C GLU A 88 2.81 -6.05 1.36
N GLU A 89 3.56 -6.22 0.24
CA GLU A 89 4.93 -5.68 0.12
C GLU A 89 4.89 -4.22 0.55
N TYR A 90 4.00 -3.46 -0.10
CA TYR A 90 3.81 -2.04 0.18
C TYR A 90 3.61 -1.79 1.66
N LEU A 91 2.59 -2.41 2.25
CA LEU A 91 2.31 -2.24 3.69
C LEU A 91 3.54 -2.52 4.52
N ASP A 92 4.16 -3.66 4.27
CA ASP A 92 5.40 -4.06 4.97
C ASP A 92 6.47 -3.03 4.79
N ASP A 93 6.79 -2.74 3.53
CA ASP A 93 7.81 -1.74 3.18
C ASP A 93 7.55 -0.45 3.93
N THR A 94 6.32 0.06 3.80
CA THR A 94 5.88 1.26 4.51
C THR A 94 6.14 1.11 6.03
N TYR A 95 5.67 -0.01 6.59
CA TYR A 95 5.83 -0.30 8.00
C TYR A 95 7.30 -0.32 8.41
N THR A 96 8.10 -1.16 7.73
CA THR A 96 9.53 -1.29 8.05
C THR A 96 10.24 0.09 8.01
N LEU A 97 9.93 0.89 7.00
CA LEU A 97 10.52 2.22 6.88
C LEU A 97 10.10 3.09 8.04
N PHE A 98 8.81 3.42 8.10
CA PHE A 98 8.26 4.31 9.15
C PHE A 98 8.52 3.80 10.56
N SER A 99 8.77 2.51 10.70
CA SER A 99 9.11 1.94 12.00
C SER A 99 10.55 2.30 12.39
N SER A 100 11.39 2.61 11.39
CA SER A 100 12.78 2.98 11.63
C SER A 100 12.90 4.50 11.75
N TYR A 101 13.63 4.98 12.78
CA TYR A 101 13.84 6.42 13.00
C TYR A 101 14.38 7.08 11.75
N GLY A 102 15.47 6.56 11.22
CA GLY A 102 16.03 7.10 10.01
C GLY A 102 15.62 6.27 8.83
N ILE A 103 15.08 6.92 7.81
CA ILE A 103 14.62 6.19 6.64
C ILE A 103 15.78 5.51 5.95
N ASN A 104 15.62 4.22 5.69
CA ASN A 104 16.65 3.40 5.07
C ASN A 104 16.48 3.41 3.58
N ASP A 105 17.47 3.95 2.86
CA ASP A 105 17.41 4.08 1.38
C ASP A 105 17.04 2.78 0.69
N PRO A 106 17.86 1.69 0.82
CA PRO A 106 17.56 0.39 0.17
C PRO A 106 16.12 -0.06 0.42
N GLU A 107 15.72 -0.01 1.70
CA GLU A 107 14.38 -0.34 2.12
C GLU A 107 13.37 0.59 1.45
N LEU A 108 13.64 1.89 1.51
CA LEU A 108 12.78 2.88 0.88
C LEU A 108 12.69 2.62 -0.62
N GLN A 109 13.84 2.34 -1.26
CA GLN A 109 13.86 2.07 -2.68
C GLN A 109 12.93 0.91 -3.01
N ARG A 110 12.94 -0.14 -2.15
CA ARG A 110 11.99 -1.23 -2.31
C ARG A 110 10.59 -0.66 -2.36
N TRP A 111 10.24 0.16 -1.35
CA TRP A 111 8.93 0.81 -1.29
C TRP A 111 8.64 1.51 -2.59
N GLN A 112 9.62 2.29 -3.06
CA GLN A 112 9.53 3.01 -4.33
C GLN A 112 9.21 2.04 -5.48
N LYS A 113 9.98 0.94 -5.58
CA LYS A 113 9.71 -0.09 -6.58
C LYS A 113 8.35 -0.73 -6.33
N THR A 114 8.08 -1.10 -5.08
CA THR A 114 6.81 -1.68 -4.69
C THR A 114 5.64 -0.81 -5.17
N LYS A 115 5.70 0.53 -4.90
CA LYS A 115 4.64 1.42 -5.43
C LYS A 115 4.57 1.27 -6.95
N GLU A 116 5.74 1.30 -7.62
CA GLU A 116 5.80 1.11 -9.07
C GLU A 116 5.08 -0.17 -9.46
N ARG A 117 5.56 -1.30 -8.91
CA ARG A 117 4.95 -2.61 -9.18
C ARG A 117 3.44 -2.55 -9.03
N LEU A 118 2.96 -1.93 -7.93
CA LEU A 118 1.53 -1.79 -7.66
C LEU A 118 0.80 -1.21 -8.88
N PHE A 119 1.36 -0.13 -9.41
CA PHE A 119 0.78 0.54 -10.55
C PHE A 119 0.97 -0.23 -11.81
N ARG A 120 2.02 -1.05 -11.87
CA ARG A 120 2.19 -1.93 -13.01
C ARG A 120 0.95 -2.80 -13.14
N LEU A 121 0.47 -3.34 -12.00
CA LEU A 121 -0.75 -4.07 -11.96
C LEU A 121 -1.92 -3.15 -12.30
N PHE A 122 -2.02 -2.03 -11.54
CA PHE A 122 -3.09 -1.02 -11.71
C PHE A 122 -3.16 -0.43 -13.13
N SER A 123 -2.13 -0.64 -13.95
CA SER A 123 -2.13 -0.12 -15.31
C SER A 123 -3.10 -0.92 -16.20
N GLY A 124 -3.36 -2.18 -15.83
CA GLY A 124 -4.33 -2.97 -16.55
C GLY A 124 -3.83 -4.31 -17.01
N GLU A 125 -3.16 -5.04 -16.12
CA GLU A 125 -2.74 -6.40 -16.45
C GLU A 125 -3.84 -7.36 -16.03
N TYR A 126 -3.94 -7.61 -14.72
CA TYR A 126 -5.00 -8.46 -14.17
C TYR A 126 -6.24 -7.62 -13.85
N ILE A 127 -6.02 -6.37 -13.39
CA ILE A 127 -7.09 -5.46 -12.97
C ILE A 127 -8.28 -5.48 -13.94
N SER A 128 -8.03 -5.14 -15.20
CA SER A 128 -9.08 -5.08 -16.25
C SER A 128 -10.01 -6.32 -16.23
N THR A 129 -9.45 -7.46 -15.88
CA THR A 129 -10.22 -8.68 -15.77
C THR A 129 -10.73 -8.87 -14.33
N LEU A 130 -9.84 -8.58 -13.35
CA LEU A 130 -10.18 -8.63 -11.92
C LEU A 130 -11.49 -7.91 -11.61
N MET A 131 -11.65 -6.71 -12.20
CA MET A 131 -12.87 -5.89 -11.96
C MET A 131 -14.00 -6.17 -12.99
N LYS A 132 -13.81 -7.17 -13.86
CA LYS A 132 -14.82 -7.53 -14.86
C LYS A 132 -15.67 -8.71 -14.37
N THR A 133 -16.55 -9.22 -15.24
CA THR A 133 -17.39 -10.36 -14.92
C THR A 133 -16.55 -11.60 -14.58
N MET A 12 -22.33 -9.65 -11.26
CA MET A 12 -22.67 -10.15 -9.89
C MET A 12 -22.08 -9.23 -8.83
N ASP A 13 -22.88 -8.33 -8.26
CA ASP A 13 -22.41 -7.41 -7.21
C ASP A 13 -23.46 -7.25 -6.11
N GLU A 14 -23.67 -8.28 -5.32
CA GLU A 14 -24.64 -8.22 -4.23
C GLU A 14 -24.08 -7.43 -3.04
N TYR A 15 -22.96 -7.89 -2.52
CA TYR A 15 -22.33 -7.29 -1.35
C TYR A 15 -20.96 -6.70 -1.70
N SER A 16 -20.13 -7.49 -2.37
CA SER A 16 -18.76 -7.10 -2.67
C SER A 16 -18.61 -6.59 -4.12
N PRO A 17 -18.89 -5.26 -4.38
CA PRO A 17 -18.74 -4.67 -5.70
C PRO A 17 -17.28 -4.74 -6.16
N LYS A 18 -17.03 -5.43 -7.25
CA LYS A 18 -15.66 -5.64 -7.73
C LYS A 18 -14.93 -4.33 -8.05
N ARG A 19 -15.59 -3.42 -8.80
CA ARG A 19 -14.96 -2.11 -9.10
C ARG A 19 -14.53 -1.38 -7.83
N HIS A 20 -15.39 -1.45 -6.78
CA HIS A 20 -15.10 -0.85 -5.49
C HIS A 20 -13.81 -1.42 -4.92
N ASP A 21 -13.73 -2.76 -4.86
CA ASP A 21 -12.53 -3.46 -4.35
C ASP A 21 -11.28 -2.91 -5.00
N VAL A 22 -11.30 -2.82 -6.34
CA VAL A 22 -10.17 -2.27 -7.08
C VAL A 22 -9.96 -0.79 -6.74
N ALA A 23 -11.04 0.02 -6.86
CA ALA A 23 -10.99 1.45 -6.51
C ALA A 23 -10.41 1.62 -5.12
N GLN A 24 -10.86 0.77 -4.21
CA GLN A 24 -10.40 0.72 -2.85
C GLN A 24 -8.90 0.42 -2.82
N LEU A 25 -8.50 -0.69 -3.45
CA LEU A 25 -7.08 -1.09 -3.56
C LEU A 25 -6.24 0.05 -4.13
N LYS A 26 -6.70 0.64 -5.23
CA LYS A 26 -5.98 1.71 -5.88
C LYS A 26 -5.82 2.90 -4.96
N PHE A 27 -6.95 3.49 -4.51
CA PHE A 27 -6.90 4.68 -3.66
C PHE A 27 -6.00 4.51 -2.45
N LEU A 28 -6.09 3.39 -1.74
CA LEU A 28 -5.23 3.18 -0.58
C LEU A 28 -3.75 3.19 -0.99
N CYS A 29 -3.42 2.48 -2.08
CA CYS A 29 -2.05 2.47 -2.60
C CYS A 29 -1.65 3.85 -3.10
N GLU A 30 -2.47 4.42 -4.00
CA GLU A 30 -2.25 5.75 -4.56
C GLU A 30 -2.11 6.81 -3.48
N SER A 31 -3.01 6.79 -2.49
CA SER A 31 -2.93 7.74 -1.38
C SER A 31 -1.63 7.54 -0.62
N LEU A 32 -1.38 6.29 -0.15
CA LEU A 32 -0.11 5.97 0.53
C LEU A 32 1.08 6.45 -0.32
N TYR A 33 0.97 6.30 -1.65
CA TYR A 33 1.99 6.79 -2.58
C TYR A 33 2.32 8.25 -2.27
N ASP A 34 1.28 9.04 -1.96
CA ASP A 34 1.46 10.44 -1.62
C ASP A 34 1.86 10.59 -0.15
N GLU A 35 1.00 10.07 0.76
CA GLU A 35 1.27 10.17 2.22
C GLU A 35 2.69 9.71 2.55
N GLY A 36 3.08 8.55 2.01
CA GLY A 36 4.41 8.04 2.22
C GLY A 36 5.47 9.01 1.78
N ILE A 37 5.41 9.41 0.51
CA ILE A 37 6.35 10.41 0.00
C ILE A 37 6.30 11.70 0.83
N ALA A 38 5.09 12.14 1.20
CA ALA A 38 4.94 13.32 2.06
C ALA A 38 5.70 13.09 3.36
N THR A 39 5.48 11.93 3.97
CA THR A 39 6.17 11.53 5.19
C THR A 39 7.71 11.48 4.96
N LEU A 40 8.13 10.83 3.85
CA LEU A 40 9.55 10.67 3.53
C LEU A 40 10.20 12.00 3.13
N GLY A 41 9.42 12.94 2.61
CA GLY A 41 9.98 14.21 2.15
C GLY A 41 10.13 15.25 3.22
N ASP A 42 9.22 15.25 4.17
CA ASP A 42 9.25 16.25 5.23
C ASP A 42 10.21 15.87 6.36
N SER A 43 10.16 14.60 6.82
CA SER A 43 10.98 14.17 7.97
C SER A 43 10.74 15.15 9.13
N HIS A 44 9.49 15.18 9.60
CA HIS A 44 8.99 16.16 10.59
C HIS A 44 9.94 16.42 11.76
N HIS A 45 10.68 15.41 12.21
CA HIS A 45 11.62 15.59 13.33
C HIS A 45 12.86 16.42 12.93
N GLY A 46 13.07 16.66 11.63
CA GLY A 46 14.24 17.43 11.17
C GLY A 46 15.42 16.55 10.79
N TRP A 47 15.47 15.34 11.34
CA TRP A 47 16.50 14.36 11.00
C TRP A 47 15.84 13.28 10.17
N VAL A 48 14.88 12.60 10.79
CA VAL A 48 14.10 11.55 10.16
C VAL A 48 12.62 11.74 10.51
N ASN A 49 11.72 11.00 9.86
CA ASN A 49 10.31 11.14 10.20
C ASN A 49 9.95 10.20 11.33
N ASP A 50 9.73 10.78 12.51
CA ASP A 50 9.43 10.01 13.73
C ASP A 50 8.21 9.12 13.58
N PRO A 51 8.28 7.85 14.09
CA PRO A 51 7.15 6.90 14.08
C PRO A 51 5.86 7.46 14.72
N THR A 52 6.01 8.44 15.61
CA THR A 52 4.86 9.02 16.30
C THR A 52 4.20 10.15 15.48
N SER A 53 4.95 10.76 14.56
CA SER A 53 4.45 11.86 13.76
C SER A 53 3.13 11.48 13.04
N ALA A 54 2.26 12.47 12.83
CA ALA A 54 0.95 12.25 12.19
C ALA A 54 1.05 11.43 10.92
N VAL A 55 1.97 11.79 10.04
CA VAL A 55 2.18 11.11 8.81
C VAL A 55 2.47 9.64 9.08
N ASN A 56 3.51 9.40 9.90
CA ASN A 56 3.90 8.04 10.28
C ASN A 56 2.70 7.29 10.85
N LEU A 57 1.99 7.92 11.80
CA LEU A 57 0.78 7.32 12.37
C LEU A 57 -0.20 6.98 11.26
N GLN A 58 -0.54 7.96 10.43
CA GLN A 58 -1.39 7.72 9.30
C GLN A 58 -0.91 6.56 8.45
N LEU A 59 0.39 6.52 8.16
CA LEU A 59 1.00 5.45 7.35
C LEU A 59 0.92 4.10 8.05
N ASN A 60 1.35 4.05 9.32
CA ASN A 60 1.30 2.81 10.10
C ASN A 60 -0.14 2.31 10.22
N ASP A 61 -1.10 3.26 10.23
CA ASP A 61 -2.51 2.94 10.16
C ASP A 61 -2.82 2.43 8.77
N LEU A 62 -2.47 3.27 7.78
CA LEU A 62 -2.62 3.00 6.35
C LEU A 62 -2.22 1.57 6.05
N ILE A 63 -0.99 1.25 6.40
CA ILE A 63 -0.43 -0.10 6.22
C ILE A 63 -1.42 -1.15 6.73
N GLU A 64 -1.78 -1.07 8.01
CA GLU A 64 -2.76 -1.99 8.61
C GLU A 64 -4.10 -1.92 7.86
N HIS A 65 -4.62 -0.72 7.70
CA HIS A 65 -5.88 -0.47 7.01
C HIS A 65 -5.89 -1.14 5.61
N ILE A 66 -4.74 -1.09 4.94
CA ILE A 66 -4.55 -1.79 3.68
C ILE A 66 -4.41 -3.30 3.96
N ALA A 67 -3.56 -3.65 4.94
CA ALA A 67 -3.31 -5.05 5.34
C ALA A 67 -4.62 -5.78 5.57
N SER A 68 -5.45 -5.25 6.46
CA SER A 68 -6.76 -5.82 6.77
C SER A 68 -7.60 -5.97 5.49
N PHE A 69 -7.59 -4.93 4.65
CA PHE A 69 -8.31 -4.98 3.38
C PHE A 69 -7.74 -6.09 2.53
N VAL A 70 -6.42 -6.10 2.36
CA VAL A 70 -5.73 -7.13 1.58
C VAL A 70 -6.06 -8.53 2.09
N MET A 71 -5.84 -8.78 3.39
CA MET A 71 -6.13 -10.11 3.98
C MET A 71 -7.52 -10.59 3.54
N SER A 72 -8.52 -9.75 3.78
CA SER A 72 -9.88 -10.01 3.39
C SER A 72 -10.00 -10.06 1.85
N PHE A 73 -9.32 -9.12 1.18
CA PHE A 73 -9.28 -9.07 -0.27
C PHE A 73 -8.90 -10.42 -0.85
N LYS A 74 -7.81 -11.01 -0.34
CA LYS A 74 -7.35 -12.35 -0.79
C LYS A 74 -8.44 -13.42 -0.64
N ILE A 75 -9.42 -13.19 0.25
CA ILE A 75 -10.54 -14.10 0.45
C ILE A 75 -11.55 -13.94 -0.69
N LYS A 76 -11.93 -12.70 -0.99
CA LYS A 76 -12.90 -12.43 -2.07
C LYS A 76 -12.26 -12.45 -3.44
N TYR A 77 -11.02 -12.00 -3.52
CA TYR A 77 -10.28 -11.90 -4.76
C TYR A 77 -8.90 -12.56 -4.64
N PRO A 78 -8.79 -13.86 -4.96
CA PRO A 78 -7.51 -14.61 -4.86
C PRO A 78 -6.72 -14.64 -6.19
N ASP A 79 -7.40 -14.27 -7.30
CA ASP A 79 -6.82 -14.34 -8.66
C ASP A 79 -5.70 -13.33 -8.89
N ASP A 80 -5.70 -12.28 -8.11
CA ASP A 80 -4.73 -11.22 -8.18
C ASP A 80 -3.64 -11.41 -7.14
N GLY A 81 -3.50 -12.62 -6.62
CA GLY A 81 -2.50 -12.92 -5.59
C GLY A 81 -1.18 -12.20 -5.77
N ASP A 82 -0.70 -12.06 -7.02
CA ASP A 82 0.55 -11.31 -7.30
C ASP A 82 0.42 -9.87 -6.81
N LEU A 83 -0.74 -9.26 -7.08
CA LEU A 83 -1.04 -7.91 -6.63
C LEU A 83 -1.12 -7.89 -5.13
N SER A 84 -1.94 -8.78 -4.58
CA SER A 84 -2.09 -8.88 -3.14
C SER A 84 -0.70 -9.03 -2.49
N GLU A 85 0.07 -9.97 -3.03
CA GLU A 85 1.45 -10.19 -2.69
C GLU A 85 2.26 -8.88 -2.80
N LEU A 86 2.15 -8.20 -3.94
CA LEU A 86 2.83 -6.91 -4.16
C LEU A 86 2.42 -5.94 -3.07
N VAL A 87 1.11 -5.84 -2.83
CA VAL A 87 0.58 -5.00 -1.77
C VAL A 87 1.23 -5.40 -0.43
N GLU A 88 1.26 -6.72 -0.14
CA GLU A 88 1.93 -7.21 1.08
C GLU A 88 3.38 -6.71 1.13
N GLU A 89 4.10 -6.85 0.00
CA GLU A 89 5.47 -6.35 -0.14
C GLU A 89 5.49 -4.83 0.12
N TYR A 90 4.63 -4.10 -0.59
CA TYR A 90 4.44 -2.64 -0.43
C TYR A 90 4.20 -2.30 1.04
N LEU A 91 3.24 -2.99 1.65
CA LEU A 91 2.88 -2.79 3.06
C LEU A 91 4.09 -3.02 3.94
N ASP A 92 4.67 -4.19 3.79
CA ASP A 92 5.87 -4.59 4.54
C ASP A 92 6.96 -3.54 4.40
N ASP A 93 7.25 -3.16 3.15
CA ASP A 93 8.26 -2.11 2.87
C ASP A 93 7.91 -0.85 3.65
N THR A 94 6.69 -0.34 3.42
CA THR A 94 6.18 0.85 4.11
C THR A 94 6.35 0.68 5.64
N TYR A 95 5.84 -0.46 6.14
CA TYR A 95 5.92 -0.80 7.55
C TYR A 95 7.36 -0.70 8.05
N THR A 96 8.26 -1.44 7.43
CA THR A 96 9.68 -1.41 7.81
C THR A 96 10.23 0.03 7.78
N LEU A 97 9.88 0.78 6.73
CA LEU A 97 10.34 2.15 6.54
C LEU A 97 9.96 3.09 7.66
N PHE A 98 8.67 3.34 7.76
CA PHE A 98 8.14 4.35 8.65
C PHE A 98 8.12 3.92 10.09
N SER A 99 8.05 2.63 10.35
CA SER A 99 8.07 2.15 11.71
C SER A 99 9.45 2.29 12.35
N SER A 100 10.50 2.38 11.53
CA SER A 100 11.83 2.64 12.03
C SER A 100 11.94 4.13 12.37
N TYR A 101 12.63 4.45 13.47
CA TYR A 101 12.81 5.86 13.92
C TYR A 101 13.13 6.80 12.75
N GLY A 102 13.88 6.28 11.76
CA GLY A 102 14.16 7.01 10.55
C GLY A 102 14.04 6.10 9.35
N ILE A 103 13.54 6.63 8.24
CA ILE A 103 13.31 5.83 7.04
C ILE A 103 14.57 5.12 6.56
N ASN A 104 14.47 3.82 6.39
CA ASN A 104 15.58 3.01 5.89
C ASN A 104 15.62 3.09 4.38
N ASP A 105 16.67 3.69 3.85
CA ASP A 105 16.81 3.91 2.39
C ASP A 105 16.76 2.62 1.58
N PRO A 106 17.57 1.57 1.95
CA PRO A 106 17.61 0.30 1.19
C PRO A 106 16.19 -0.27 1.00
N GLU A 107 15.48 -0.45 2.12
CA GLU A 107 14.11 -0.90 2.10
C GLU A 107 13.24 0.12 1.35
N LEU A 108 13.46 1.42 1.64
CA LEU A 108 12.72 2.51 0.99
C LEU A 108 12.84 2.42 -0.54
N GLN A 109 14.06 2.23 -1.06
CA GLN A 109 14.25 2.11 -2.50
C GLN A 109 13.48 0.93 -3.04
N ARG A 110 13.52 -0.20 -2.32
CA ARG A 110 12.70 -1.36 -2.67
C ARG A 110 11.23 -0.95 -2.65
N TRP A 111 10.83 -0.26 -1.58
CA TRP A 111 9.47 0.29 -1.43
C TRP A 111 9.10 1.10 -2.66
N GLN A 112 10.00 2.00 -3.07
CA GLN A 112 9.80 2.83 -4.24
C GLN A 112 9.52 1.99 -5.49
N LYS A 113 10.21 0.85 -5.61
CA LYS A 113 9.97 -0.08 -6.70
C LYS A 113 8.65 -0.83 -6.46
N THR A 114 8.51 -1.41 -5.27
CA THR A 114 7.32 -2.16 -4.90
C THR A 114 6.05 -1.33 -5.09
N LYS A 115 6.05 -0.08 -4.60
CA LYS A 115 4.89 0.79 -4.74
C LYS A 115 4.49 0.91 -6.21
N GLU A 116 5.46 1.25 -7.08
CA GLU A 116 5.17 1.36 -8.51
C GLU A 116 4.85 0.00 -9.11
N ARG A 117 5.57 -1.03 -8.65
CA ARG A 117 5.34 -2.41 -9.07
C ARG A 117 3.85 -2.76 -9.01
N LEU A 118 3.17 -2.37 -7.92
CA LEU A 118 1.71 -2.62 -7.79
C LEU A 118 0.96 -2.08 -9.00
N PHE A 119 1.40 -0.94 -9.48
CA PHE A 119 0.78 -0.28 -10.61
C PHE A 119 1.08 -0.96 -11.92
N ARG A 120 2.15 -1.78 -11.98
CA ARG A 120 2.38 -2.60 -13.18
C ARG A 120 1.14 -3.45 -13.40
N LEU A 121 0.65 -4.01 -12.29
CA LEU A 121 -0.52 -4.80 -12.23
C LEU A 121 -1.77 -3.96 -12.52
N PHE A 122 -1.89 -2.83 -11.82
CA PHE A 122 -3.02 -1.90 -12.01
C PHE A 122 -3.09 -1.37 -13.46
N SER A 123 -1.93 -1.22 -14.11
CA SER A 123 -1.85 -0.66 -15.48
C SER A 123 -2.32 -1.63 -16.61
N GLY A 124 -3.02 -2.72 -16.28
CA GLY A 124 -3.53 -3.59 -17.33
C GLY A 124 -3.22 -5.07 -17.18
N GLU A 125 -2.90 -5.53 -15.97
CA GLU A 125 -2.73 -6.98 -15.75
C GLU A 125 -4.08 -7.56 -15.25
N TYR A 126 -4.01 -8.57 -14.38
CA TYR A 126 -5.18 -9.21 -13.75
C TYR A 126 -6.17 -8.16 -13.19
N ILE A 127 -5.67 -6.97 -12.83
CA ILE A 127 -6.51 -5.88 -12.31
C ILE A 127 -7.65 -5.54 -13.30
N SER A 128 -7.35 -5.56 -14.60
CA SER A 128 -8.36 -5.28 -15.64
C SER A 128 -9.61 -6.17 -15.45
N THR A 129 -9.40 -7.44 -15.09
CA THR A 129 -10.50 -8.35 -14.78
C THR A 129 -11.02 -8.06 -13.37
N LEU A 130 -10.08 -7.78 -12.44
CA LEU A 130 -10.42 -7.38 -11.07
C LEU A 130 -11.50 -6.28 -11.10
N MET A 131 -11.27 -5.28 -11.95
CA MET A 131 -12.23 -4.18 -12.13
C MET A 131 -13.00 -4.31 -13.46
N LYS A 132 -13.30 -5.54 -13.89
CA LYS A 132 -14.05 -5.75 -15.14
C LYS A 132 -15.44 -5.13 -15.05
N THR A 133 -16.15 -5.43 -13.97
CA THR A 133 -17.49 -4.93 -13.76
C THR A 133 -17.46 -3.52 -13.13
N MET A 12 -25.33 -4.28 1.82
CA MET A 12 -26.58 -4.49 1.03
C MET A 12 -26.22 -4.95 -0.38
N ASP A 13 -26.82 -6.07 -0.83
CA ASP A 13 -26.52 -6.66 -2.16
C ASP A 13 -25.13 -7.30 -2.14
N GLU A 14 -24.10 -6.46 -2.05
CA GLU A 14 -22.74 -6.93 -1.88
C GLU A 14 -22.12 -6.21 -0.68
N TYR A 15 -20.93 -6.66 -0.26
CA TYR A 15 -20.24 -6.06 0.86
C TYR A 15 -18.99 -5.31 0.39
N SER A 16 -18.26 -5.92 -0.54
CA SER A 16 -17.09 -5.29 -1.13
C SER A 16 -17.09 -5.50 -2.66
N PRO A 17 -17.90 -4.69 -3.43
CA PRO A 17 -18.01 -4.85 -4.88
C PRO A 17 -16.63 -5.04 -5.52
N LYS A 18 -16.48 -6.14 -6.28
CA LYS A 18 -15.17 -6.51 -6.90
C LYS A 18 -14.38 -5.30 -7.39
N ARG A 19 -14.96 -4.52 -8.31
CA ARG A 19 -14.30 -3.32 -8.82
C ARG A 19 -13.94 -2.38 -7.69
N HIS A 20 -14.88 -2.15 -6.78
CA HIS A 20 -14.64 -1.26 -5.66
C HIS A 20 -13.51 -1.75 -4.79
N ASP A 21 -13.50 -3.04 -4.44
CA ASP A 21 -12.39 -3.63 -3.66
C ASP A 21 -11.08 -3.37 -4.39
N VAL A 22 -11.06 -3.68 -5.70
CA VAL A 22 -9.90 -3.40 -6.56
C VAL A 22 -9.55 -1.89 -6.49
N ALA A 23 -10.50 -1.04 -6.91
CA ALA A 23 -10.31 0.42 -6.92
C ALA A 23 -9.89 0.93 -5.54
N GLN A 24 -10.57 0.46 -4.52
CA GLN A 24 -10.26 0.82 -3.15
C GLN A 24 -8.86 0.39 -2.78
N LEU A 25 -8.50 -0.88 -3.11
CA LEU A 25 -7.14 -1.39 -2.84
C LEU A 25 -6.10 -0.45 -3.42
N LYS A 26 -6.24 -0.14 -4.73
CA LYS A 26 -5.31 0.82 -5.35
C LYS A 26 -5.43 2.19 -4.68
N PHE A 27 -6.67 2.68 -4.46
CA PHE A 27 -6.88 3.98 -3.79
C PHE A 27 -6.10 4.06 -2.47
N LEU A 28 -6.21 3.01 -1.65
CA LEU A 28 -5.46 2.96 -0.38
C LEU A 28 -3.96 3.07 -0.69
N CYS A 29 -3.49 2.29 -1.69
CA CYS A 29 -2.09 2.34 -2.13
C CYS A 29 -1.74 3.73 -2.67
N GLU A 30 -2.55 4.25 -3.60
CA GLU A 30 -2.37 5.60 -4.19
C GLU A 30 -2.16 6.64 -3.09
N SER A 31 -3.03 6.60 -2.09
CA SER A 31 -2.94 7.50 -0.96
C SER A 31 -1.66 7.23 -0.16
N LEU A 32 -1.44 5.96 0.24
CA LEU A 32 -0.21 5.57 0.96
C LEU A 32 1.03 6.00 0.17
N TYR A 33 1.00 5.78 -1.14
CA TYR A 33 2.07 6.19 -2.06
C TYR A 33 2.45 7.65 -1.77
N ASP A 34 1.44 8.50 -1.63
CA ASP A 34 1.66 9.92 -1.35
C ASP A 34 2.04 10.15 0.10
N GLU A 35 1.20 9.66 1.02
CA GLU A 35 1.46 9.80 2.47
C GLU A 35 2.88 9.33 2.80
N GLY A 36 3.28 8.22 2.17
CA GLY A 36 4.60 7.67 2.37
C GLY A 36 5.67 8.60 1.87
N ILE A 37 5.70 8.84 0.54
CA ILE A 37 6.69 9.78 -0.03
C ILE A 37 6.69 11.10 0.75
N ALA A 38 5.50 11.66 0.99
CA ALA A 38 5.34 12.90 1.74
C ALA A 38 6.05 12.81 3.09
N THR A 39 5.85 11.71 3.82
CA THR A 39 6.46 11.53 5.14
C THR A 39 7.92 11.03 5.06
N LEU A 40 8.21 10.19 4.09
CA LEU A 40 9.53 9.56 4.01
C LEU A 40 10.64 10.58 3.75
N GLY A 41 10.32 11.71 3.15
CA GLY A 41 11.32 12.75 2.95
C GLY A 41 11.02 14.01 3.75
N ASP A 42 10.30 13.86 4.88
CA ASP A 42 9.89 14.99 5.68
C ASP A 42 10.21 14.78 7.17
N SER A 43 11.49 14.90 7.53
CA SER A 43 11.89 14.81 8.93
C SER A 43 11.86 16.20 9.51
N HIS A 44 10.84 16.47 10.31
CA HIS A 44 10.69 17.79 10.92
C HIS A 44 11.85 18.16 11.85
N HIS A 45 12.58 17.14 12.35
CA HIS A 45 13.78 17.39 13.16
C HIS A 45 15.06 17.40 12.28
N GLY A 46 14.95 17.00 11.00
CA GLY A 46 16.13 16.95 10.15
C GLY A 46 16.98 15.72 10.41
N TRP A 47 16.42 14.71 11.05
CA TRP A 47 17.16 13.50 11.38
C TRP A 47 16.28 12.27 11.24
N VAL A 48 15.47 11.98 12.26
CA VAL A 48 14.56 10.84 12.23
C VAL A 48 13.13 11.29 11.96
N ASN A 49 12.27 10.32 11.69
CA ASN A 49 10.85 10.59 11.48
C ASN A 49 10.05 9.81 12.52
N ASP A 50 9.46 10.53 13.49
CA ASP A 50 8.71 9.89 14.58
C ASP A 50 7.65 8.92 14.07
N PRO A 51 7.75 7.61 14.44
CA PRO A 51 6.73 6.60 14.07
C PRO A 51 5.31 7.01 14.53
N THR A 52 5.25 7.93 15.48
CA THR A 52 4.00 8.39 16.06
C THR A 52 3.43 9.65 15.35
N SER A 53 4.22 10.27 14.48
CA SER A 53 3.78 11.44 13.76
C SER A 53 2.47 11.15 12.98
N ALA A 54 1.57 12.15 12.90
CA ALA A 54 0.24 11.97 12.25
C ALA A 54 0.31 11.13 10.99
N VAL A 55 1.11 11.58 10.05
CA VAL A 55 1.29 10.92 8.80
C VAL A 55 1.67 9.47 9.03
N ASN A 56 2.69 9.26 9.86
CA ASN A 56 3.15 7.93 10.23
C ASN A 56 1.99 7.10 10.79
N LEU A 57 1.20 7.72 11.70
CA LEU A 57 0.02 7.06 12.28
C LEU A 57 -0.96 6.67 11.18
N GLN A 58 -1.27 7.62 10.31
CA GLN A 58 -2.15 7.38 9.20
C GLN A 58 -1.64 6.26 8.33
N LEU A 59 -0.37 6.34 7.94
CA LEU A 59 0.28 5.26 7.17
C LEU A 59 0.23 3.96 7.94
N ASN A 60 0.48 4.04 9.24
CA ASN A 60 0.40 2.87 10.14
C ASN A 60 -0.97 2.22 9.98
N ASP A 61 -2.02 3.06 10.05
CA ASP A 61 -3.39 2.59 9.81
C ASP A 61 -3.47 2.03 8.42
N LEU A 62 -3.11 2.87 7.44
CA LEU A 62 -3.09 2.52 6.03
C LEU A 62 -2.52 1.13 5.81
N ILE A 63 -1.28 0.95 6.23
CA ILE A 63 -0.57 -0.32 6.06
C ILE A 63 -1.44 -1.52 6.51
N GLU A 64 -1.98 -1.45 7.73
CA GLU A 64 -2.85 -2.51 8.24
C GLU A 64 -4.19 -2.52 7.52
N HIS A 65 -4.76 -1.35 7.36
CA HIS A 65 -6.02 -1.16 6.66
C HIS A 65 -5.95 -1.83 5.29
N ILE A 66 -4.85 -1.57 4.57
CA ILE A 66 -4.59 -2.21 3.30
C ILE A 66 -4.30 -3.70 3.51
N ALA A 67 -3.48 -4.02 4.54
CA ALA A 67 -3.14 -5.43 4.87
C ALA A 67 -4.40 -6.26 5.00
N SER A 68 -5.26 -5.86 5.92
CA SER A 68 -6.53 -6.55 6.13
C SER A 68 -7.37 -6.52 4.85
N PHE A 69 -7.28 -5.40 4.13
CA PHE A 69 -7.96 -5.26 2.85
C PHE A 69 -7.45 -6.34 1.90
N VAL A 70 -6.12 -6.50 1.85
CA VAL A 70 -5.49 -7.55 1.06
C VAL A 70 -6.07 -8.90 1.44
N MET A 71 -6.13 -9.19 2.75
CA MET A 71 -6.75 -10.45 3.21
C MET A 71 -8.16 -10.58 2.60
N SER A 72 -8.97 -9.51 2.74
CA SER A 72 -10.31 -9.46 2.15
C SER A 72 -10.20 -9.67 0.63
N PHE A 73 -9.21 -9.02 0.02
CA PHE A 73 -8.96 -9.15 -1.40
C PHE A 73 -8.70 -10.61 -1.72
N LYS A 74 -7.80 -11.25 -0.96
CA LYS A 74 -7.49 -12.69 -1.11
C LYS A 74 -8.75 -13.57 -0.96
N ILE A 75 -9.77 -13.08 -0.26
CA ILE A 75 -11.02 -13.83 -0.12
C ILE A 75 -11.76 -13.86 -1.47
N LYS A 76 -11.64 -12.78 -2.25
CA LYS A 76 -12.30 -12.71 -3.54
C LYS A 76 -11.35 -13.02 -4.72
N TYR A 77 -10.13 -12.46 -4.67
CA TYR A 77 -9.17 -12.66 -5.76
C TYR A 77 -7.79 -13.13 -5.28
N PRO A 78 -7.74 -14.32 -4.63
CA PRO A 78 -6.47 -14.91 -4.20
C PRO A 78 -5.65 -15.41 -5.39
N ASP A 79 -6.35 -15.80 -6.48
CA ASP A 79 -5.69 -16.34 -7.67
C ASP A 79 -4.77 -15.34 -8.34
N ASP A 80 -4.97 -14.07 -8.03
CA ASP A 80 -4.16 -13.00 -8.52
C ASP A 80 -3.12 -12.62 -7.46
N GLY A 81 -2.59 -13.63 -6.78
CA GLY A 81 -1.65 -13.46 -5.68
C GLY A 81 -0.63 -12.36 -5.87
N ASP A 82 -0.16 -12.15 -7.11
CA ASP A 82 0.84 -11.08 -7.39
C ASP A 82 0.37 -9.75 -6.84
N LEU A 83 -0.89 -9.41 -7.13
CA LEU A 83 -1.48 -8.19 -6.65
C LEU A 83 -1.42 -8.12 -5.12
N SER A 84 -2.02 -9.11 -4.47
CA SER A 84 -1.98 -9.19 -2.99
C SER A 84 -0.54 -9.17 -2.49
N GLU A 85 0.27 -10.05 -3.04
CA GLU A 85 1.67 -10.17 -2.79
C GLU A 85 2.36 -8.80 -2.80
N LEU A 86 2.19 -8.07 -3.89
CA LEU A 86 2.80 -6.75 -4.05
C LEU A 86 2.21 -5.77 -3.06
N VAL A 87 0.87 -5.77 -2.97
CA VAL A 87 0.19 -4.89 -2.01
C VAL A 87 0.80 -5.12 -0.62
N GLU A 88 0.88 -6.39 -0.20
CA GLU A 88 1.49 -6.75 1.09
C GLU A 88 2.96 -6.30 1.15
N GLU A 89 3.72 -6.63 0.10
CA GLU A 89 5.12 -6.18 -0.03
C GLU A 89 5.22 -4.68 0.25
N TYR A 90 4.30 -3.92 -0.37
CA TYR A 90 4.22 -2.49 -0.18
C TYR A 90 4.01 -2.17 1.29
N LEU A 91 3.01 -2.80 1.90
CA LEU A 91 2.74 -2.61 3.35
C LEU A 91 4.00 -2.86 4.15
N ASP A 92 4.65 -4.01 3.89
CA ASP A 92 5.90 -4.38 4.56
C ASP A 92 6.90 -3.27 4.44
N ASP A 93 7.26 -2.95 3.18
CA ASP A 93 8.26 -1.90 2.91
C ASP A 93 7.90 -0.63 3.68
N THR A 94 6.63 -0.20 3.55
CA THR A 94 6.14 0.98 4.29
C THR A 94 6.40 0.80 5.79
N TYR A 95 5.94 -0.33 6.33
CA TYR A 95 6.13 -0.65 7.74
C TYR A 95 7.61 -0.65 8.09
N THR A 96 8.40 -1.39 7.34
CA THR A 96 9.86 -1.46 7.56
C THR A 96 10.47 -0.04 7.52
N LEU A 97 10.07 0.75 6.51
CA LEU A 97 10.53 2.15 6.37
C LEU A 97 10.32 2.91 7.65
N PHE A 98 9.04 3.14 7.99
CA PHE A 98 8.67 3.90 9.18
C PHE A 98 9.12 3.23 10.47
N SER A 99 9.44 1.94 10.40
CA SER A 99 9.99 1.24 11.54
C SER A 99 11.45 1.69 11.79
N SER A 100 12.10 2.20 10.73
CA SER A 100 13.42 2.76 10.86
C SER A 100 13.27 4.23 11.22
N TYR A 101 13.66 4.61 12.45
CA TYR A 101 13.52 5.99 12.94
C TYR A 101 13.93 7.00 11.89
N GLY A 102 15.01 6.71 11.17
CA GLY A 102 15.42 7.57 10.08
C GLY A 102 15.20 6.87 8.76
N ILE A 103 14.52 7.54 7.85
CA ILE A 103 14.24 6.96 6.54
C ILE A 103 15.54 6.81 5.75
N ASN A 104 15.75 5.61 5.21
CA ASN A 104 17.00 5.32 4.48
C ASN A 104 16.75 4.62 3.16
N ASP A 105 17.71 4.77 2.24
CA ASP A 105 17.69 4.16 0.90
C ASP A 105 17.21 2.70 0.86
N PRO A 106 17.85 1.76 1.63
CA PRO A 106 17.54 0.32 1.59
C PRO A 106 16.04 0.03 1.53
N GLU A 107 15.34 0.47 2.55
CA GLU A 107 13.90 0.27 2.64
C GLU A 107 13.18 1.14 1.63
N LEU A 108 13.51 2.43 1.61
CA LEU A 108 12.84 3.39 0.73
C LEU A 108 12.91 2.98 -0.72
N GLN A 109 14.10 2.65 -1.20
CA GLN A 109 14.27 2.28 -2.59
C GLN A 109 13.37 1.12 -2.96
N ARG A 110 13.33 0.10 -2.08
CA ARG A 110 12.43 -1.00 -2.27
C ARG A 110 11.01 -0.48 -2.41
N TRP A 111 10.59 0.32 -1.41
CA TRP A 111 9.27 0.97 -1.44
C TRP A 111 9.06 1.64 -2.79
N GLN A 112 10.04 2.49 -3.18
CA GLN A 112 10.02 3.18 -4.47
C GLN A 112 9.65 2.23 -5.60
N LYS A 113 10.34 1.09 -5.67
CA LYS A 113 10.08 0.09 -6.71
C LYS A 113 8.73 -0.61 -6.47
N THR A 114 8.52 -1.09 -5.25
CA THR A 114 7.31 -1.81 -4.86
C THR A 114 6.05 -1.07 -5.30
N LYS A 115 5.96 0.25 -5.03
CA LYS A 115 4.79 1.03 -5.48
C LYS A 115 4.67 0.91 -6.99
N GLU A 116 5.75 1.28 -7.69
CA GLU A 116 5.79 1.21 -9.15
C GLU A 116 5.23 -0.11 -9.65
N ARG A 117 5.86 -1.20 -9.24
CA ARG A 117 5.41 -2.57 -9.59
C ARG A 117 3.92 -2.72 -9.28
N LEU A 118 3.54 -2.41 -8.04
CA LEU A 118 2.17 -2.52 -7.57
C LEU A 118 1.19 -1.79 -8.49
N PHE A 119 1.57 -0.59 -8.87
CA PHE A 119 0.73 0.24 -9.70
C PHE A 119 0.65 -0.29 -11.11
N ARG A 120 1.63 -1.11 -11.51
CA ARG A 120 1.53 -1.81 -12.78
C ARG A 120 0.42 -2.81 -12.68
N LEU A 121 0.43 -3.64 -11.62
CA LEU A 121 -0.62 -4.56 -11.38
C LEU A 121 -1.97 -3.87 -11.36
N PHE A 122 -2.04 -2.73 -10.67
CA PHE A 122 -3.28 -1.93 -10.61
C PHE A 122 -3.56 -1.15 -11.91
N SER A 123 -2.63 -1.18 -12.86
CA SER A 123 -2.81 -0.49 -14.16
C SER A 123 -3.80 -1.24 -15.07
N GLY A 124 -4.21 -2.44 -14.66
CA GLY A 124 -5.10 -3.22 -15.49
C GLY A 124 -4.61 -4.63 -15.70
N GLU A 125 -3.27 -4.89 -15.49
CA GLU A 125 -2.68 -6.24 -15.68
C GLU A 125 -3.69 -7.31 -15.27
N TYR A 126 -3.93 -7.38 -13.96
CA TYR A 126 -4.93 -8.28 -13.38
C TYR A 126 -6.28 -7.59 -13.30
N ILE A 127 -6.27 -6.29 -12.95
CA ILE A 127 -7.49 -5.50 -12.76
C ILE A 127 -8.56 -5.79 -13.83
N SER A 128 -8.22 -5.63 -15.10
CA SER A 128 -9.18 -5.84 -16.19
C SER A 128 -9.72 -7.29 -16.26
N THR A 129 -8.95 -8.25 -15.76
CA THR A 129 -9.42 -9.63 -15.68
C THR A 129 -10.15 -9.85 -14.32
N LEU A 130 -9.75 -9.07 -13.33
CA LEU A 130 -10.29 -9.10 -11.99
C LEU A 130 -11.70 -8.49 -11.98
N MET A 131 -11.82 -7.30 -12.53
CA MET A 131 -13.10 -6.58 -12.57
C MET A 131 -13.69 -6.58 -13.98
N LYS A 132 -15.02 -6.40 -14.06
CA LYS A 132 -15.71 -6.33 -15.34
C LYS A 132 -16.08 -4.89 -15.70
N THR A 133 -16.77 -4.72 -16.84
CA THR A 133 -17.23 -3.43 -17.28
C THR A 133 -18.57 -3.06 -16.61
N MET A 12 -21.21 5.31 0.80
CA MET A 12 -21.39 4.00 0.11
C MET A 12 -20.29 3.02 0.55
N ASP A 13 -20.66 1.90 1.20
CA ASP A 13 -19.66 0.94 1.68
C ASP A 13 -19.96 -0.49 1.21
N GLU A 14 -19.54 -0.81 -0.01
CA GLU A 14 -19.69 -2.15 -0.56
C GLU A 14 -18.30 -2.78 -0.74
N TYR A 15 -17.61 -3.06 0.38
CA TYR A 15 -16.22 -3.58 0.34
C TYR A 15 -16.07 -4.84 -0.51
N SER A 16 -17.00 -5.77 -0.38
CA SER A 16 -16.92 -7.08 -1.05
C SER A 16 -16.88 -7.01 -2.62
N PRO A 17 -17.86 -6.32 -3.28
CA PRO A 17 -17.92 -6.26 -4.75
C PRO A 17 -16.62 -5.77 -5.40
N LYS A 18 -16.04 -6.60 -6.27
CA LYS A 18 -14.78 -6.32 -6.99
C LYS A 18 -14.63 -4.85 -7.39
N ARG A 19 -15.66 -4.25 -8.03
CA ARG A 19 -15.53 -2.85 -8.45
C ARG A 19 -15.14 -1.92 -7.30
N HIS A 20 -15.66 -2.20 -6.11
CA HIS A 20 -15.28 -1.47 -4.91
C HIS A 20 -14.00 -2.06 -4.35
N ASP A 21 -13.95 -3.39 -4.30
CA ASP A 21 -12.80 -4.16 -3.78
C ASP A 21 -11.48 -3.73 -4.47
N VAL A 22 -11.47 -3.74 -5.80
CA VAL A 22 -10.32 -3.27 -6.56
C VAL A 22 -10.08 -1.77 -6.29
N ALA A 23 -11.17 -0.97 -6.37
CA ALA A 23 -11.10 0.47 -6.07
C ALA A 23 -10.47 0.68 -4.70
N GLN A 24 -10.96 -0.06 -3.72
CA GLN A 24 -10.42 -0.07 -2.36
C GLN A 24 -8.92 -0.33 -2.41
N LEU A 25 -8.53 -1.42 -3.09
CA LEU A 25 -7.11 -1.78 -3.22
C LEU A 25 -6.30 -0.63 -3.79
N LYS A 26 -6.69 -0.15 -4.99
CA LYS A 26 -5.96 0.95 -5.62
C LYS A 26 -5.96 2.17 -4.74
N PHE A 27 -7.15 2.62 -4.33
CA PHE A 27 -7.30 3.79 -3.45
C PHE A 27 -6.39 3.67 -2.24
N LEU A 28 -6.45 2.55 -1.54
CA LEU A 28 -5.61 2.33 -0.37
C LEU A 28 -4.13 2.45 -0.74
N CYS A 29 -3.72 1.78 -1.84
CA CYS A 29 -2.32 1.86 -2.30
C CYS A 29 -1.98 3.28 -2.73
N GLU A 30 -2.78 3.83 -3.65
CA GLU A 30 -2.62 5.20 -4.13
C GLU A 30 -2.52 6.21 -2.97
N SER A 31 -3.44 6.12 -2.01
CA SER A 31 -3.40 7.01 -0.84
C SER A 31 -2.18 6.72 0.01
N LEU A 32 -1.94 5.42 0.30
CA LEU A 32 -0.74 5.04 1.07
C LEU A 32 0.52 5.56 0.40
N TYR A 33 0.58 5.43 -0.93
CA TYR A 33 1.71 5.97 -1.69
C TYR A 33 1.83 7.48 -1.42
N ASP A 34 0.68 8.18 -1.40
CA ASP A 34 0.64 9.61 -1.09
C ASP A 34 1.11 9.87 0.34
N GLU A 35 0.41 9.26 1.31
CA GLU A 35 0.77 9.39 2.74
C GLU A 35 2.24 9.03 2.96
N GLY A 36 2.67 7.93 2.34
CA GLY A 36 4.04 7.47 2.47
C GLY A 36 5.00 8.52 2.04
N ILE A 37 4.87 8.99 0.78
CA ILE A 37 5.74 10.06 0.28
C ILE A 37 5.67 11.27 1.23
N ALA A 38 4.44 11.71 1.53
CA ALA A 38 4.23 12.83 2.45
C ALA A 38 5.01 12.65 3.74
N THR A 39 5.00 11.44 4.28
CA THR A 39 5.66 11.14 5.54
C THR A 39 7.17 10.84 5.38
N LEU A 40 7.53 9.95 4.45
CA LEU A 40 8.93 9.57 4.26
C LEU A 40 9.77 10.72 3.69
N GLY A 41 9.11 11.65 2.98
CA GLY A 41 9.82 12.79 2.43
C GLY A 41 9.69 14.00 3.33
N ASP A 42 9.97 13.81 4.63
CA ASP A 42 9.88 14.89 5.60
C ASP A 42 11.27 15.26 6.10
N SER A 43 11.90 14.33 6.79
CA SER A 43 13.26 14.52 7.30
C SER A 43 14.29 14.34 6.16
N HIS A 44 14.14 15.16 5.10
CA HIS A 44 14.96 15.11 3.88
C HIS A 44 16.45 15.00 4.19
N HIS A 45 16.93 15.89 5.06
CA HIS A 45 18.36 15.93 5.41
C HIS A 45 18.88 14.66 6.08
N GLY A 46 17.98 13.74 6.47
CA GLY A 46 18.41 12.52 7.12
C GLY A 46 17.98 12.43 8.58
N TRP A 47 17.16 13.37 9.05
CA TRP A 47 16.66 13.35 10.42
C TRP A 47 15.68 12.20 10.61
N VAL A 48 15.17 12.05 11.82
CA VAL A 48 14.18 11.00 12.10
C VAL A 48 12.78 11.42 11.65
N ASN A 49 11.94 10.44 11.37
CA ASN A 49 10.56 10.66 10.98
C ASN A 49 9.70 10.31 12.17
N ASP A 50 8.90 11.25 12.64
CA ASP A 50 8.05 11.05 13.82
C ASP A 50 7.18 9.78 13.69
N PRO A 51 7.53 8.68 14.41
CA PRO A 51 6.76 7.43 14.36
C PRO A 51 5.33 7.59 14.91
N THR A 52 5.12 8.63 15.71
CA THR A 52 3.82 8.90 16.32
C THR A 52 2.89 9.71 15.40
N SER A 53 3.48 10.47 14.48
CA SER A 53 2.77 11.38 13.58
C SER A 53 1.48 10.79 13.02
N ALA A 54 0.47 11.65 12.81
CA ALA A 54 -0.82 11.23 12.25
C ALA A 54 -0.65 10.39 11.01
N VAL A 55 0.21 10.85 10.10
CA VAL A 55 0.50 10.15 8.89
C VAL A 55 0.96 8.74 9.20
N ASN A 56 1.95 8.63 10.09
CA ASN A 56 2.46 7.35 10.53
C ASN A 56 1.30 6.45 10.98
N LEU A 57 0.39 7.03 11.77
CA LEU A 57 -0.80 6.32 12.25
C LEU A 57 -1.72 5.97 11.08
N GLN A 58 -2.00 6.96 10.22
CA GLN A 58 -2.80 6.76 9.05
C GLN A 58 -2.25 5.64 8.20
N LEU A 59 -0.96 5.71 7.85
CA LEU A 59 -0.31 4.65 7.06
C LEU A 59 -0.42 3.31 7.78
N ASN A 60 -0.24 3.33 9.10
CA ASN A 60 -0.39 2.12 9.92
C ASN A 60 -1.79 1.60 9.76
N ASP A 61 -2.76 2.53 9.84
CA ASP A 61 -4.16 2.25 9.61
C ASP A 61 -4.33 1.66 8.23
N LEU A 62 -3.83 2.40 7.21
CA LEU A 62 -3.82 1.97 5.82
C LEU A 62 -3.32 0.54 5.69
N ILE A 63 -2.09 0.32 6.15
CA ILE A 63 -1.46 -1.00 6.12
C ILE A 63 -2.43 -2.09 6.62
N GLU A 64 -3.02 -1.86 7.81
CA GLU A 64 -4.01 -2.79 8.37
C GLU A 64 -5.26 -2.82 7.51
N HIS A 65 -5.81 -1.64 7.24
CA HIS A 65 -7.00 -1.50 6.39
C HIS A 65 -6.85 -2.30 5.10
N ILE A 66 -5.65 -2.24 4.52
CA ILE A 66 -5.34 -3.02 3.33
C ILE A 66 -5.19 -4.48 3.72
N ALA A 67 -4.40 -4.76 4.77
CA ALA A 67 -4.17 -6.13 5.27
C ALA A 67 -5.48 -6.86 5.47
N SER A 68 -6.34 -6.31 6.32
CA SER A 68 -7.65 -6.89 6.62
C SER A 68 -8.46 -7.11 5.35
N PHE A 69 -8.57 -6.05 4.53
CA PHE A 69 -9.33 -6.13 3.29
C PHE A 69 -8.70 -7.14 2.31
N VAL A 70 -7.36 -7.13 2.21
CA VAL A 70 -6.64 -8.04 1.33
C VAL A 70 -7.10 -9.47 1.54
N MET A 71 -7.20 -9.91 2.81
CA MET A 71 -7.68 -11.26 3.12
C MET A 71 -8.93 -11.58 2.28
N SER A 72 -9.95 -10.71 2.36
CA SER A 72 -11.17 -10.84 1.56
C SER A 72 -10.83 -10.81 0.07
N PHE A 73 -10.00 -9.83 -0.31
CA PHE A 73 -9.50 -9.70 -1.68
C PHE A 73 -8.98 -11.04 -2.21
N LYS A 74 -8.18 -11.74 -1.37
CA LYS A 74 -7.60 -13.06 -1.72
C LYS A 74 -8.66 -14.15 -1.76
N ILE A 75 -9.64 -14.09 -0.85
CA ILE A 75 -10.70 -15.09 -0.83
C ILE A 75 -11.51 -14.99 -2.11
N LYS A 76 -11.85 -13.75 -2.50
CA LYS A 76 -12.63 -13.54 -3.69
C LYS A 76 -11.82 -13.76 -4.99
N TYR A 77 -10.50 -13.52 -4.95
CA TYR A 77 -9.68 -13.69 -6.15
C TYR A 77 -8.26 -14.13 -5.85
N PRO A 78 -7.84 -15.31 -6.34
CA PRO A 78 -6.48 -15.82 -6.15
C PRO A 78 -5.53 -15.50 -7.36
N ASP A 79 -6.14 -15.28 -8.56
CA ASP A 79 -5.43 -15.06 -9.85
C ASP A 79 -4.57 -13.80 -9.88
N ASP A 80 -4.90 -12.87 -9.06
CA ASP A 80 -4.16 -11.63 -8.92
C ASP A 80 -2.94 -11.79 -8.02
N GLY A 81 -2.59 -13.05 -7.71
CA GLY A 81 -1.50 -13.35 -6.80
C GLY A 81 -0.32 -12.41 -6.89
N ASP A 82 0.08 -12.02 -8.11
CA ASP A 82 1.17 -11.05 -8.31
C ASP A 82 0.82 -9.71 -7.65
N LEU A 83 -0.37 -9.21 -7.97
CA LEU A 83 -0.91 -7.97 -7.40
C LEU A 83 -0.94 -8.05 -5.89
N SER A 84 -1.58 -9.09 -5.38
CA SER A 84 -1.69 -9.30 -3.94
C SER A 84 -0.31 -9.36 -3.32
N GLU A 85 0.56 -10.19 -3.90
CA GLU A 85 1.91 -10.31 -3.51
C GLU A 85 2.58 -8.93 -3.40
N LEU A 86 2.46 -8.11 -4.45
CA LEU A 86 3.03 -6.75 -4.46
C LEU A 86 2.43 -5.94 -3.32
N VAL A 87 1.11 -6.01 -3.17
CA VAL A 87 0.42 -5.32 -2.08
C VAL A 87 1.03 -5.78 -0.74
N GLU A 88 1.14 -7.11 -0.57
CA GLU A 88 1.75 -7.69 0.64
C GLU A 88 3.17 -7.14 0.84
N GLU A 89 3.97 -7.14 -0.25
CA GLU A 89 5.32 -6.54 -0.23
C GLU A 89 5.21 -5.08 0.24
N TYR A 90 4.28 -4.35 -0.38
CA TYR A 90 4.03 -2.95 -0.08
C TYR A 90 3.69 -2.73 1.40
N LEU A 91 2.68 -3.45 1.92
CA LEU A 91 2.27 -3.30 3.32
C LEU A 91 3.45 -3.48 4.25
N ASP A 92 4.20 -4.57 4.05
CA ASP A 92 5.40 -4.84 4.85
C ASP A 92 6.38 -3.71 4.74
N ASP A 93 6.77 -3.40 3.51
CA ASP A 93 7.73 -2.30 3.22
C ASP A 93 7.31 -1.05 4.00
N THR A 94 6.06 -0.63 3.78
CA THR A 94 5.48 0.54 4.46
C THR A 94 5.64 0.39 5.98
N TYR A 95 5.20 -0.75 6.52
CA TYR A 95 5.29 -1.00 7.94
C TYR A 95 6.74 -0.92 8.44
N THR A 96 7.63 -1.69 7.80
CA THR A 96 9.06 -1.71 8.19
C THR A 96 9.63 -0.28 8.24
N LEU A 97 9.44 0.49 7.16
CA LEU A 97 9.94 1.87 7.08
C LEU A 97 9.49 2.67 8.28
N PHE A 98 8.18 2.91 8.36
CA PHE A 98 7.59 3.71 9.44
C PHE A 98 7.87 3.15 10.82
N SER A 99 8.25 1.87 10.89
CA SER A 99 8.65 1.26 12.13
C SER A 99 10.07 1.77 12.55
N SER A 100 10.83 2.30 11.59
CA SER A 100 12.17 2.83 11.85
C SER A 100 12.07 4.33 12.16
N TYR A 101 12.69 4.76 13.28
CA TYR A 101 12.66 6.17 13.70
C TYR A 101 13.03 7.12 12.55
N GLY A 102 14.01 6.75 11.75
CA GLY A 102 14.38 7.57 10.60
C GLY A 102 14.40 6.72 9.37
N ILE A 103 13.60 7.06 8.38
CA ILE A 103 13.50 6.27 7.17
C ILE A 103 14.85 6.14 6.47
N ASN A 104 15.32 4.92 6.39
CA ASN A 104 16.61 4.61 5.76
C ASN A 104 16.42 4.29 4.31
N ASP A 105 17.39 4.69 3.49
CA ASP A 105 17.34 4.44 2.05
C ASP A 105 17.22 2.94 1.71
N PRO A 106 18.02 2.00 2.35
CA PRO A 106 17.91 0.55 2.04
C PRO A 106 16.46 0.06 2.08
N GLU A 107 15.80 0.30 3.22
CA GLU A 107 14.40 -0.09 3.40
C GLU A 107 13.47 0.78 2.55
N LEU A 108 13.66 2.11 2.62
CA LEU A 108 12.83 3.05 1.84
C LEU A 108 12.83 2.70 0.37
N GLN A 109 14.02 2.46 -0.18
CA GLN A 109 14.15 2.14 -1.59
C GLN A 109 13.32 0.93 -1.97
N ARG A 110 13.22 -0.04 -1.06
CA ARG A 110 12.34 -1.19 -1.29
C ARG A 110 10.93 -0.68 -1.57
N TRP A 111 10.41 0.15 -0.65
CA TRP A 111 9.09 0.77 -0.78
C TRP A 111 8.98 1.52 -2.09
N GLN A 112 9.92 2.46 -2.31
CA GLN A 112 9.95 3.28 -3.55
C GLN A 112 9.77 2.41 -4.80
N LYS A 113 10.43 1.25 -4.82
CA LYS A 113 10.34 0.35 -5.94
C LYS A 113 9.07 -0.51 -5.89
N THR A 114 8.75 -1.05 -4.71
CA THR A 114 7.53 -1.86 -4.53
C THR A 114 6.27 -1.06 -4.98
N LYS A 115 6.23 0.27 -4.69
CA LYS A 115 5.10 1.09 -5.18
C LYS A 115 5.09 1.06 -6.69
N GLU A 116 6.23 1.44 -7.31
CA GLU A 116 6.39 1.38 -8.77
C GLU A 116 5.86 0.04 -9.27
N ARG A 117 6.45 -1.02 -8.74
CA ARG A 117 6.07 -2.39 -9.04
C ARG A 117 4.57 -2.58 -9.04
N LEU A 118 3.93 -2.27 -7.92
CA LEU A 118 2.48 -2.47 -7.76
C LEU A 118 1.68 -1.63 -8.75
N PHE A 119 2.15 -0.42 -9.02
CA PHE A 119 1.48 0.46 -9.96
C PHE A 119 1.49 -0.11 -11.35
N ARG A 120 2.53 -0.85 -11.71
CA ARG A 120 2.56 -1.55 -13.00
C ARG A 120 1.34 -2.47 -13.06
N LEU A 121 1.14 -3.28 -11.99
CA LEU A 121 0.03 -4.15 -11.88
C LEU A 121 -1.29 -3.39 -11.88
N PHE A 122 -1.38 -2.35 -11.04
CA PHE A 122 -2.60 -1.54 -10.97
C PHE A 122 -2.86 -0.73 -12.26
N SER A 123 -1.84 -0.58 -13.11
CA SER A 123 -1.98 0.19 -14.36
C SER A 123 -2.66 -0.59 -15.50
N GLY A 124 -3.33 -1.69 -15.20
CA GLY A 124 -4.03 -2.41 -16.24
C GLY A 124 -3.70 -3.89 -16.35
N GLU A 125 -2.68 -4.37 -15.61
CA GLU A 125 -2.33 -5.80 -15.66
C GLU A 125 -3.54 -6.66 -15.24
N TYR A 126 -3.75 -6.76 -13.94
CA TYR A 126 -4.83 -7.58 -13.36
C TYR A 126 -6.13 -6.79 -13.17
N ILE A 127 -6.00 -5.55 -12.68
CA ILE A 127 -7.14 -4.67 -12.37
C ILE A 127 -8.25 -4.74 -13.43
N SER A 128 -7.89 -4.45 -14.67
CA SER A 128 -8.83 -4.46 -15.79
C SER A 128 -9.69 -5.74 -15.86
N THR A 129 -9.13 -6.88 -15.46
CA THR A 129 -9.88 -8.13 -15.43
C THR A 129 -10.69 -8.27 -14.15
N LEU A 130 -10.22 -7.65 -13.07
CA LEU A 130 -10.92 -7.69 -11.80
C LEU A 130 -12.15 -6.79 -11.80
N MET A 131 -12.00 -5.58 -12.33
CA MET A 131 -13.10 -4.61 -12.37
C MET A 131 -13.72 -4.53 -13.76
N LYS A 132 -14.55 -5.51 -14.11
CA LYS A 132 -15.21 -5.50 -15.41
C LYS A 132 -16.17 -4.32 -15.51
N THR A 133 -17.26 -4.36 -14.74
CA THR A 133 -18.19 -3.26 -14.70
C THR A 133 -17.73 -2.22 -13.68
N MET A 12 -21.80 -10.44 -9.96
CA MET A 12 -22.63 -9.39 -9.33
C MET A 12 -22.11 -9.06 -7.93
N ASP A 13 -21.43 -7.92 -7.80
CA ASP A 13 -20.85 -7.50 -6.52
C ASP A 13 -21.76 -6.52 -5.81
N GLU A 14 -21.70 -6.49 -4.49
CA GLU A 14 -22.54 -5.60 -3.70
C GLU A 14 -21.81 -5.09 -2.44
N TYR A 15 -21.63 -5.97 -1.46
CA TYR A 15 -20.95 -5.64 -0.19
C TYR A 15 -19.53 -5.18 -0.48
N SER A 16 -18.79 -6.01 -1.20
CA SER A 16 -17.45 -5.66 -1.69
C SER A 16 -17.52 -5.57 -3.21
N PRO A 17 -17.78 -4.36 -3.75
CA PRO A 17 -17.86 -4.17 -5.18
C PRO A 17 -16.46 -4.15 -5.78
N LYS A 18 -16.11 -5.16 -6.59
CA LYS A 18 -14.77 -5.27 -7.21
C LYS A 18 -14.21 -3.89 -7.57
N ARG A 19 -15.01 -3.10 -8.29
CA ARG A 19 -14.62 -1.72 -8.66
C ARG A 19 -14.22 -0.92 -7.44
N HIS A 20 -15.14 -0.80 -6.50
CA HIS A 20 -14.93 -0.02 -5.29
C HIS A 20 -13.85 -0.63 -4.41
N ASP A 21 -13.84 -1.94 -4.29
CA ASP A 21 -12.84 -2.64 -3.45
C ASP A 21 -11.46 -2.45 -4.03
N VAL A 22 -11.31 -2.71 -5.33
CA VAL A 22 -10.04 -2.44 -5.99
C VAL A 22 -9.73 -0.94 -5.89
N ALA A 23 -10.74 -0.09 -6.18
CA ALA A 23 -10.60 1.38 -6.01
C ALA A 23 -10.10 1.68 -4.61
N GLN A 24 -10.71 1.03 -3.62
CA GLN A 24 -10.33 1.16 -2.21
C GLN A 24 -8.87 0.71 -2.03
N LEU A 25 -8.54 -0.46 -2.57
CA LEU A 25 -7.16 -0.98 -2.51
C LEU A 25 -6.21 0.02 -3.14
N LYS A 26 -6.53 0.43 -4.38
CA LYS A 26 -5.76 1.44 -5.11
C LYS A 26 -5.61 2.69 -4.25
N PHE A 27 -6.75 3.31 -3.92
CA PHE A 27 -6.76 4.51 -3.07
C PHE A 27 -5.95 4.32 -1.81
N LEU A 28 -6.15 3.20 -1.11
CA LEU A 28 -5.39 2.93 0.12
C LEU A 28 -3.89 2.95 -0.19
N CYS A 29 -3.48 2.22 -1.24
CA CYS A 29 -2.09 2.20 -1.68
C CYS A 29 -1.64 3.62 -2.05
N GLU A 30 -2.39 4.25 -2.97
CA GLU A 30 -2.09 5.62 -3.42
C GLU A 30 -2.02 6.61 -2.26
N SER A 31 -2.93 6.50 -1.30
CA SER A 31 -2.92 7.39 -0.14
C SER A 31 -1.62 7.19 0.63
N LEU A 32 -1.34 5.93 1.02
CA LEU A 32 -0.09 5.61 1.70
C LEU A 32 1.11 6.00 0.85
N TYR A 33 1.02 5.73 -0.44
CA TYR A 33 2.06 6.11 -1.42
C TYR A 33 2.38 7.60 -1.24
N ASP A 34 1.32 8.42 -1.18
CA ASP A 34 1.48 9.87 -1.00
C ASP A 34 2.00 10.18 0.38
N GLU A 35 1.28 9.72 1.42
CA GLU A 35 1.70 9.94 2.82
C GLU A 35 3.17 9.57 2.98
N GLY A 36 3.51 8.35 2.55
CA GLY A 36 4.87 7.86 2.63
C GLY A 36 5.84 8.75 1.92
N ILE A 37 5.66 8.93 0.60
CA ILE A 37 6.55 9.83 -0.16
C ILE A 37 6.64 11.19 0.54
N ALA A 38 5.48 11.69 0.99
CA ALA A 38 5.41 12.94 1.72
C ALA A 38 6.26 12.92 2.97
N THR A 39 6.04 11.93 3.84
CA THR A 39 6.77 11.88 5.11
C THR A 39 8.22 11.38 4.95
N LEU A 40 8.43 10.40 4.06
CA LEU A 40 9.76 9.81 3.84
C LEU A 40 10.75 10.82 3.28
N GLY A 41 10.26 11.87 2.62
CA GLY A 41 11.13 12.90 2.13
C GLY A 41 10.72 14.26 2.62
N ASP A 42 10.32 14.35 3.89
CA ASP A 42 9.87 15.62 4.45
C ASP A 42 10.92 16.24 5.36
N SER A 43 11.28 17.47 5.05
CA SER A 43 12.22 18.22 5.85
C SER A 43 11.59 18.70 7.16
N HIS A 44 10.27 18.97 7.15
CA HIS A 44 9.55 19.49 8.34
C HIS A 44 9.83 18.66 9.59
N HIS A 45 9.74 17.33 9.48
CA HIS A 45 10.01 16.49 10.66
C HIS A 45 11.50 16.31 10.94
N GLY A 46 12.37 16.59 9.96
CA GLY A 46 13.80 16.42 10.16
C GLY A 46 14.40 15.24 9.42
N TRP A 47 13.70 14.73 8.39
CA TRP A 47 14.13 13.55 7.63
C TRP A 47 14.02 12.24 8.42
N VAL A 48 14.47 12.23 9.68
CA VAL A 48 14.27 11.04 10.52
C VAL A 48 12.78 11.00 10.88
N ASN A 49 12.18 9.85 10.73
CA ASN A 49 10.74 9.72 10.92
C ASN A 49 10.36 9.49 12.37
N ASP A 50 9.54 10.41 12.90
CA ASP A 50 9.02 10.30 14.25
C ASP A 50 7.93 9.24 14.26
N PRO A 51 8.15 8.10 14.96
CA PRO A 51 7.18 6.99 14.99
C PRO A 51 5.76 7.40 15.41
N THR A 52 5.64 8.50 16.17
CA THR A 52 4.34 8.97 16.62
C THR A 52 3.75 10.03 15.69
N SER A 53 4.54 10.55 14.73
CA SER A 53 4.08 11.58 13.84
C SER A 53 2.76 11.17 13.19
N ALA A 54 1.82 12.13 13.11
CA ALA A 54 0.48 11.88 12.56
C ALA A 54 0.53 10.97 11.34
N VAL A 55 1.37 11.30 10.39
CA VAL A 55 1.49 10.50 9.16
C VAL A 55 2.02 9.08 9.48
N ASN A 56 3.11 9.00 10.28
CA ASN A 56 3.65 7.67 10.73
C ASN A 56 2.51 6.83 11.32
N LEU A 57 1.62 7.50 12.09
CA LEU A 57 0.45 6.84 12.66
C LEU A 57 -0.52 6.46 11.55
N GLN A 58 -0.79 7.42 10.64
CA GLN A 58 -1.68 7.17 9.52
C GLN A 58 -1.23 5.95 8.75
N LEU A 59 0.04 5.96 8.35
CA LEU A 59 0.67 4.86 7.60
C LEU A 59 0.63 3.58 8.41
N ASN A 60 0.93 3.67 9.72
CA ASN A 60 0.89 2.49 10.61
C ASN A 60 -0.46 1.85 10.54
N ASP A 61 -1.51 2.69 10.64
CA ASP A 61 -2.88 2.24 10.52
C ASP A 61 -3.07 1.64 9.14
N LEU A 62 -2.79 2.46 8.11
CA LEU A 62 -2.83 2.07 6.71
C LEU A 62 -2.27 0.67 6.51
N ILE A 63 -1.00 0.51 6.87
CA ILE A 63 -0.28 -0.76 6.74
C ILE A 63 -1.17 -1.96 7.15
N GLU A 64 -1.67 -1.93 8.39
CA GLU A 64 -2.54 -3.00 8.86
C GLU A 64 -3.93 -2.89 8.30
N HIS A 65 -4.43 -1.66 8.21
CA HIS A 65 -5.74 -1.38 7.64
C HIS A 65 -5.87 -2.08 6.29
N ILE A 66 -4.88 -1.84 5.43
CA ILE A 66 -4.81 -2.48 4.14
C ILE A 66 -4.58 -3.99 4.34
N ALA A 67 -3.64 -4.35 5.25
CA ALA A 67 -3.34 -5.78 5.55
C ALA A 67 -4.62 -6.56 5.82
N SER A 68 -5.44 -6.07 6.74
CA SER A 68 -6.70 -6.71 7.11
C SER A 68 -7.62 -6.84 5.89
N PHE A 69 -7.64 -5.81 5.03
CA PHE A 69 -8.40 -5.85 3.77
C PHE A 69 -7.77 -6.89 2.81
N VAL A 70 -6.44 -6.87 2.72
CA VAL A 70 -5.68 -7.80 1.89
C VAL A 70 -6.05 -9.24 2.24
N MET A 71 -6.16 -9.54 3.54
CA MET A 71 -6.52 -10.89 4.02
C MET A 71 -7.66 -11.45 3.16
N SER A 72 -8.74 -10.67 3.03
CA SER A 72 -9.88 -11.05 2.22
C SER A 72 -9.56 -10.89 0.73
N PHE A 73 -8.87 -9.79 0.38
CA PHE A 73 -8.45 -9.53 -1.00
C PHE A 73 -7.77 -10.76 -1.62
N LYS A 74 -6.78 -11.35 -0.90
CA LYS A 74 -6.09 -12.57 -1.39
C LYS A 74 -7.05 -13.75 -1.60
N ILE A 75 -8.18 -13.77 -0.87
CA ILE A 75 -9.20 -14.80 -1.04
C ILE A 75 -9.96 -14.53 -2.35
N LYS A 76 -10.31 -13.27 -2.55
CA LYS A 76 -10.99 -12.84 -3.76
C LYS A 76 -10.07 -12.97 -4.97
N TYR A 77 -8.82 -12.53 -4.80
CA TYR A 77 -7.82 -12.51 -5.86
C TYR A 77 -6.70 -13.51 -5.59
N PRO A 78 -6.96 -14.83 -5.81
CA PRO A 78 -5.96 -15.87 -5.55
C PRO A 78 -4.83 -15.87 -6.58
N ASP A 79 -5.16 -15.99 -7.88
CA ASP A 79 -4.14 -15.97 -8.93
C ASP A 79 -3.56 -14.58 -9.12
N ASP A 80 -4.29 -13.60 -8.67
CA ASP A 80 -3.87 -12.24 -8.65
C ASP A 80 -3.11 -11.93 -7.36
N GLY A 81 -2.88 -12.97 -6.54
CA GLY A 81 -2.25 -12.88 -5.24
C GLY A 81 -1.12 -11.90 -5.17
N ASP A 82 -0.29 -11.78 -6.24
CA ASP A 82 0.83 -10.82 -6.24
C ASP A 82 0.34 -9.41 -5.97
N LEU A 83 -0.84 -9.07 -6.45
CA LEU A 83 -1.42 -7.75 -6.17
C LEU A 83 -1.59 -7.57 -4.66
N SER A 84 -2.12 -8.60 -4.02
CA SER A 84 -2.34 -8.58 -2.57
C SER A 84 -1.00 -8.66 -1.88
N GLU A 85 -0.22 -9.62 -2.30
CA GLU A 85 1.12 -9.86 -1.84
C GLU A 85 1.99 -8.59 -1.98
N LEU A 86 1.90 -7.93 -3.13
CA LEU A 86 2.62 -6.68 -3.40
C LEU A 86 2.17 -5.64 -2.40
N VAL A 87 0.85 -5.56 -2.19
CA VAL A 87 0.31 -4.69 -1.17
C VAL A 87 0.95 -5.06 0.18
N GLU A 88 0.91 -6.36 0.54
CA GLU A 88 1.55 -6.87 1.76
C GLU A 88 3.02 -6.47 1.83
N GLU A 89 3.75 -6.62 0.69
CA GLU A 89 5.15 -6.15 0.60
C GLU A 89 5.18 -4.70 1.04
N TYR A 90 4.36 -3.89 0.37
CA TYR A 90 4.19 -2.47 0.64
C TYR A 90 3.94 -2.24 2.12
N LEU A 91 2.96 -2.94 2.70
CA LEU A 91 2.64 -2.80 4.13
C LEU A 91 3.90 -3.03 4.96
N ASP A 92 4.55 -4.17 4.71
CA ASP A 92 5.82 -4.54 5.40
C ASP A 92 6.86 -3.47 5.20
N ASP A 93 7.11 -3.14 3.94
CA ASP A 93 8.11 -2.13 3.57
C ASP A 93 7.81 -0.81 4.27
N THR A 94 6.56 -0.33 4.13
CA THR A 94 6.11 0.87 4.81
C THR A 94 6.35 0.72 6.32
N TYR A 95 5.92 -0.43 6.87
CA TYR A 95 6.11 -0.73 8.28
C TYR A 95 7.59 -0.62 8.64
N THR A 96 8.42 -1.44 7.99
CA THR A 96 9.87 -1.46 8.25
C THR A 96 10.45 -0.03 8.18
N LEU A 97 10.04 0.74 7.16
CA LEU A 97 10.46 2.12 7.01
C LEU A 97 10.11 2.94 8.24
N PHE A 98 8.80 3.13 8.45
CA PHE A 98 8.29 3.95 9.54
C PHE A 98 8.56 3.38 10.93
N SER A 99 8.88 2.09 10.99
CA SER A 99 9.26 1.46 12.22
C SER A 99 10.68 1.91 12.61
N SER A 100 11.50 2.23 11.61
CA SER A 100 12.85 2.71 11.82
C SER A 100 12.82 4.24 11.97
N TYR A 101 13.36 4.75 13.09
CA TYR A 101 13.40 6.20 13.33
C TYR A 101 14.02 6.93 12.14
N GLY A 102 15.05 6.34 11.55
CA GLY A 102 15.64 6.90 10.36
C GLY A 102 15.34 6.04 9.17
N ILE A 103 14.91 6.63 8.06
CA ILE A 103 14.53 5.85 6.89
C ILE A 103 15.72 5.10 6.29
N ASN A 104 15.54 3.79 6.12
CA ASN A 104 16.58 2.93 5.55
C ASN A 104 16.48 2.93 4.04
N ASP A 105 17.53 3.44 3.36
CA ASP A 105 17.56 3.55 1.88
C ASP A 105 17.05 2.29 1.18
N PRO A 106 17.66 1.09 1.44
CA PRO A 106 17.26 -0.17 0.80
C PRO A 106 15.76 -0.41 0.93
N GLU A 107 15.26 -0.49 2.18
CA GLU A 107 13.84 -0.65 2.43
C GLU A 107 13.03 0.44 1.73
N LEU A 108 13.52 1.68 1.77
CA LEU A 108 12.86 2.78 1.10
C LEU A 108 12.80 2.52 -0.40
N GLN A 109 13.95 2.23 -1.01
CA GLN A 109 13.99 1.94 -2.44
C GLN A 109 13.15 0.72 -2.76
N ARG A 110 13.24 -0.31 -1.91
CA ARG A 110 12.35 -1.48 -2.01
C ARG A 110 10.90 -1.01 -2.06
N TRP A 111 10.52 -0.19 -1.05
CA TRP A 111 9.18 0.42 -0.97
C TRP A 111 8.83 1.07 -2.31
N GLN A 112 9.78 1.83 -2.85
CA GLN A 112 9.63 2.47 -4.13
C GLN A 112 9.36 1.43 -5.21
N LYS A 113 10.23 0.42 -5.30
CA LYS A 113 10.03 -0.69 -6.25
C LYS A 113 8.65 -1.33 -6.04
N THR A 114 8.31 -1.58 -4.78
CA THR A 114 7.02 -2.16 -4.43
C THR A 114 5.86 -1.29 -4.96
N LYS A 115 5.92 0.04 -4.71
CA LYS A 115 4.86 0.94 -5.21
C LYS A 115 4.76 0.90 -6.73
N GLU A 116 5.89 1.12 -7.43
CA GLU A 116 5.90 1.09 -8.91
C GLU A 116 5.27 -0.21 -9.41
N ARG A 117 5.74 -1.35 -8.87
CA ARG A 117 5.16 -2.65 -9.21
C ARG A 117 3.65 -2.65 -9.00
N LEU A 118 3.22 -2.25 -7.81
CA LEU A 118 1.78 -2.23 -7.46
C LEU A 118 0.99 -1.51 -8.54
N PHE A 119 1.52 -0.37 -8.96
CA PHE A 119 0.92 0.45 -10.00
C PHE A 119 0.80 -0.34 -11.27
N ARG A 120 1.84 -1.09 -11.63
CA ARG A 120 1.78 -1.95 -12.80
C ARG A 120 0.53 -2.83 -12.71
N LEU A 121 0.38 -3.52 -11.57
CA LEU A 121 -0.72 -4.40 -11.35
C LEU A 121 -2.06 -3.65 -11.39
N PHE A 122 -2.22 -2.67 -10.51
CA PHE A 122 -3.46 -1.89 -10.39
C PHE A 122 -3.77 -1.10 -11.67
N SER A 123 -2.75 -0.53 -12.29
CA SER A 123 -2.93 0.32 -13.47
C SER A 123 -3.25 -0.44 -14.77
N GLY A 124 -3.63 -1.73 -14.69
CA GLY A 124 -4.06 -2.42 -15.89
C GLY A 124 -3.40 -3.75 -16.19
N GLU A 125 -2.78 -4.42 -15.20
CA GLU A 125 -2.27 -5.78 -15.47
C GLU A 125 -3.48 -6.71 -15.55
N TYR A 126 -3.94 -7.14 -14.38
CA TYR A 126 -5.14 -7.96 -14.26
C TYR A 126 -6.39 -7.08 -14.08
N ILE A 127 -6.25 -6.08 -13.17
CA ILE A 127 -7.35 -5.19 -12.78
C ILE A 127 -8.24 -4.75 -13.95
N SER A 128 -7.66 -4.25 -15.04
CA SER A 128 -8.47 -3.77 -16.17
C SER A 128 -9.51 -4.82 -16.61
N THR A 129 -9.07 -6.08 -16.78
CA THR A 129 -9.98 -7.16 -17.12
C THR A 129 -11.07 -7.31 -16.04
N LEU A 130 -10.66 -7.18 -14.77
CA LEU A 130 -11.58 -7.21 -13.64
C LEU A 130 -12.60 -6.07 -13.75
N MET A 131 -12.11 -4.86 -14.03
CA MET A 131 -12.93 -3.70 -14.18
C MET A 131 -13.70 -3.73 -15.52
N LYS A 132 -14.57 -4.73 -15.68
CA LYS A 132 -15.30 -4.91 -16.92
C LYS A 132 -16.44 -3.90 -17.06
N THR A 133 -17.58 -4.17 -16.45
CA THR A 133 -18.69 -3.27 -16.52
C THR A 133 -19.08 -2.73 -15.14
N MET A 12 -12.38 -9.20 6.13
CA MET A 12 -13.31 -8.95 4.99
C MET A 12 -13.30 -7.48 4.60
N ASP A 13 -13.69 -7.19 3.36
CA ASP A 13 -13.59 -5.83 2.81
C ASP A 13 -14.70 -5.52 1.83
N GLU A 14 -14.74 -6.28 0.72
CA GLU A 14 -15.70 -6.02 -0.35
C GLU A 14 -17.10 -5.77 0.18
N TYR A 15 -17.60 -4.54 0.00
CA TYR A 15 -18.95 -4.21 0.45
C TYR A 15 -19.97 -4.82 -0.49
N SER A 16 -19.90 -4.45 -1.75
CA SER A 16 -20.80 -4.99 -2.75
C SER A 16 -20.10 -5.20 -4.11
N PRO A 17 -19.77 -4.12 -4.88
CA PRO A 17 -19.15 -4.25 -6.19
C PRO A 17 -17.61 -4.34 -6.14
N LYS A 18 -17.06 -5.31 -6.86
CA LYS A 18 -15.60 -5.49 -6.94
C LYS A 18 -14.89 -4.22 -7.45
N ARG A 19 -15.61 -3.38 -8.23
CA ARG A 19 -15.04 -2.11 -8.69
C ARG A 19 -14.49 -1.30 -7.51
N HIS A 20 -15.22 -1.34 -6.38
CA HIS A 20 -14.80 -0.69 -5.14
C HIS A 20 -13.49 -1.29 -4.67
N ASP A 21 -13.45 -2.63 -4.59
CA ASP A 21 -12.25 -3.37 -4.17
C ASP A 21 -11.06 -2.94 -5.02
N VAL A 22 -11.23 -3.02 -6.34
CA VAL A 22 -10.15 -2.62 -7.27
C VAL A 22 -9.73 -1.18 -6.99
N ALA A 23 -10.70 -0.26 -7.06
CA ALA A 23 -10.44 1.16 -6.79
C ALA A 23 -9.76 1.32 -5.44
N GLN A 24 -10.39 0.79 -4.38
CA GLN A 24 -9.82 0.81 -3.03
C GLN A 24 -8.37 0.37 -3.02
N LEU A 25 -8.07 -0.77 -3.68
CA LEU A 25 -6.70 -1.29 -3.74
C LEU A 25 -5.77 -0.25 -4.36
N LYS A 26 -6.18 0.29 -5.51
CA LYS A 26 -5.41 1.33 -6.19
C LYS A 26 -5.31 2.57 -5.29
N PHE A 27 -6.46 3.10 -4.89
CA PHE A 27 -6.57 4.28 -4.01
C PHE A 27 -5.63 4.17 -2.83
N LEU A 28 -5.68 3.03 -2.12
CA LEU A 28 -4.82 2.80 -0.95
C LEU A 28 -3.35 2.91 -1.36
N CYS A 29 -2.97 2.20 -2.43
CA CYS A 29 -1.59 2.22 -2.96
C CYS A 29 -1.19 3.64 -3.37
N GLU A 30 -2.07 4.28 -4.16
CA GLU A 30 -1.88 5.64 -4.64
C GLU A 30 -1.70 6.61 -3.48
N SER A 31 -2.72 6.70 -2.62
CA SER A 31 -2.71 7.58 -1.46
C SER A 31 -1.42 7.42 -0.66
N LEU A 32 -1.13 6.17 -0.26
CA LEU A 32 0.09 5.86 0.51
C LEU A 32 1.33 6.51 -0.08
N TYR A 33 1.39 6.63 -1.40
CA TYR A 33 2.52 7.29 -2.05
C TYR A 33 2.73 8.69 -1.48
N ASP A 34 1.63 9.45 -1.34
CA ASP A 34 1.70 10.82 -0.83
C ASP A 34 1.87 10.85 0.66
N GLU A 35 0.92 10.25 1.38
CA GLU A 35 0.99 10.22 2.86
C GLU A 35 2.33 9.64 3.31
N GLY A 36 2.82 8.63 2.55
CA GLY A 36 4.09 8.02 2.85
C GLY A 36 5.21 9.02 2.70
N ILE A 37 5.41 9.57 1.48
CA ILE A 37 6.45 10.58 1.27
C ILE A 37 6.30 11.76 2.25
N ALA A 38 5.05 12.16 2.52
CA ALA A 38 4.76 13.23 3.48
C ALA A 38 5.36 12.88 4.84
N THR A 39 5.20 11.63 5.25
CA THR A 39 5.71 11.18 6.52
C THR A 39 7.20 10.75 6.43
N LEU A 40 7.60 10.12 5.32
CA LEU A 40 8.94 9.55 5.18
C LEU A 40 10.03 10.59 4.89
N GLY A 41 9.67 11.73 4.27
CA GLY A 41 10.68 12.68 3.84
C GLY A 41 10.96 13.80 4.81
N ASP A 42 11.65 13.52 5.92
CA ASP A 42 12.03 14.59 6.85
C ASP A 42 13.23 15.38 6.31
N SER A 43 12.98 16.17 5.29
CA SER A 43 14.01 17.04 4.75
C SER A 43 14.16 18.30 5.63
N HIS A 44 13.13 18.58 6.47
CA HIS A 44 13.14 19.74 7.34
C HIS A 44 14.23 19.64 8.39
N HIS A 45 14.26 18.52 9.12
CA HIS A 45 15.21 18.34 10.22
C HIS A 45 16.16 17.14 10.02
N GLY A 46 15.81 16.19 9.14
CA GLY A 46 16.68 15.02 8.99
C GLY A 46 16.64 14.10 10.21
N TRP A 47 15.60 14.26 11.04
CA TRP A 47 15.46 13.48 12.26
C TRP A 47 14.88 12.10 11.96
N VAL A 48 14.63 11.33 13.02
CA VAL A 48 14.00 10.04 12.89
C VAL A 48 12.50 10.24 12.61
N ASN A 49 11.82 9.17 12.25
CA ASN A 49 10.41 9.25 11.96
C ASN A 49 9.59 9.15 13.23
N ASP A 50 8.38 9.69 13.19
CA ASP A 50 7.50 9.74 14.35
C ASP A 50 6.40 8.69 14.25
N PRO A 51 6.57 7.50 14.87
CA PRO A 51 5.55 6.42 14.85
C PRO A 51 4.17 6.88 15.38
N THR A 52 4.14 7.93 16.21
CA THR A 52 2.89 8.41 16.81
C THR A 52 2.22 9.54 16.00
N SER A 53 2.96 10.14 15.08
CA SER A 53 2.45 11.25 14.29
C SER A 53 1.21 10.82 13.50
N ALA A 54 0.23 11.73 13.39
CA ALA A 54 -1.01 11.44 12.64
C ALA A 54 -0.71 10.89 11.25
N VAL A 55 0.35 11.41 10.61
CA VAL A 55 0.76 10.96 9.33
C VAL A 55 1.13 9.48 9.41
N ASN A 56 2.05 9.18 10.34
CA ASN A 56 2.47 7.80 10.58
C ASN A 56 1.27 6.92 10.92
N LEU A 57 0.36 7.46 11.77
CA LEU A 57 -0.87 6.74 12.15
C LEU A 57 -1.73 6.48 10.92
N GLN A 58 -2.04 7.54 10.17
CA GLN A 58 -2.79 7.42 8.93
C GLN A 58 -2.24 6.33 8.05
N LEU A 59 -0.91 6.26 7.95
CA LEU A 59 -0.25 5.24 7.16
C LEU A 59 -0.44 3.88 7.81
N ASN A 60 -0.03 3.74 9.07
CA ASN A 60 -0.18 2.44 9.76
C ASN A 60 -1.64 1.97 9.80
N ASP A 61 -2.56 2.92 9.93
CA ASP A 61 -4.00 2.65 9.90
C ASP A 61 -4.39 2.07 8.56
N LEU A 62 -4.09 2.84 7.50
CA LEU A 62 -4.41 2.41 6.16
C LEU A 62 -3.61 1.15 5.78
N ILE A 63 -2.31 1.12 6.12
CA ILE A 63 -1.45 -0.05 5.87
C ILE A 63 -2.12 -1.32 6.40
N GLU A 64 -2.58 -1.28 7.66
CA GLU A 64 -3.26 -2.43 8.22
C GLU A 64 -4.62 -2.64 7.59
N HIS A 65 -5.30 -1.53 7.26
CA HIS A 65 -6.55 -1.61 6.51
C HIS A 65 -6.31 -2.35 5.19
N ILE A 66 -5.22 -1.98 4.50
CA ILE A 66 -4.83 -2.65 3.28
C ILE A 66 -4.47 -4.10 3.62
N ALA A 67 -3.75 -4.29 4.74
CA ALA A 67 -3.35 -5.62 5.20
C ALA A 67 -4.57 -6.52 5.31
N SER A 68 -5.58 -6.07 6.07
CA SER A 68 -6.83 -6.81 6.20
C SER A 68 -7.54 -6.92 4.84
N PHE A 69 -7.46 -5.84 4.05
CA PHE A 69 -8.02 -5.80 2.70
C PHE A 69 -7.44 -6.94 1.88
N VAL A 70 -6.12 -6.98 1.82
CA VAL A 70 -5.39 -8.02 1.15
C VAL A 70 -5.70 -9.37 1.78
N MET A 71 -5.58 -9.46 3.12
CA MET A 71 -5.87 -10.70 3.85
C MET A 71 -7.14 -11.33 3.32
N SER A 72 -8.25 -10.58 3.32
CA SER A 72 -9.51 -11.08 2.80
C SER A 72 -9.46 -11.19 1.27
N PHE A 73 -8.80 -10.23 0.60
CA PHE A 73 -8.69 -10.25 -0.87
C PHE A 73 -8.17 -11.61 -1.34
N LYS A 74 -7.03 -12.01 -0.81
CA LYS A 74 -6.42 -13.32 -1.10
C LYS A 74 -7.42 -14.47 -0.91
N ILE A 75 -8.34 -14.32 0.03
CA ILE A 75 -9.35 -15.33 0.27
C ILE A 75 -10.45 -15.22 -0.79
N LYS A 76 -10.98 -14.01 -0.97
CA LYS A 76 -12.08 -13.78 -1.89
C LYS A 76 -11.73 -14.04 -3.37
N TYR A 77 -10.53 -13.62 -3.82
CA TYR A 77 -10.20 -13.75 -5.26
C TYR A 77 -8.79 -14.33 -5.51
N PRO A 78 -8.62 -15.13 -6.61
CA PRO A 78 -7.33 -15.77 -6.96
C PRO A 78 -6.51 -15.00 -8.03
N ASP A 79 -7.16 -14.09 -8.77
CA ASP A 79 -6.49 -13.38 -9.88
C ASP A 79 -5.52 -12.32 -9.41
N ASP A 80 -5.68 -11.89 -8.20
CA ASP A 80 -4.85 -10.88 -7.60
C ASP A 80 -3.72 -11.47 -6.77
N GLY A 81 -3.61 -12.80 -6.73
CA GLY A 81 -2.57 -13.46 -5.92
C GLY A 81 -1.22 -12.74 -5.95
N ASP A 82 -0.82 -12.24 -7.13
CA ASP A 82 0.41 -11.46 -7.28
C ASP A 82 0.24 -10.09 -6.64
N LEU A 83 -0.85 -9.41 -6.99
CA LEU A 83 -1.20 -8.12 -6.42
C LEU A 83 -1.20 -8.20 -4.90
N SER A 84 -1.93 -9.17 -4.36
CA SER A 84 -2.04 -9.35 -2.92
C SER A 84 -0.66 -9.42 -2.25
N GLU A 85 0.23 -10.25 -2.80
CA GLU A 85 1.57 -10.35 -2.29
C GLU A 85 2.30 -9.02 -2.45
N LEU A 86 2.18 -8.45 -3.63
CA LEU A 86 2.77 -7.14 -3.96
C LEU A 86 2.30 -6.10 -2.95
N VAL A 87 0.98 -6.06 -2.73
CA VAL A 87 0.40 -5.15 -1.76
C VAL A 87 1.00 -5.42 -0.38
N GLU A 88 1.03 -6.70 0.03
CA GLU A 88 1.65 -7.07 1.31
C GLU A 88 3.09 -6.54 1.37
N GLU A 89 3.86 -6.75 0.28
CA GLU A 89 5.21 -6.18 0.16
C GLU A 89 5.13 -4.67 0.39
N TYR A 90 4.24 -4.00 -0.34
CA TYR A 90 3.99 -2.55 -0.19
C TYR A 90 3.78 -2.20 1.30
N LEU A 91 2.89 -2.93 1.96
CA LEU A 91 2.60 -2.71 3.39
C LEU A 91 3.85 -2.95 4.21
N ASP A 92 4.47 -4.11 3.99
CA ASP A 92 5.70 -4.50 4.67
C ASP A 92 6.77 -3.43 4.50
N ASP A 93 6.97 -2.99 3.26
CA ASP A 93 7.94 -1.94 2.93
C ASP A 93 7.67 -0.72 3.78
N THR A 94 6.47 -0.14 3.61
CA THR A 94 6.04 1.02 4.38
C THR A 94 6.26 0.77 5.89
N TYR A 95 5.76 -0.37 6.37
CA TYR A 95 5.90 -0.73 7.77
C TYR A 95 7.39 -0.77 8.17
N THR A 96 8.19 -1.52 7.43
CA THR A 96 9.62 -1.64 7.71
C THR A 96 10.30 -0.27 7.67
N LEU A 97 9.96 0.56 6.66
CA LEU A 97 10.49 1.91 6.57
C LEU A 97 10.31 2.64 7.89
N PHE A 98 9.05 2.89 8.25
CA PHE A 98 8.70 3.56 9.51
C PHE A 98 9.24 2.82 10.73
N SER A 99 9.47 1.52 10.60
CA SER A 99 10.04 0.74 11.66
C SER A 99 11.54 1.07 11.87
N SER A 100 12.18 1.58 10.82
CA SER A 100 13.54 2.08 10.93
C SER A 100 13.44 3.52 11.38
N TYR A 101 13.85 3.81 12.63
CA TYR A 101 13.71 5.16 13.20
C TYR A 101 13.95 6.25 12.15
N GLY A 102 15.09 6.20 11.50
CA GLY A 102 15.32 7.08 10.39
C GLY A 102 15.10 6.33 9.11
N ILE A 103 14.28 6.87 8.22
CA ILE A 103 13.93 6.18 6.98
C ILE A 103 15.17 5.88 6.14
N ASN A 104 15.37 4.60 5.84
CA ASN A 104 16.50 4.16 5.03
C ASN A 104 16.11 4.13 3.56
N ASP A 105 16.93 4.77 2.72
CA ASP A 105 16.69 4.83 1.27
C ASP A 105 16.44 3.44 0.67
N PRO A 106 17.37 2.45 0.90
CA PRO A 106 17.24 1.09 0.32
C PRO A 106 15.82 0.54 0.45
N GLU A 107 15.31 0.47 1.67
CA GLU A 107 13.97 0.00 1.95
C GLU A 107 12.93 0.90 1.28
N LEU A 108 13.16 2.22 1.33
CA LEU A 108 12.26 3.14 0.65
C LEU A 108 12.27 2.86 -0.85
N GLN A 109 13.45 2.63 -1.42
CA GLN A 109 13.54 2.34 -2.84
C GLN A 109 12.77 1.05 -3.15
N ARG A 110 12.83 0.07 -2.23
CA ARG A 110 11.99 -1.12 -2.33
C ARG A 110 10.53 -0.67 -2.40
N TRP A 111 10.12 0.17 -1.43
CA TRP A 111 8.78 0.78 -1.38
C TRP A 111 8.42 1.35 -2.75
N GLN A 112 9.39 2.04 -3.35
CA GLN A 112 9.23 2.65 -4.67
C GLN A 112 9.05 1.59 -5.76
N LYS A 113 9.94 0.59 -5.79
CA LYS A 113 9.84 -0.50 -6.78
C LYS A 113 8.57 -1.34 -6.58
N THR A 114 8.35 -1.77 -5.35
CA THR A 114 7.18 -2.60 -5.01
C THR A 114 5.86 -1.95 -5.50
N LYS A 115 5.67 -0.64 -5.21
CA LYS A 115 4.47 0.05 -5.68
C LYS A 115 4.41 0.02 -7.20
N GLU A 116 5.54 0.35 -7.85
CA GLU A 116 5.63 0.32 -9.32
C GLU A 116 5.13 -1.02 -9.84
N ARG A 117 5.66 -2.11 -9.26
CA ARG A 117 5.21 -3.46 -9.60
C ARG A 117 3.69 -3.53 -9.50
N LEU A 118 3.13 -3.18 -8.34
CA LEU A 118 1.67 -3.17 -8.13
C LEU A 118 0.95 -2.43 -9.26
N PHE A 119 1.53 -1.32 -9.67
CA PHE A 119 0.97 -0.49 -10.73
C PHE A 119 1.01 -1.17 -12.07
N ARG A 120 1.99 -2.04 -12.28
CA ARG A 120 2.04 -2.83 -13.51
C ARG A 120 0.77 -3.65 -13.61
N LEU A 121 0.38 -4.28 -12.48
CA LEU A 121 -0.83 -5.01 -12.38
C LEU A 121 -2.03 -4.11 -12.67
N PHE A 122 -2.11 -2.97 -11.96
CA PHE A 122 -3.19 -1.99 -12.15
C PHE A 122 -3.23 -1.43 -13.58
N SER A 123 -2.10 -1.45 -14.29
CA SER A 123 -2.01 -0.87 -15.64
C SER A 123 -2.70 -1.74 -16.72
N GLY A 124 -3.25 -2.89 -16.35
CA GLY A 124 -3.95 -3.71 -17.33
C GLY A 124 -3.49 -5.14 -17.40
N GLU A 125 -3.27 -5.76 -16.24
CA GLU A 125 -2.94 -7.19 -16.20
C GLU A 125 -4.21 -7.95 -15.76
N TYR A 126 -4.04 -8.97 -14.91
CA TYR A 126 -5.18 -9.69 -14.33
C TYR A 126 -6.26 -8.73 -13.78
N ILE A 127 -5.82 -7.54 -13.31
CA ILE A 127 -6.72 -6.52 -12.76
C ILE A 127 -7.81 -6.07 -13.76
N SER A 128 -7.42 -5.74 -15.02
CA SER A 128 -8.40 -5.26 -16.01
C SER A 128 -9.56 -6.25 -16.16
N THR A 129 -9.23 -7.54 -16.21
CA THR A 129 -10.22 -8.61 -16.30
C THR A 129 -11.18 -8.55 -15.10
N LEU A 130 -10.62 -8.29 -13.91
CA LEU A 130 -11.42 -8.11 -12.70
C LEU A 130 -12.29 -6.86 -12.81
N MET A 131 -11.64 -5.72 -13.07
CA MET A 131 -12.35 -4.46 -13.18
C MET A 131 -13.00 -4.30 -14.56
N LYS A 132 -14.10 -5.02 -14.78
CA LYS A 132 -14.84 -4.96 -16.04
C LYS A 132 -15.30 -3.52 -16.34
N THR A 133 -15.68 -2.79 -15.29
CA THR A 133 -16.17 -1.45 -15.42
C THR A 133 -15.29 -0.43 -14.64
N MET A 12 -21.45 -7.03 4.06
CA MET A 12 -22.91 -7.30 4.23
C MET A 12 -23.73 -6.21 3.53
N ASP A 13 -24.31 -6.54 2.38
CA ASP A 13 -25.07 -5.57 1.56
C ASP A 13 -25.69 -6.27 0.34
N GLU A 14 -26.17 -5.48 -0.62
CA GLU A 14 -26.81 -6.04 -1.83
C GLU A 14 -25.82 -6.52 -2.91
N TYR A 15 -24.60 -6.00 -2.92
CA TYR A 15 -23.67 -6.27 -4.03
C TYR A 15 -22.28 -6.70 -3.61
N SER A 16 -21.75 -6.06 -2.57
CA SER A 16 -20.36 -6.18 -2.14
C SER A 16 -19.45 -5.91 -3.36
N PRO A 17 -19.50 -4.65 -3.90
CA PRO A 17 -18.79 -4.29 -5.14
C PRO A 17 -17.31 -4.69 -5.14
N LYS A 18 -17.04 -5.92 -5.57
CA LYS A 18 -15.66 -6.44 -5.67
C LYS A 18 -14.81 -5.53 -6.58
N ARG A 19 -15.45 -4.84 -7.53
CA ARG A 19 -14.79 -3.87 -8.39
C ARG A 19 -14.26 -2.69 -7.55
N HIS A 20 -15.08 -2.26 -6.56
CA HIS A 20 -14.68 -1.20 -5.63
C HIS A 20 -13.46 -1.65 -4.85
N ASP A 21 -13.50 -2.90 -4.35
CA ASP A 21 -12.37 -3.49 -3.60
C ASP A 21 -11.07 -3.26 -4.34
N VAL A 22 -11.03 -3.71 -5.59
CA VAL A 22 -9.84 -3.53 -6.43
C VAL A 22 -9.49 -2.04 -6.51
N ALA A 23 -10.47 -1.21 -6.88
CA ALA A 23 -10.29 0.25 -6.96
C ALA A 23 -9.74 0.81 -5.64
N GLN A 24 -10.37 0.42 -4.52
CA GLN A 24 -9.93 0.88 -3.21
C GLN A 24 -8.54 0.37 -2.87
N LEU A 25 -8.23 -0.89 -3.25
CA LEU A 25 -6.88 -1.43 -3.06
C LEU A 25 -5.89 -0.48 -3.72
N LYS A 26 -6.18 -0.13 -4.98
CA LYS A 26 -5.38 0.84 -5.73
C LYS A 26 -5.33 2.17 -4.96
N PHE A 27 -6.52 2.79 -4.79
CA PHE A 27 -6.63 4.07 -4.07
C PHE A 27 -5.88 4.05 -2.74
N LEU A 28 -6.00 2.95 -1.99
CA LEU A 28 -5.28 2.80 -0.71
C LEU A 28 -3.78 2.94 -0.95
N CYS A 29 -3.26 2.15 -1.89
CA CYS A 29 -1.84 2.21 -2.26
C CYS A 29 -1.47 3.61 -2.79
N GLU A 30 -2.26 4.12 -3.74
CA GLU A 30 -2.04 5.46 -4.31
C GLU A 30 -1.97 6.52 -3.20
N SER A 31 -2.93 6.46 -2.27
CA SER A 31 -2.97 7.37 -1.13
C SER A 31 -1.75 7.15 -0.23
N LEU A 32 -1.52 5.89 0.18
CA LEU A 32 -0.36 5.55 1.01
C LEU A 32 0.93 6.05 0.38
N TYR A 33 1.08 5.83 -0.93
CA TYR A 33 2.24 6.29 -1.66
C TYR A 33 2.44 7.80 -1.43
N ASP A 34 1.35 8.57 -1.51
CA ASP A 34 1.39 10.02 -1.27
C ASP A 34 1.74 10.32 0.18
N GLU A 35 0.98 9.73 1.11
CA GLU A 35 1.25 9.90 2.55
C GLU A 35 2.71 9.58 2.84
N GLY A 36 3.15 8.43 2.34
CA GLY A 36 4.50 8.00 2.52
C GLY A 36 5.48 8.95 1.93
N ILE A 37 5.37 9.23 0.63
CA ILE A 37 6.26 10.20 -0.02
C ILE A 37 6.24 11.53 0.75
N ALA A 38 5.05 11.94 1.21
CA ALA A 38 4.91 13.16 2.02
C ALA A 38 5.85 13.13 3.21
N THR A 39 5.80 12.04 3.98
CA THR A 39 6.66 11.93 5.16
C THR A 39 8.09 11.41 4.83
N LEU A 40 8.19 10.43 3.94
CA LEU A 40 9.49 9.83 3.56
C LEU A 40 10.37 10.76 2.70
N GLY A 41 9.75 11.72 2.00
CA GLY A 41 10.51 12.62 1.12
C GLY A 41 11.67 13.28 1.82
N ASP A 42 11.35 14.19 2.70
CA ASP A 42 12.34 14.91 3.47
C ASP A 42 11.87 15.14 4.88
N SER A 43 12.77 14.96 5.84
CA SER A 43 12.46 15.21 7.24
C SER A 43 12.28 16.71 7.47
N HIS A 44 11.09 17.11 7.89
CA HIS A 44 10.76 18.54 8.11
C HIS A 44 11.88 19.28 8.84
N HIS A 45 12.35 18.70 9.93
CA HIS A 45 13.43 19.31 10.72
C HIS A 45 14.74 18.53 10.62
N GLY A 46 14.88 17.69 9.59
CA GLY A 46 16.10 16.89 9.42
C GLY A 46 16.29 15.76 10.44
N TRP A 47 15.44 15.71 11.48
CA TRP A 47 15.53 14.65 12.49
C TRP A 47 14.98 13.35 11.93
N VAL A 48 14.92 12.32 12.76
CA VAL A 48 14.42 11.02 12.30
C VAL A 48 12.89 11.08 12.10
N ASN A 49 12.37 10.10 11.38
CA ASN A 49 10.93 9.98 11.19
C ASN A 49 10.37 9.24 12.37
N ASP A 50 9.67 9.97 13.21
CA ASP A 50 9.17 9.43 14.46
C ASP A 50 8.08 8.39 14.23
N PRO A 51 8.22 7.17 14.79
CA PRO A 51 7.21 6.10 14.66
C PRO A 51 5.83 6.50 15.21
N THR A 52 5.80 7.45 16.14
CA THR A 52 4.53 7.87 16.74
C THR A 52 3.93 9.10 16.04
N SER A 53 4.68 9.72 15.11
CA SER A 53 4.19 10.87 14.39
C SER A 53 2.85 10.52 13.73
N ALA A 54 1.90 11.47 13.77
CA ALA A 54 0.55 11.22 13.22
C ALA A 54 0.61 10.51 11.88
N VAL A 55 1.36 11.05 10.92
CA VAL A 55 1.45 10.44 9.58
C VAL A 55 1.93 8.98 9.69
N ASN A 56 2.99 8.75 10.48
CA ASN A 56 3.50 7.39 10.73
C ASN A 56 2.36 6.49 11.21
N LEU A 57 1.49 7.04 12.06
CA LEU A 57 0.33 6.30 12.55
C LEU A 57 -0.65 6.12 11.41
N GLN A 58 -0.90 7.21 10.66
CA GLN A 58 -1.78 7.16 9.50
C GLN A 58 -1.38 6.03 8.56
N LEU A 59 -0.10 6.02 8.19
CA LEU A 59 0.46 4.98 7.31
C LEU A 59 0.41 3.63 8.01
N ASN A 60 0.75 3.60 9.30
CA ASN A 60 0.67 2.34 10.09
C ASN A 60 -0.73 1.76 9.98
N ASP A 61 -1.74 2.64 10.09
CA ASP A 61 -3.14 2.25 9.90
C ASP A 61 -3.32 1.77 8.48
N LEU A 62 -2.97 2.65 7.53
CA LEU A 62 -3.03 2.35 6.09
C LEU A 62 -2.51 0.95 5.81
N ILE A 63 -1.25 0.73 6.20
CA ILE A 63 -0.56 -0.55 6.02
C ILE A 63 -1.47 -1.72 6.41
N GLU A 64 -1.86 -1.77 7.69
CA GLU A 64 -2.73 -2.86 8.16
C GLU A 64 -4.11 -2.77 7.55
N HIS A 65 -4.64 -1.56 7.43
CA HIS A 65 -5.93 -1.31 6.79
C HIS A 65 -5.98 -2.05 5.45
N ILE A 66 -4.92 -1.88 4.66
CA ILE A 66 -4.77 -2.57 3.40
C ILE A 66 -4.46 -4.06 3.65
N ALA A 67 -3.55 -4.35 4.61
CA ALA A 67 -3.16 -5.74 4.94
C ALA A 67 -4.40 -6.60 5.24
N SER A 68 -5.13 -6.20 6.26
CA SER A 68 -6.37 -6.88 6.66
C SER A 68 -7.37 -6.93 5.49
N PHE A 69 -7.36 -5.89 4.64
CA PHE A 69 -8.21 -5.86 3.45
C PHE A 69 -7.74 -6.95 2.46
N VAL A 70 -6.42 -6.98 2.20
CA VAL A 70 -5.79 -7.96 1.31
C VAL A 70 -6.18 -9.38 1.73
N MET A 71 -6.21 -9.65 3.05
CA MET A 71 -6.63 -10.97 3.56
C MET A 71 -7.90 -11.42 2.84
N SER A 72 -8.91 -10.54 2.84
CA SER A 72 -10.18 -10.81 2.17
C SER A 72 -10.00 -10.81 0.64
N PHE A 73 -9.24 -9.82 0.13
CA PHE A 73 -8.99 -9.68 -1.32
C PHE A 73 -8.67 -11.03 -1.99
N LYS A 74 -7.60 -11.70 -1.53
CA LYS A 74 -7.21 -13.00 -2.11
C LYS A 74 -8.29 -14.09 -1.99
N ILE A 75 -9.25 -13.92 -1.07
CA ILE A 75 -10.35 -14.86 -0.93
C ILE A 75 -11.24 -14.75 -2.17
N LYS A 76 -11.51 -13.51 -2.59
CA LYS A 76 -12.33 -13.25 -3.74
C LYS A 76 -11.59 -13.62 -5.02
N TYR A 77 -10.35 -13.16 -5.15
CA TYR A 77 -9.57 -13.39 -6.35
C TYR A 77 -8.15 -13.83 -6.01
N PRO A 78 -7.92 -15.15 -5.79
CA PRO A 78 -6.57 -15.69 -5.55
C PRO A 78 -5.60 -15.39 -6.71
N ASP A 79 -6.17 -15.03 -7.89
CA ASP A 79 -5.38 -14.65 -9.07
C ASP A 79 -4.55 -13.39 -8.83
N ASP A 80 -4.78 -12.73 -7.70
CA ASP A 80 -4.03 -11.54 -7.32
C ASP A 80 -2.68 -11.87 -6.70
N GLY A 81 -2.25 -13.11 -6.85
CA GLY A 81 -1.03 -13.58 -6.26
C GLY A 81 0.12 -12.60 -6.25
N ASP A 82 0.30 -11.85 -7.35
CA ASP A 82 1.36 -10.81 -7.37
C ASP A 82 0.84 -9.55 -6.73
N LEU A 83 -0.40 -9.19 -7.05
CA LEU A 83 -1.05 -8.00 -6.48
C LEU A 83 -0.98 -8.00 -4.96
N SER A 84 -1.55 -9.03 -4.31
CA SER A 84 -1.50 -9.09 -2.83
C SER A 84 -0.07 -9.12 -2.37
N GLU A 85 0.70 -10.07 -2.91
CA GLU A 85 2.10 -10.19 -2.65
C GLU A 85 2.81 -8.82 -2.69
N LEU A 86 2.58 -8.09 -3.76
CA LEU A 86 3.18 -6.77 -3.97
C LEU A 86 2.60 -5.76 -3.00
N VAL A 87 1.27 -5.76 -2.86
CA VAL A 87 0.61 -4.87 -1.92
C VAL A 87 1.17 -5.11 -0.53
N GLU A 88 1.16 -6.39 -0.11
CA GLU A 88 1.72 -6.82 1.17
C GLU A 88 3.18 -6.40 1.28
N GLU A 89 3.97 -6.67 0.21
CA GLU A 89 5.35 -6.20 0.15
C GLU A 89 5.37 -4.71 0.44
N TYR A 90 4.55 -3.96 -0.30
CA TYR A 90 4.42 -2.52 -0.10
C TYR A 90 4.10 -2.19 1.35
N LEU A 91 3.04 -2.78 1.90
CA LEU A 91 2.66 -2.54 3.32
C LEU A 91 3.85 -2.83 4.22
N ASP A 92 4.46 -3.99 4.01
CA ASP A 92 5.66 -4.42 4.74
C ASP A 92 6.77 -3.40 4.61
N ASP A 93 7.14 -3.09 3.37
CA ASP A 93 8.20 -2.11 3.08
C ASP A 93 7.87 -0.80 3.80
N THR A 94 6.64 -0.31 3.59
CA THR A 94 6.15 0.89 4.27
C THR A 94 6.39 0.77 5.78
N TYR A 95 5.89 -0.33 6.37
CA TYR A 95 6.06 -0.57 7.79
C TYR A 95 7.54 -0.57 8.17
N THR A 96 8.34 -1.40 7.50
CA THR A 96 9.78 -1.49 7.76
C THR A 96 10.43 -0.08 7.78
N LEU A 97 10.10 0.74 6.78
CA LEU A 97 10.62 2.11 6.70
C LEU A 97 10.20 2.91 7.91
N PHE A 98 8.88 3.16 8.01
CA PHE A 98 8.32 3.98 9.08
C PHE A 98 8.66 3.47 10.46
N SER A 99 8.93 2.18 10.57
CA SER A 99 9.35 1.60 11.82
C SER A 99 10.81 1.97 12.13
N SER A 100 11.59 2.28 11.10
CA SER A 100 12.96 2.69 11.26
C SER A 100 12.99 4.20 11.46
N TYR A 101 13.26 4.64 12.72
CA TYR A 101 13.31 6.07 13.07
C TYR A 101 13.92 6.89 11.94
N GLY A 102 15.14 6.55 11.55
CA GLY A 102 15.74 7.20 10.42
C GLY A 102 15.44 6.43 9.18
N ILE A 103 14.84 7.09 8.20
CA ILE A 103 14.48 6.43 6.97
C ILE A 103 15.73 5.91 6.27
N ASN A 104 15.64 4.69 5.79
CA ASN A 104 16.77 4.01 5.16
C ASN A 104 16.53 3.88 3.67
N ASP A 105 17.47 4.39 2.87
CA ASP A 105 17.34 4.34 1.42
C ASP A 105 17.21 2.91 0.87
N PRO A 106 18.02 1.91 1.35
CA PRO A 106 17.91 0.52 0.87
C PRO A 106 16.46 0.02 0.93
N GLU A 107 15.81 0.27 2.07
CA GLU A 107 14.42 -0.10 2.27
C GLU A 107 13.53 0.84 1.46
N LEU A 108 13.78 2.15 1.56
CA LEU A 108 12.98 3.14 0.84
C LEU A 108 13.00 2.89 -0.66
N GLN A 109 14.19 2.73 -1.24
CA GLN A 109 14.31 2.45 -2.67
C GLN A 109 13.59 1.15 -3.01
N ARG A 110 13.67 0.17 -2.10
CA ARG A 110 12.91 -1.05 -2.18
C ARG A 110 11.41 -0.69 -2.25
N TRP A 111 10.97 0.07 -1.25
CA TRP A 111 9.59 0.60 -1.16
C TRP A 111 9.20 1.23 -2.50
N GLN A 112 10.08 2.10 -3.01
CA GLN A 112 9.88 2.73 -4.31
C GLN A 112 9.68 1.67 -5.40
N LYS A 113 10.63 0.74 -5.52
CA LYS A 113 10.52 -0.34 -6.51
C LYS A 113 9.21 -1.11 -6.35
N THR A 114 8.86 -1.43 -5.11
CA THR A 114 7.63 -2.15 -4.83
C THR A 114 6.40 -1.36 -5.34
N LYS A 115 6.32 -0.03 -5.06
CA LYS A 115 5.18 0.75 -5.59
C LYS A 115 5.20 0.73 -7.09
N GLU A 116 6.36 1.03 -7.69
CA GLU A 116 6.51 1.03 -9.15
C GLU A 116 5.81 -0.18 -9.74
N ARG A 117 6.25 -1.38 -9.33
CA ARG A 117 5.59 -2.61 -9.75
C ARG A 117 4.09 -2.52 -9.48
N LEU A 118 3.75 -2.26 -8.21
CA LEU A 118 2.37 -2.20 -7.75
C LEU A 118 1.49 -1.37 -8.67
N PHE A 119 1.98 -0.21 -9.08
CA PHE A 119 1.23 0.67 -9.96
C PHE A 119 1.06 0.06 -11.33
N ARG A 120 1.99 -0.79 -11.74
CA ARG A 120 1.86 -1.51 -13.00
C ARG A 120 0.76 -2.56 -12.87
N LEU A 121 0.74 -3.28 -11.74
CA LEU A 121 -0.33 -4.18 -11.47
C LEU A 121 -1.65 -3.42 -11.46
N PHE A 122 -1.70 -2.34 -10.67
CA PHE A 122 -2.88 -1.47 -10.58
C PHE A 122 -3.16 -0.70 -11.87
N SER A 123 -2.22 -0.69 -12.82
CA SER A 123 -2.43 -0.02 -14.12
C SER A 123 -3.39 -0.85 -15.00
N GLY A 124 -3.71 -2.08 -14.60
CA GLY A 124 -4.62 -2.90 -15.36
C GLY A 124 -4.08 -4.27 -15.71
N GLU A 125 -3.04 -4.76 -15.01
CA GLU A 125 -2.54 -6.11 -15.26
C GLU A 125 -3.64 -7.10 -14.90
N TYR A 126 -3.79 -7.33 -13.60
CA TYR A 126 -4.82 -8.21 -13.06
C TYR A 126 -6.13 -7.44 -12.79
N ILE A 127 -6.00 -6.13 -12.49
CA ILE A 127 -7.15 -5.26 -12.15
C ILE A 127 -8.34 -5.44 -13.10
N SER A 128 -8.13 -5.17 -14.38
CA SER A 128 -9.22 -5.24 -15.37
C SER A 128 -9.91 -6.61 -15.41
N THR A 129 -9.16 -7.68 -15.19
CA THR A 129 -9.74 -9.01 -15.14
C THR A 129 -10.43 -9.22 -13.79
N LEU A 130 -9.84 -8.64 -12.75
CA LEU A 130 -10.37 -8.67 -11.39
C LEU A 130 -11.69 -7.91 -11.29
N MET A 131 -11.75 -6.75 -11.92
CA MET A 131 -12.93 -5.89 -11.92
C MET A 131 -13.43 -5.67 -13.36
N LYS A 132 -13.92 -6.76 -13.97
CA LYS A 132 -14.38 -6.71 -15.37
C LYS A 132 -15.39 -5.57 -15.59
N THR A 133 -16.57 -5.69 -15.00
CA THR A 133 -17.60 -4.68 -15.14
C THR A 133 -17.40 -3.54 -14.12
N MET A 12 -20.47 3.46 7.36
CA MET A 12 -21.58 2.47 7.46
C MET A 12 -21.17 1.15 6.78
N ASP A 13 -22.17 0.31 6.43
CA ASP A 13 -21.92 -1.00 5.80
C ASP A 13 -21.14 -0.87 4.50
N GLU A 14 -20.11 -1.70 4.34
CA GLU A 14 -19.28 -1.73 3.14
C GLU A 14 -19.77 -2.82 2.18
N TYR A 15 -19.93 -2.45 0.92
CA TYR A 15 -20.39 -3.36 -0.11
C TYR A 15 -19.24 -3.99 -0.89
N SER A 16 -18.09 -3.31 -0.91
CA SER A 16 -16.93 -3.75 -1.64
C SER A 16 -17.26 -4.20 -3.07
N PRO A 17 -17.69 -3.26 -3.95
CA PRO A 17 -17.93 -3.59 -5.35
C PRO A 17 -16.59 -3.96 -6.00
N LYS A 18 -16.53 -5.10 -6.69
CA LYS A 18 -15.25 -5.58 -7.28
C LYS A 18 -14.49 -4.47 -8.01
N ARG A 19 -15.19 -3.69 -8.84
CA ARG A 19 -14.58 -2.56 -9.54
C ARG A 19 -13.99 -1.58 -8.50
N HIS A 20 -14.81 -1.23 -7.51
CA HIS A 20 -14.40 -0.33 -6.43
C HIS A 20 -13.20 -0.91 -5.69
N ASP A 21 -13.26 -2.22 -5.35
CA ASP A 21 -12.15 -2.90 -4.65
C ASP A 21 -10.83 -2.57 -5.32
N VAL A 22 -10.81 -2.66 -6.65
CA VAL A 22 -9.64 -2.31 -7.45
C VAL A 22 -9.22 -0.87 -7.16
N ALA A 23 -10.13 0.08 -7.44
CA ALA A 23 -9.88 1.50 -7.18
C ALA A 23 -9.43 1.69 -5.74
N GLN A 24 -10.14 1.06 -4.82
CA GLN A 24 -9.81 1.09 -3.39
C GLN A 24 -8.37 0.61 -3.17
N LEU A 25 -8.03 -0.58 -3.70
CA LEU A 25 -6.69 -1.14 -3.55
C LEU A 25 -5.62 -0.18 -4.05
N LYS A 26 -5.76 0.30 -5.30
CA LYS A 26 -4.80 1.25 -5.83
C LYS A 26 -4.83 2.54 -4.99
N PHE A 27 -6.04 3.04 -4.71
CA PHE A 27 -6.23 4.23 -3.85
C PHE A 27 -5.45 4.07 -2.55
N LEU A 28 -5.52 2.90 -1.91
CA LEU A 28 -4.78 2.66 -0.67
C LEU A 28 -3.27 2.81 -0.94
N CYS A 29 -2.79 2.11 -1.99
CA CYS A 29 -1.37 2.19 -2.38
C CYS A 29 -0.99 3.63 -2.72
N GLU A 30 -1.85 4.31 -3.48
CA GLU A 30 -1.64 5.69 -3.88
C GLU A 30 -1.67 6.62 -2.67
N SER A 31 -2.76 6.57 -1.88
CA SER A 31 -2.86 7.35 -0.63
C SER A 31 -1.61 7.15 0.21
N LEU A 32 -1.27 5.87 0.48
CA LEU A 32 -0.07 5.55 1.24
C LEU A 32 1.17 6.13 0.58
N TYR A 33 1.18 6.18 -0.75
CA TYR A 33 2.29 6.81 -1.46
C TYR A 33 2.27 8.32 -1.16
N ASP A 34 1.07 8.90 -1.20
CA ASP A 34 0.87 10.34 -0.97
C ASP A 34 1.24 10.73 0.45
N GLU A 35 0.59 10.11 1.43
CA GLU A 35 0.93 10.39 2.85
C GLU A 35 2.35 9.89 3.15
N GLY A 36 2.72 8.77 2.50
CA GLY A 36 4.03 8.19 2.69
C GLY A 36 5.13 9.12 2.27
N ILE A 37 5.12 9.59 1.01
CA ILE A 37 6.14 10.52 0.53
C ILE A 37 6.20 11.74 1.46
N ALA A 38 5.04 12.32 1.78
CA ALA A 38 4.95 13.47 2.70
C ALA A 38 5.71 13.17 4.01
N THR A 39 5.55 11.95 4.51
CA THR A 39 6.20 11.54 5.75
C THR A 39 7.67 11.10 5.54
N LEU A 40 7.90 10.27 4.51
CA LEU A 40 9.22 9.73 4.22
C LEU A 40 10.23 10.81 3.79
N GLY A 41 9.73 11.92 3.26
CA GLY A 41 10.61 13.00 2.82
C GLY A 41 11.02 13.88 3.97
N ASP A 42 10.83 15.20 3.81
CA ASP A 42 11.16 16.14 4.88
C ASP A 42 10.09 16.10 5.96
N SER A 43 10.28 15.22 6.93
CA SER A 43 9.32 15.07 8.03
C SER A 43 9.19 16.36 8.85
N HIS A 44 7.97 16.62 9.36
CA HIS A 44 7.68 17.86 10.11
C HIS A 44 8.66 18.16 11.23
N HIS A 45 8.96 17.16 12.08
CA HIS A 45 9.88 17.39 13.21
C HIS A 45 11.34 17.60 12.72
N GLY A 46 11.65 17.16 11.49
CA GLY A 46 12.97 17.44 10.90
C GLY A 46 14.14 16.72 11.56
N TRP A 47 13.87 15.68 12.33
CA TRP A 47 14.94 14.91 12.98
C TRP A 47 15.00 13.49 12.43
N VAL A 48 13.91 12.76 12.63
CA VAL A 48 13.80 11.35 12.21
C VAL A 48 12.33 11.00 11.92
N ASN A 49 12.11 9.84 11.33
CA ASN A 49 10.76 9.36 11.06
C ASN A 49 10.21 8.66 12.29
N ASP A 50 9.26 9.30 12.95
CA ASP A 50 8.68 8.76 14.19
C ASP A 50 7.54 7.81 13.85
N PRO A 51 7.73 6.47 14.00
CA PRO A 51 6.65 5.49 13.74
C PRO A 51 5.31 5.90 14.40
N THR A 52 5.40 6.62 15.51
CA THR A 52 4.23 7.08 16.26
C THR A 52 3.68 8.45 15.78
N SER A 53 4.34 9.05 14.81
CA SER A 53 3.91 10.33 14.25
C SER A 53 2.51 10.19 13.65
N ALA A 54 1.72 11.27 13.66
CA ALA A 54 0.34 11.24 13.14
C ALA A 54 0.26 10.63 11.74
N VAL A 55 1.25 10.94 10.91
CA VAL A 55 1.30 10.39 9.59
C VAL A 55 1.75 8.95 9.67
N ASN A 56 2.88 8.72 10.36
CA ASN A 56 3.42 7.37 10.50
C ASN A 56 2.35 6.42 11.04
N LEU A 57 1.57 6.88 12.03
CA LEU A 57 0.45 6.09 12.58
C LEU A 57 -0.56 5.81 11.49
N GLN A 58 -1.03 6.88 10.82
CA GLN A 58 -1.94 6.76 9.73
C GLN A 58 -1.46 5.80 8.68
N LEU A 59 -0.21 5.97 8.24
CA LEU A 59 0.42 5.07 7.28
C LEU A 59 0.47 3.65 7.84
N ASN A 60 0.86 3.52 9.11
CA ASN A 60 0.88 2.22 9.78
C ASN A 60 -0.49 1.57 9.69
N ASP A 61 -1.54 2.36 9.96
CA ASP A 61 -2.93 1.93 9.81
C ASP A 61 -3.18 1.57 8.36
N LEU A 62 -2.90 2.53 7.47
CA LEU A 62 -3.00 2.36 6.02
C LEU A 62 -2.45 1.00 5.61
N ILE A 63 -1.21 0.74 6.01
CA ILE A 63 -0.54 -0.54 5.73
C ILE A 63 -1.42 -1.72 6.18
N GLU A 64 -1.88 -1.68 7.42
CA GLU A 64 -2.78 -2.72 7.94
C GLU A 64 -4.11 -2.70 7.21
N HIS A 65 -4.63 -1.50 6.96
CA HIS A 65 -5.84 -1.29 6.18
C HIS A 65 -5.71 -2.02 4.84
N ILE A 66 -4.54 -1.86 4.21
CA ILE A 66 -4.23 -2.56 2.97
C ILE A 66 -4.14 -4.06 3.28
N ALA A 67 -3.41 -4.41 4.36
CA ALA A 67 -3.27 -5.80 4.82
C ALA A 67 -4.65 -6.48 4.94
N SER A 68 -5.55 -5.85 5.69
CA SER A 68 -6.89 -6.37 5.88
C SER A 68 -7.67 -6.35 4.56
N PHE A 69 -7.52 -5.27 3.79
CA PHE A 69 -8.15 -5.20 2.47
C PHE A 69 -7.67 -6.37 1.61
N VAL A 70 -6.37 -6.63 1.64
CA VAL A 70 -5.78 -7.79 0.96
C VAL A 70 -6.47 -9.06 1.46
N MET A 71 -6.61 -9.19 2.80
CA MET A 71 -7.35 -10.33 3.40
C MET A 71 -8.72 -10.48 2.70
N SER A 72 -9.46 -9.37 2.58
CA SER A 72 -10.72 -9.36 1.87
C SER A 72 -10.50 -9.76 0.41
N PHE A 73 -9.44 -9.21 -0.19
CA PHE A 73 -9.08 -9.50 -1.56
C PHE A 73 -8.95 -10.99 -1.81
N LYS A 74 -8.14 -11.69 -1.00
CA LYS A 74 -8.01 -13.16 -1.15
C LYS A 74 -9.39 -13.84 -1.11
N ILE A 75 -10.33 -13.28 -0.35
CA ILE A 75 -11.68 -13.81 -0.29
C ILE A 75 -12.37 -13.57 -1.62
N LYS A 76 -12.38 -12.32 -2.06
CA LYS A 76 -13.05 -11.96 -3.32
C LYS A 76 -12.34 -12.56 -4.56
N TYR A 77 -11.01 -12.50 -4.60
CA TYR A 77 -10.25 -13.01 -5.72
C TYR A 77 -9.38 -14.20 -5.31
N PRO A 78 -9.66 -15.42 -5.86
CA PRO A 78 -8.89 -16.65 -5.51
C PRO A 78 -7.45 -16.68 -6.06
N ASP A 79 -7.20 -15.92 -7.14
CA ASP A 79 -5.89 -15.90 -7.80
C ASP A 79 -5.14 -14.59 -7.54
N ASP A 80 -5.50 -13.92 -6.46
CA ASP A 80 -4.91 -12.66 -6.07
C ASP A 80 -3.46 -12.80 -5.65
N GLY A 81 -3.03 -14.03 -5.45
CA GLY A 81 -1.72 -14.31 -4.98
C GLY A 81 -0.62 -13.43 -5.56
N ASP A 82 -0.75 -13.06 -6.85
CA ASP A 82 0.24 -12.18 -7.52
C ASP A 82 0.19 -10.77 -6.96
N LEU A 83 -1.03 -10.24 -6.83
CA LEU A 83 -1.22 -8.91 -6.26
C LEU A 83 -0.93 -8.99 -4.77
N SER A 84 -1.46 -10.02 -4.14
CA SER A 84 -1.27 -10.26 -2.72
C SER A 84 0.21 -10.23 -2.36
N GLU A 85 0.96 -11.14 -2.94
CA GLU A 85 2.39 -11.23 -2.71
C GLU A 85 3.11 -9.90 -2.90
N LEU A 86 2.78 -9.21 -3.98
CA LEU A 86 3.35 -7.90 -4.30
C LEU A 86 2.92 -6.87 -3.26
N VAL A 87 1.60 -6.79 -3.00
CA VAL A 87 1.08 -5.87 -1.99
C VAL A 87 1.72 -6.18 -0.63
N GLU A 88 1.69 -7.45 -0.24
CA GLU A 88 2.28 -7.90 1.02
C GLU A 88 3.75 -7.47 1.12
N GLU A 89 4.52 -7.67 0.03
CA GLU A 89 5.92 -7.21 -0.03
C GLU A 89 5.96 -5.71 0.24
N TYR A 90 5.20 -4.98 -0.58
CA TYR A 90 5.07 -3.53 -0.48
C TYR A 90 4.66 -3.10 0.95
N LEU A 91 3.70 -3.82 1.54
CA LEU A 91 3.27 -3.55 2.91
C LEU A 91 4.46 -3.65 3.84
N ASP A 92 5.15 -4.77 3.74
CA ASP A 92 6.39 -5.02 4.50
C ASP A 92 7.35 -3.88 4.33
N ASP A 93 7.60 -3.51 3.06
CA ASP A 93 8.50 -2.38 2.74
C ASP A 93 8.07 -1.15 3.52
N THR A 94 6.79 -0.77 3.35
CA THR A 94 6.22 0.36 4.09
C THR A 94 6.44 0.17 5.60
N TYR A 95 6.03 -0.99 6.10
CA TYR A 95 6.16 -1.32 7.50
C TYR A 95 7.61 -1.14 7.95
N THR A 96 8.53 -1.80 7.28
CA THR A 96 9.96 -1.70 7.58
C THR A 96 10.44 -0.24 7.52
N LEU A 97 10.01 0.49 6.46
CA LEU A 97 10.35 1.92 6.30
C LEU A 97 9.95 2.70 7.53
N PHE A 98 8.63 2.80 7.75
CA PHE A 98 8.10 3.54 8.90
C PHE A 98 8.53 2.92 10.23
N SER A 99 8.94 1.65 10.20
CA SER A 99 9.46 1.01 11.39
C SER A 99 10.88 1.54 11.68
N SER A 100 11.59 1.95 10.63
CA SER A 100 12.92 2.51 10.75
C SER A 100 12.83 3.99 11.11
N TYR A 101 13.46 4.37 12.22
CA TYR A 101 13.45 5.77 12.67
C TYR A 101 14.03 6.70 11.61
N GLY A 102 14.95 6.21 10.81
CA GLY A 102 15.49 7.02 9.75
C GLY A 102 15.16 6.44 8.41
N ILE A 103 14.56 7.23 7.54
CA ILE A 103 14.22 6.77 6.21
C ILE A 103 15.46 6.83 5.33
N ASN A 104 15.72 5.77 4.60
CA ASN A 104 16.91 5.70 3.75
C ASN A 104 16.54 5.42 2.31
N ASP A 105 17.46 5.75 1.40
CA ASP A 105 17.23 5.60 -0.05
C ASP A 105 16.85 4.19 -0.47
N PRO A 106 17.74 3.17 -0.27
CA PRO A 106 17.48 1.79 -0.71
C PRO A 106 16.15 1.25 -0.21
N GLU A 107 15.94 1.31 1.10
CA GLU A 107 14.72 0.86 1.72
C GLU A 107 13.50 1.54 1.09
N LEU A 108 13.57 2.87 0.92
CA LEU A 108 12.49 3.59 0.27
C LEU A 108 12.41 3.22 -1.21
N GLN A 109 13.56 3.09 -1.87
CA GLN A 109 13.58 2.69 -3.26
C GLN A 109 12.91 1.33 -3.43
N ARG A 110 13.15 0.41 -2.47
CA ARG A 110 12.44 -0.88 -2.42
C ARG A 110 10.94 -0.61 -2.51
N TRP A 111 10.47 0.22 -1.57
CA TRP A 111 9.06 0.68 -1.53
C TRP A 111 8.61 1.12 -2.91
N GLN A 112 9.35 2.06 -3.49
CA GLN A 112 9.04 2.57 -4.83
C GLN A 112 8.95 1.44 -5.85
N LYS A 113 9.93 0.51 -5.80
CA LYS A 113 9.99 -0.66 -6.68
C LYS A 113 8.75 -1.54 -6.52
N THR A 114 8.42 -1.90 -5.29
CA THR A 114 7.24 -2.71 -5.05
C THR A 114 5.99 -1.96 -5.50
N LYS A 115 5.94 -0.65 -5.21
CA LYS A 115 4.83 0.20 -5.66
C LYS A 115 4.67 0.11 -7.16
N GLU A 116 5.75 0.43 -7.90
CA GLU A 116 5.68 0.40 -9.36
C GLU A 116 5.14 -0.94 -9.85
N ARG A 117 5.77 -2.05 -9.42
CA ARG A 117 5.25 -3.40 -9.76
C ARG A 117 3.76 -3.49 -9.47
N LEU A 118 3.38 -3.06 -8.26
CA LEU A 118 1.97 -3.06 -7.86
C LEU A 118 1.15 -2.26 -8.86
N PHE A 119 1.60 -1.03 -9.16
CA PHE A 119 0.89 -0.14 -10.07
C PHE A 119 0.78 -0.75 -11.43
N ARG A 120 1.85 -1.39 -11.86
CA ARG A 120 1.88 -2.03 -13.15
C ARG A 120 0.91 -3.17 -13.22
N LEU A 121 0.80 -3.96 -12.16
CA LEU A 121 -0.18 -4.98 -12.13
C LEU A 121 -1.57 -4.35 -11.99
N PHE A 122 -1.66 -3.36 -11.08
CA PHE A 122 -2.88 -2.54 -10.87
C PHE A 122 -3.41 -1.88 -12.16
N SER A 123 -2.62 -1.85 -13.25
CA SER A 123 -3.12 -1.24 -14.48
C SER A 123 -4.21 -2.11 -15.11
N GLY A 124 -4.27 -3.39 -14.72
CA GLY A 124 -5.29 -4.27 -15.23
C GLY A 124 -4.77 -5.57 -15.79
N GLU A 125 -3.43 -5.75 -15.79
CA GLU A 125 -2.83 -7.03 -16.23
C GLU A 125 -3.53 -8.18 -15.53
N TYR A 126 -3.47 -8.15 -14.20
CA TYR A 126 -4.15 -9.12 -13.35
C TYR A 126 -5.57 -8.66 -13.02
N ILE A 127 -5.74 -7.34 -12.86
CA ILE A 127 -7.02 -6.78 -12.45
C ILE A 127 -8.18 -7.12 -13.39
N SER A 128 -8.00 -6.97 -14.70
CA SER A 128 -9.10 -7.22 -15.65
C SER A 128 -9.74 -8.61 -15.46
N THR A 129 -8.92 -9.61 -15.12
CA THR A 129 -9.43 -10.93 -14.78
C THR A 129 -10.42 -10.83 -13.59
N LEU A 130 -10.04 -10.03 -12.59
CA LEU A 130 -10.88 -9.75 -11.42
C LEU A 130 -12.09 -8.86 -11.79
N MET A 131 -11.84 -7.75 -12.48
CA MET A 131 -12.91 -6.80 -12.84
C MET A 131 -13.36 -6.98 -14.28
N LYS A 132 -14.59 -7.45 -14.46
CA LYS A 132 -15.16 -7.67 -15.79
C LYS A 132 -15.26 -6.33 -16.54
N THR A 133 -16.12 -5.44 -16.04
CA THR A 133 -16.37 -4.17 -16.65
C THR A 133 -15.69 -3.01 -15.88
N MET A 12 -29.03 -2.16 -7.15
CA MET A 12 -29.42 -3.18 -8.15
C MET A 12 -28.24 -4.09 -8.51
N ASP A 13 -28.39 -5.40 -8.28
CA ASP A 13 -27.36 -6.44 -8.54
C ASP A 13 -26.04 -6.18 -7.80
N GLU A 14 -25.82 -6.97 -6.75
CA GLU A 14 -24.61 -6.90 -5.92
C GLU A 14 -24.55 -5.61 -5.13
N TYR A 15 -24.32 -5.72 -3.82
CA TYR A 15 -24.19 -4.56 -2.96
C TYR A 15 -22.74 -4.08 -2.86
N SER A 16 -21.79 -4.95 -3.21
CA SER A 16 -20.38 -4.62 -3.15
C SER A 16 -19.73 -4.56 -4.56
N PRO A 17 -19.93 -3.43 -5.31
CA PRO A 17 -19.33 -3.25 -6.64
C PRO A 17 -17.81 -3.41 -6.56
N LYS A 18 -17.31 -4.55 -7.04
CA LYS A 18 -15.87 -4.91 -6.95
C LYS A 18 -14.94 -3.72 -7.20
N ARG A 19 -15.20 -2.99 -8.31
CA ARG A 19 -14.38 -1.83 -8.70
C ARG A 19 -14.05 -0.91 -7.52
N HIS A 20 -15.05 -0.63 -6.68
CA HIS A 20 -14.86 0.22 -5.49
C HIS A 20 -13.75 -0.34 -4.60
N ASP A 21 -13.82 -1.65 -4.32
CA ASP A 21 -12.80 -2.32 -3.49
C ASP A 21 -11.46 -2.35 -4.23
N VAL A 22 -11.49 -2.74 -5.51
CA VAL A 22 -10.27 -2.75 -6.33
C VAL A 22 -9.61 -1.36 -6.27
N ALA A 23 -10.40 -0.33 -6.63
CA ALA A 23 -9.93 1.05 -6.62
C ALA A 23 -9.31 1.40 -5.29
N GLN A 24 -10.01 1.12 -4.19
CA GLN A 24 -9.47 1.42 -2.86
C GLN A 24 -8.18 0.64 -2.59
N LEU A 25 -8.14 -0.66 -2.97
CA LEU A 25 -6.95 -1.49 -2.76
C LEU A 25 -5.72 -0.77 -3.28
N LYS A 26 -5.82 -0.25 -4.51
CA LYS A 26 -4.74 0.53 -5.08
C LYS A 26 -4.68 1.90 -4.42
N PHE A 27 -5.85 2.58 -4.33
CA PHE A 27 -5.95 3.92 -3.72
C PHE A 27 -5.26 4.01 -2.37
N LEU A 28 -5.40 2.97 -1.53
CA LEU A 28 -4.73 2.96 -0.22
C LEU A 28 -3.22 3.12 -0.43
N CYS A 29 -2.66 2.32 -1.34
CA CYS A 29 -1.25 2.43 -1.72
C CYS A 29 -1.00 3.78 -2.39
N GLU A 30 -1.87 4.15 -3.35
CA GLU A 30 -1.77 5.45 -4.06
C GLU A 30 -1.66 6.61 -3.06
N SER A 31 -2.58 6.64 -2.10
CA SER A 31 -2.59 7.66 -1.05
C SER A 31 -1.39 7.48 -0.13
N LEU A 32 -1.09 6.22 0.24
CA LEU A 32 0.07 5.92 1.09
C LEU A 32 1.34 6.50 0.47
N TYR A 33 1.53 6.29 -0.85
CA TYR A 33 2.70 6.83 -1.53
C TYR A 33 2.77 8.35 -1.34
N ASP A 34 1.60 9.02 -1.33
CA ASP A 34 1.52 10.46 -1.07
C ASP A 34 1.92 10.74 0.36
N GLU A 35 1.20 10.10 1.30
CA GLU A 35 1.49 10.23 2.73
C GLU A 35 2.99 9.98 2.99
N GLY A 36 3.48 8.87 2.46
CA GLY A 36 4.86 8.50 2.63
C GLY A 36 5.80 9.60 2.22
N ILE A 37 5.73 10.02 0.95
CA ILE A 37 6.59 11.13 0.50
C ILE A 37 6.44 12.34 1.44
N ALA A 38 5.21 12.64 1.86
CA ALA A 38 4.97 13.72 2.81
C ALA A 38 5.78 13.53 4.10
N THR A 39 5.68 12.34 4.68
CA THR A 39 6.34 12.05 5.95
C THR A 39 7.83 11.63 5.80
N LEU A 40 8.25 11.19 4.61
CA LEU A 40 9.66 10.77 4.39
C LEU A 40 10.62 11.95 4.59
N GLY A 41 10.12 13.17 4.40
CA GLY A 41 10.92 14.36 4.69
C GLY A 41 10.24 15.21 5.75
N ASP A 42 9.49 14.57 6.66
CA ASP A 42 8.77 15.26 7.72
C ASP A 42 9.50 15.09 9.06
N SER A 43 10.72 15.58 9.10
CA SER A 43 11.57 15.45 10.27
C SER A 43 11.32 16.59 11.27
N HIS A 44 10.13 16.60 11.89
CA HIS A 44 9.74 17.67 12.87
C HIS A 44 10.88 17.94 13.85
N HIS A 45 11.43 16.87 14.43
CA HIS A 45 12.54 17.01 15.40
C HIS A 45 13.88 17.42 14.75
N GLY A 46 13.87 17.73 13.45
CA GLY A 46 15.08 18.18 12.76
C GLY A 46 16.04 17.08 12.36
N TRP A 47 16.00 15.95 13.03
CA TRP A 47 16.93 14.86 12.74
C TRP A 47 16.27 13.75 11.93
N VAL A 48 15.25 13.13 12.50
CA VAL A 48 14.59 11.98 11.91
C VAL A 48 13.09 12.21 11.72
N ASN A 49 12.43 11.29 11.00
CA ASN A 49 10.97 11.37 10.85
C ASN A 49 10.35 10.69 12.05
N ASP A 50 9.52 11.41 12.77
CA ASP A 50 8.93 10.87 13.98
C ASP A 50 7.90 9.82 13.64
N PRO A 51 8.00 8.61 14.24
CA PRO A 51 6.97 7.58 14.07
C PRO A 51 5.59 8.11 14.51
N THR A 52 5.60 9.13 15.37
CA THR A 52 4.40 9.77 15.87
C THR A 52 3.79 10.75 14.84
N SER A 53 4.50 11.00 13.72
CA SER A 53 3.98 11.89 12.68
C SER A 53 2.58 11.44 12.30
N ALA A 54 1.62 12.39 12.26
CA ALA A 54 0.23 12.05 11.93
C ALA A 54 0.20 11.07 10.77
N VAL A 55 0.88 11.42 9.69
CA VAL A 55 0.94 10.56 8.52
C VAL A 55 1.65 9.24 8.83
N ASN A 56 2.84 9.30 9.46
CA ASN A 56 3.60 8.08 9.84
C ASN A 56 2.67 7.10 10.55
N LEU A 57 1.82 7.64 11.43
CA LEU A 57 0.82 6.85 12.11
C LEU A 57 -0.23 6.37 11.12
N GLN A 58 -0.75 7.31 10.30
CA GLN A 58 -1.73 6.96 9.28
C GLN A 58 -1.26 5.79 8.43
N LEU A 59 0.00 5.86 7.99
CA LEU A 59 0.61 4.82 7.17
C LEU A 59 0.56 3.47 7.84
N ASN A 60 1.09 3.37 9.06
CA ASN A 60 1.08 2.08 9.78
C ASN A 60 -0.36 1.58 9.95
N ASP A 61 -1.28 2.51 10.26
CA ASP A 61 -2.70 2.19 10.39
C ASP A 61 -3.22 1.60 9.10
N LEU A 62 -3.09 2.36 8.01
CA LEU A 62 -3.56 1.90 6.72
C LEU A 62 -2.84 0.63 6.29
N ILE A 63 -1.52 0.55 6.56
CA ILE A 63 -0.72 -0.65 6.26
C ILE A 63 -1.44 -1.91 6.75
N GLU A 64 -1.81 -1.93 8.03
CA GLU A 64 -2.56 -3.06 8.59
C GLU A 64 -3.96 -3.11 7.99
N HIS A 65 -4.61 -1.96 7.96
CA HIS A 65 -5.95 -1.80 7.37
C HIS A 65 -6.01 -2.52 6.01
N ILE A 66 -5.05 -2.19 5.13
CA ILE A 66 -4.91 -2.82 3.83
C ILE A 66 -4.54 -4.30 4.00
N ALA A 67 -3.54 -4.58 4.87
CA ALA A 67 -3.08 -5.96 5.12
C ALA A 67 -4.27 -6.88 5.38
N SER A 68 -5.06 -6.52 6.37
CA SER A 68 -6.28 -7.26 6.73
C SER A 68 -7.21 -7.43 5.52
N PHE A 69 -7.36 -6.36 4.72
CA PHE A 69 -8.15 -6.42 3.48
C PHE A 69 -7.50 -7.42 2.52
N VAL A 70 -6.20 -7.29 2.34
CA VAL A 70 -5.43 -8.19 1.48
C VAL A 70 -5.67 -9.67 1.87
N MET A 71 -5.70 -9.98 3.18
CA MET A 71 -5.98 -11.36 3.64
C MET A 71 -7.31 -11.85 3.03
N SER A 72 -8.36 -11.02 3.16
CA SER A 72 -9.67 -11.31 2.59
C SER A 72 -9.58 -11.31 1.06
N PHE A 73 -8.79 -10.37 0.52
CA PHE A 73 -8.53 -10.31 -0.92
C PHE A 73 -8.05 -11.68 -1.41
N LYS A 74 -7.12 -12.31 -0.68
CA LYS A 74 -6.63 -13.67 -1.04
C LYS A 74 -7.81 -14.62 -1.25
N ILE A 75 -8.79 -14.50 -0.38
CA ILE A 75 -9.99 -15.33 -0.41
C ILE A 75 -10.83 -14.95 -1.62
N LYS A 76 -11.07 -13.66 -1.76
CA LYS A 76 -11.87 -13.13 -2.85
C LYS A 76 -11.24 -13.39 -4.21
N TYR A 77 -9.98 -13.04 -4.34
CA TYR A 77 -9.28 -13.15 -5.60
C TYR A 77 -7.89 -13.75 -5.46
N PRO A 78 -7.80 -15.09 -5.28
CA PRO A 78 -6.51 -15.79 -5.30
C PRO A 78 -5.80 -15.59 -6.66
N ASP A 79 -6.58 -15.21 -7.71
CA ASP A 79 -6.04 -14.98 -9.05
C ASP A 79 -5.06 -13.82 -9.08
N ASP A 80 -5.15 -12.94 -8.11
CA ASP A 80 -4.21 -11.88 -7.93
C ASP A 80 -3.32 -12.20 -6.73
N GLY A 81 -2.99 -13.49 -6.59
CA GLY A 81 -2.12 -13.92 -5.52
C GLY A 81 -0.86 -13.08 -5.45
N ASP A 82 -0.47 -12.47 -6.59
CA ASP A 82 0.69 -11.58 -6.64
C ASP A 82 0.32 -10.18 -6.19
N LEU A 83 -0.86 -9.70 -6.59
CA LEU A 83 -1.30 -8.35 -6.20
C LEU A 83 -1.34 -8.19 -4.71
N SER A 84 -1.94 -9.17 -4.05
CA SER A 84 -2.05 -9.16 -2.59
C SER A 84 -0.67 -9.13 -2.01
N GLU A 85 0.09 -10.12 -2.44
CA GLU A 85 1.47 -10.27 -2.14
C GLU A 85 2.23 -8.94 -2.28
N LEU A 86 2.07 -8.29 -3.44
CA LEU A 86 2.74 -7.01 -3.72
C LEU A 86 2.25 -5.94 -2.78
N VAL A 87 0.93 -5.85 -2.61
CA VAL A 87 0.36 -4.91 -1.65
C VAL A 87 1.05 -5.13 -0.31
N GLU A 88 1.06 -6.41 0.16
CA GLU A 88 1.74 -6.80 1.39
C GLU A 88 3.18 -6.32 1.39
N GLU A 89 3.90 -6.56 0.28
CA GLU A 89 5.29 -6.09 0.14
C GLU A 89 5.33 -4.60 0.40
N TYR A 90 4.43 -3.86 -0.23
CA TYR A 90 4.34 -2.42 -0.07
C TYR A 90 4.05 -2.05 1.38
N LEU A 91 3.04 -2.67 1.99
CA LEU A 91 2.71 -2.42 3.40
C LEU A 91 3.95 -2.67 4.27
N ASP A 92 4.56 -3.83 4.07
CA ASP A 92 5.81 -4.24 4.73
C ASP A 92 6.90 -3.20 4.48
N ASP A 93 7.10 -2.88 3.19
CA ASP A 93 8.08 -1.89 2.74
C ASP A 93 7.89 -0.56 3.47
N THR A 94 6.69 -0.01 3.32
CA THR A 94 6.31 1.24 3.97
C THR A 94 6.52 1.16 5.48
N TYR A 95 6.01 0.07 6.08
CA TYR A 95 6.15 -0.14 7.50
C TYR A 95 7.63 -0.07 7.88
N THR A 96 8.45 -0.84 7.20
CA THR A 96 9.90 -0.88 7.45
C THR A 96 10.51 0.53 7.36
N LEU A 97 10.27 1.21 6.24
CA LEU A 97 10.78 2.57 6.01
C LEU A 97 10.46 3.48 7.18
N PHE A 98 9.17 3.70 7.41
CA PHE A 98 8.71 4.61 8.47
C PHE A 98 9.04 4.12 9.86
N SER A 99 9.39 2.85 9.97
CA SER A 99 9.89 2.34 11.22
C SER A 99 11.33 2.86 11.43
N SER A 100 12.06 3.07 10.32
CA SER A 100 13.39 3.63 10.37
C SER A 100 13.29 5.16 10.53
N TYR A 101 13.57 5.64 11.75
CA TYR A 101 13.52 7.09 12.06
C TYR A 101 14.08 7.96 10.91
N GLY A 102 15.25 7.59 10.42
CA GLY A 102 15.82 8.29 9.28
C GLY A 102 15.80 7.40 8.07
N ILE A 103 15.01 7.80 7.09
CA ILE A 103 14.77 7.03 5.88
C ILE A 103 16.07 6.58 5.20
N ASN A 104 16.12 5.30 4.82
CA ASN A 104 17.27 4.72 4.14
C ASN A 104 16.96 4.49 2.68
N ASP A 105 17.92 4.85 1.82
CA ASP A 105 17.79 4.70 0.35
C ASP A 105 17.37 3.27 -0.07
N PRO A 106 18.14 2.21 0.31
CA PRO A 106 17.84 0.81 -0.07
C PRO A 106 16.37 0.44 0.14
N GLU A 107 15.88 0.62 1.36
CA GLU A 107 14.49 0.33 1.68
C GLU A 107 13.57 1.24 0.87
N LEU A 108 13.85 2.56 0.89
CA LEU A 108 13.05 3.53 0.14
C LEU A 108 12.97 3.17 -1.34
N GLN A 109 14.11 2.89 -1.96
CA GLN A 109 14.12 2.56 -3.38
C GLN A 109 13.29 1.32 -3.67
N ARG A 110 13.32 0.33 -2.75
CA ARG A 110 12.43 -0.81 -2.87
C ARG A 110 10.99 -0.34 -2.82
N TRP A 111 10.69 0.48 -1.81
CA TRP A 111 9.35 1.11 -1.67
C TRP A 111 8.91 1.68 -3.00
N GLN A 112 9.80 2.50 -3.61
CA GLN A 112 9.55 3.12 -4.91
C GLN A 112 9.15 2.06 -5.96
N LYS A 113 9.93 0.96 -6.04
CA LYS A 113 9.65 -0.13 -6.99
C LYS A 113 8.42 -0.93 -6.59
N THR A 114 8.32 -1.31 -5.31
CA THR A 114 7.23 -2.13 -4.81
C THR A 114 5.87 -1.61 -5.29
N LYS A 115 5.64 -0.29 -5.16
CA LYS A 115 4.39 0.27 -5.68
C LYS A 115 4.32 0.12 -7.18
N GLU A 116 5.40 0.52 -7.90
CA GLU A 116 5.47 0.37 -9.35
C GLU A 116 5.00 -1.00 -9.75
N ARG A 117 5.66 -2.03 -9.20
CA ARG A 117 5.30 -3.41 -9.46
C ARG A 117 3.80 -3.60 -9.28
N LEU A 118 3.30 -3.28 -8.07
CA LEU A 118 1.87 -3.41 -7.73
C LEU A 118 0.96 -2.77 -8.78
N PHE A 119 1.32 -1.58 -9.22
CA PHE A 119 0.53 -0.87 -10.19
C PHE A 119 0.54 -1.53 -11.54
N ARG A 120 1.61 -2.26 -11.86
CA ARG A 120 1.64 -3.04 -13.09
C ARG A 120 0.51 -4.07 -13.04
N LEU A 121 0.37 -4.74 -11.88
CA LEU A 121 -0.68 -5.68 -11.67
C LEU A 121 -2.05 -4.98 -11.79
N PHE A 122 -2.24 -3.91 -11.00
CA PHE A 122 -3.49 -3.10 -11.02
C PHE A 122 -3.84 -2.56 -12.40
N SER A 123 -2.83 -2.25 -13.22
CA SER A 123 -3.05 -1.65 -14.55
C SER A 123 -3.59 -2.66 -15.59
N GLY A 124 -3.76 -3.93 -15.20
CA GLY A 124 -4.34 -4.89 -16.12
C GLY A 124 -3.55 -6.17 -16.29
N GLU A 125 -3.01 -6.69 -15.19
CA GLU A 125 -2.39 -8.00 -15.21
C GLU A 125 -3.48 -9.02 -14.88
N TYR A 126 -3.62 -9.33 -13.59
CA TYR A 126 -4.68 -10.19 -13.07
C TYR A 126 -5.90 -9.33 -12.69
N ILE A 127 -5.64 -8.12 -12.16
CA ILE A 127 -6.70 -7.19 -11.75
C ILE A 127 -7.75 -7.00 -12.84
N SER A 128 -7.33 -7.00 -14.11
CA SER A 128 -8.26 -6.89 -15.24
C SER A 128 -9.32 -7.96 -15.13
N THR A 129 -8.89 -9.22 -15.05
CA THR A 129 -9.81 -10.35 -14.86
C THR A 129 -10.57 -10.22 -13.53
N LEU A 130 -9.89 -9.69 -12.51
CA LEU A 130 -10.47 -9.46 -11.19
C LEU A 130 -11.72 -8.56 -11.29
N MET A 131 -11.54 -7.39 -11.85
CA MET A 131 -12.61 -6.39 -11.96
C MET A 131 -13.43 -6.52 -13.26
N LYS A 132 -14.44 -5.67 -13.37
CA LYS A 132 -15.30 -5.62 -14.52
C LYS A 132 -15.11 -4.29 -15.25
N THR A 133 -15.48 -3.21 -14.59
CA THR A 133 -15.37 -1.88 -15.11
C THR A 133 -14.50 -1.02 -14.20
N MET A 12 -27.51 -11.52 -0.14
CA MET A 12 -26.44 -11.80 -1.12
C MET A 12 -26.13 -10.54 -1.90
N ASP A 13 -25.00 -9.93 -1.59
CA ASP A 13 -24.57 -8.68 -2.22
C ASP A 13 -23.07 -8.47 -2.01
N GLU A 14 -22.55 -7.38 -2.53
CA GLU A 14 -21.16 -7.00 -2.29
C GLU A 14 -21.09 -5.60 -1.68
N TYR A 15 -20.73 -5.53 -0.39
CA TYR A 15 -20.54 -4.24 0.27
C TYR A 15 -19.42 -3.50 -0.42
N SER A 16 -18.36 -4.24 -0.76
CA SER A 16 -17.29 -3.74 -1.57
C SER A 16 -17.45 -4.32 -2.97
N PRO A 17 -17.99 -3.53 -3.92
CA PRO A 17 -18.22 -4.03 -5.29
C PRO A 17 -16.90 -4.51 -5.91
N LYS A 18 -16.94 -5.61 -6.65
CA LYS A 18 -15.71 -6.19 -7.24
C LYS A 18 -14.77 -5.12 -7.86
N ARG A 19 -15.31 -4.27 -8.74
CA ARG A 19 -14.50 -3.19 -9.31
C ARG A 19 -14.03 -2.26 -8.20
N HIS A 20 -14.96 -1.91 -7.31
CA HIS A 20 -14.66 -1.09 -6.13
C HIS A 20 -13.50 -1.71 -5.37
N ASP A 21 -13.62 -2.99 -5.05
CA ASP A 21 -12.60 -3.77 -4.35
C ASP A 21 -11.23 -3.52 -4.95
N VAL A 22 -11.09 -3.83 -6.24
CA VAL A 22 -9.82 -3.64 -6.93
C VAL A 22 -9.43 -2.16 -6.93
N ALA A 23 -10.37 -1.28 -7.34
CA ALA A 23 -10.13 0.17 -7.32
C ALA A 23 -9.68 0.62 -5.93
N GLN A 24 -10.37 0.11 -4.91
CA GLN A 24 -10.07 0.36 -3.50
C GLN A 24 -8.64 -0.04 -3.20
N LEU A 25 -8.26 -1.27 -3.60
CA LEU A 25 -6.88 -1.74 -3.42
C LEU A 25 -5.91 -0.72 -4.04
N LYS A 26 -6.23 -0.30 -5.28
CA LYS A 26 -5.45 0.71 -5.98
C LYS A 26 -5.43 2.03 -5.19
N PHE A 27 -6.60 2.63 -5.04
CA PHE A 27 -6.74 3.91 -4.34
C PHE A 27 -6.11 3.91 -2.96
N LEU A 28 -6.23 2.80 -2.23
CA LEU A 28 -5.60 2.71 -0.91
C LEU A 28 -4.08 2.78 -1.07
N CYS A 29 -3.54 1.96 -1.97
CA CYS A 29 -2.10 1.97 -2.26
C CYS A 29 -1.67 3.36 -2.75
N GLU A 30 -2.43 3.93 -3.69
CA GLU A 30 -2.16 5.27 -4.21
C GLU A 30 -2.23 6.32 -3.10
N SER A 31 -3.32 6.29 -2.31
CA SER A 31 -3.50 7.23 -1.20
C SER A 31 -2.35 7.11 -0.21
N LEU A 32 -2.05 5.88 0.23
CA LEU A 32 -0.91 5.68 1.11
C LEU A 32 0.35 6.19 0.47
N TYR A 33 0.51 5.95 -0.83
CA TYR A 33 1.67 6.43 -1.57
C TYR A 33 1.80 7.95 -1.39
N ASP A 34 0.65 8.65 -1.50
CA ASP A 34 0.60 10.12 -1.30
C ASP A 34 1.09 10.46 0.10
N GLU A 35 0.57 9.74 1.11
CA GLU A 35 1.00 9.94 2.50
C GLU A 35 2.48 9.61 2.64
N GLY A 36 2.87 8.47 2.07
CA GLY A 36 4.24 8.00 2.12
C GLY A 36 5.20 8.99 1.57
N ILE A 37 5.02 9.39 0.30
CA ILE A 37 5.91 10.38 -0.33
C ILE A 37 5.98 11.65 0.54
N ALA A 38 4.84 12.12 1.05
CA ALA A 38 4.81 13.28 1.95
C ALA A 38 5.64 13.02 3.21
N THR A 39 5.48 11.83 3.79
CA THR A 39 6.17 11.46 5.02
C THR A 39 7.66 11.15 4.78
N LEU A 40 7.97 10.42 3.69
CA LEU A 40 9.34 10.04 3.39
C LEU A 40 10.13 11.20 2.78
N GLY A 41 9.42 12.15 2.14
CA GLY A 41 10.09 13.31 1.57
C GLY A 41 10.40 14.32 2.63
N ASP A 42 9.37 14.78 3.30
CA ASP A 42 9.51 15.70 4.40
C ASP A 42 9.48 14.95 5.72
N SER A 43 10.53 15.07 6.47
CA SER A 43 10.63 14.42 7.77
C SER A 43 10.18 15.35 8.88
N HIS A 44 9.44 14.82 9.85
CA HIS A 44 8.92 15.60 10.99
C HIS A 44 9.97 16.54 11.56
N HIS A 45 11.17 16.03 11.79
CA HIS A 45 12.26 16.83 12.38
C HIS A 45 13.28 17.29 11.32
N GLY A 46 12.87 17.35 10.04
CA GLY A 46 13.79 17.81 8.98
C GLY A 46 14.79 16.75 8.48
N TRP A 47 14.99 15.67 9.24
CA TRP A 47 15.93 14.62 8.83
C TRP A 47 15.17 13.33 8.51
N VAL A 48 14.73 12.63 9.56
CA VAL A 48 13.93 11.42 9.40
C VAL A 48 12.58 11.56 10.11
N ASN A 49 11.62 10.72 9.73
CA ASN A 49 10.28 10.76 10.32
C ASN A 49 10.16 9.73 11.44
N ASP A 50 9.73 10.19 12.62
CA ASP A 50 9.61 9.34 13.83
C ASP A 50 8.56 8.25 13.65
N PRO A 51 8.83 7.01 14.15
CA PRO A 51 7.84 5.92 14.13
C PRO A 51 6.48 6.35 14.70
N THR A 52 6.50 7.25 15.69
CA THR A 52 5.28 7.77 16.26
C THR A 52 4.94 9.18 15.76
N SER A 53 5.51 9.56 14.63
CA SER A 53 5.19 10.81 13.97
C SER A 53 3.79 10.69 13.38
N ALA A 54 3.02 11.76 13.46
CA ALA A 54 1.62 11.75 12.99
C ALA A 54 1.46 11.12 11.61
N VAL A 55 2.39 11.41 10.71
CA VAL A 55 2.36 10.86 9.39
C VAL A 55 2.65 9.37 9.46
N ASN A 56 3.83 9.01 10.05
CA ASN A 56 4.23 7.61 10.23
C ASN A 56 3.09 6.80 10.80
N LEU A 57 2.47 7.34 11.86
CA LEU A 57 1.33 6.71 12.50
C LEU A 57 0.20 6.51 11.50
N GLN A 58 -0.22 7.62 10.85
CA GLN A 58 -1.25 7.55 9.83
C GLN A 58 -1.00 6.46 8.81
N LEU A 59 0.23 6.39 8.31
CA LEU A 59 0.59 5.34 7.30
C LEU A 59 0.54 3.97 7.92
N ASN A 60 1.07 3.82 9.14
CA ASN A 60 1.04 2.51 9.81
C ASN A 60 -0.41 2.05 10.03
N ASP A 61 -1.30 3.03 10.33
CA ASP A 61 -2.75 2.77 10.42
C ASP A 61 -3.24 2.34 9.04
N LEU A 62 -2.98 3.21 8.06
CA LEU A 62 -3.28 2.99 6.65
C LEU A 62 -2.92 1.56 6.26
N ILE A 63 -1.65 1.22 6.44
CA ILE A 63 -1.12 -0.10 6.13
C ILE A 63 -2.03 -1.22 6.64
N GLU A 64 -2.35 -1.19 7.93
CA GLU A 64 -3.23 -2.20 8.54
C GLU A 64 -4.63 -2.14 7.96
N HIS A 65 -5.17 -0.92 7.86
CA HIS A 65 -6.49 -0.71 7.23
C HIS A 65 -6.52 -1.41 5.86
N ILE A 66 -5.48 -1.16 5.05
CA ILE A 66 -5.32 -1.82 3.76
C ILE A 66 -5.07 -3.32 3.97
N ALA A 67 -4.20 -3.65 4.95
CA ALA A 67 -3.84 -5.03 5.28
C ALA A 67 -5.08 -5.88 5.48
N SER A 68 -5.94 -5.47 6.40
CA SER A 68 -7.19 -6.22 6.66
C SER A 68 -8.05 -6.34 5.38
N PHE A 69 -8.00 -5.31 4.51
CA PHE A 69 -8.70 -5.38 3.23
C PHE A 69 -8.04 -6.45 2.36
N VAL A 70 -6.73 -6.34 2.16
CA VAL A 70 -5.95 -7.33 1.39
C VAL A 70 -6.16 -8.73 1.99
N MET A 71 -5.94 -8.88 3.30
CA MET A 71 -6.13 -10.15 4.01
C MET A 71 -7.41 -10.83 3.55
N SER A 72 -8.52 -10.10 3.64
CA SER A 72 -9.82 -10.58 3.21
C SER A 72 -9.86 -10.71 1.67
N PHE A 73 -9.28 -9.73 0.97
CA PHE A 73 -9.21 -9.74 -0.50
C PHE A 73 -8.73 -11.09 -1.01
N LYS A 74 -7.57 -11.52 -0.50
CA LYS A 74 -6.98 -12.82 -0.85
C LYS A 74 -7.95 -13.98 -0.63
N ILE A 75 -8.80 -13.85 0.38
CA ILE A 75 -9.78 -14.87 0.70
C ILE A 75 -10.93 -14.81 -0.29
N LYS A 76 -11.50 -13.62 -0.46
CA LYS A 76 -12.63 -13.43 -1.37
C LYS A 76 -12.23 -13.67 -2.83
N TYR A 77 -11.10 -13.09 -3.24
CA TYR A 77 -10.65 -13.21 -4.61
C TYR A 77 -9.12 -13.35 -4.69
N PRO A 78 -8.59 -14.58 -4.39
CA PRO A 78 -7.15 -14.88 -4.50
C PRO A 78 -6.59 -14.67 -5.93
N ASP A 79 -7.47 -14.43 -6.91
CA ASP A 79 -7.04 -14.21 -8.30
C ASP A 79 -6.17 -12.95 -8.41
N ASP A 80 -6.20 -12.12 -7.38
CA ASP A 80 -5.38 -10.95 -7.31
C ASP A 80 -4.03 -11.25 -6.62
N GLY A 81 -3.79 -12.51 -6.26
CA GLY A 81 -2.57 -12.91 -5.55
C GLY A 81 -1.30 -12.18 -5.99
N ASP A 82 -1.17 -11.86 -7.29
CA ASP A 82 0.00 -11.11 -7.78
C ASP A 82 0.00 -9.69 -7.24
N LEU A 83 -1.18 -9.07 -7.26
CA LEU A 83 -1.38 -7.74 -6.69
C LEU A 83 -1.35 -7.83 -5.19
N SER A 84 -2.14 -8.74 -4.65
CA SER A 84 -2.25 -8.97 -3.22
C SER A 84 -0.86 -9.07 -2.58
N GLU A 85 0.00 -9.85 -3.21
CA GLU A 85 1.36 -10.02 -2.76
C GLU A 85 2.14 -8.72 -2.88
N LEU A 86 1.98 -8.06 -4.02
CA LEU A 86 2.59 -6.74 -4.26
C LEU A 86 2.13 -5.78 -3.16
N VAL A 87 0.82 -5.75 -2.91
CA VAL A 87 0.25 -4.93 -1.84
C VAL A 87 0.88 -5.33 -0.51
N GLU A 88 0.94 -6.65 -0.23
CA GLU A 88 1.61 -7.15 0.98
C GLU A 88 3.01 -6.56 1.07
N GLU A 89 3.79 -6.79 0.01
CA GLU A 89 5.15 -6.26 -0.10
C GLU A 89 5.16 -4.76 0.17
N TYR A 90 4.29 -4.04 -0.54
CA TYR A 90 4.13 -2.59 -0.41
C TYR A 90 3.81 -2.23 1.05
N LEU A 91 2.79 -2.87 1.61
CA LEU A 91 2.37 -2.64 3.00
C LEU A 91 3.53 -2.84 3.94
N ASP A 92 4.11 -4.04 3.88
CA ASP A 92 5.28 -4.41 4.69
C ASP A 92 6.39 -3.40 4.53
N ASP A 93 6.74 -3.12 3.28
CA ASP A 93 7.80 -2.14 2.97
C ASP A 93 7.48 -0.81 3.63
N THR A 94 6.25 -0.33 3.41
CA THR A 94 5.77 0.92 4.04
C THR A 94 5.92 0.82 5.56
N TYR A 95 5.36 -0.26 6.12
CA TYR A 95 5.38 -0.51 7.55
C TYR A 95 6.81 -0.48 8.08
N THR A 96 7.67 -1.32 7.53
CA THR A 96 9.08 -1.40 7.95
C THR A 96 9.74 0.00 7.99
N LEU A 97 9.50 0.82 6.97
CA LEU A 97 10.07 2.16 6.90
C LEU A 97 9.64 3.00 8.10
N PHE A 98 8.34 3.30 8.14
CA PHE A 98 7.78 4.17 9.15
C PHE A 98 7.84 3.59 10.55
N SER A 99 7.98 2.28 10.65
CA SER A 99 8.06 1.63 11.95
C SER A 99 9.48 1.63 12.55
N SER A 100 10.50 1.89 11.73
CA SER A 100 11.90 1.88 12.20
C SER A 100 12.23 3.13 13.03
N TYR A 101 13.49 3.22 13.50
CA TYR A 101 13.98 4.39 14.25
C TYR A 101 13.61 5.66 13.48
N GLY A 102 13.94 5.64 12.19
CA GLY A 102 13.61 6.70 11.28
C GLY A 102 13.45 6.13 9.89
N ILE A 103 13.22 6.98 8.90
CA ILE A 103 13.09 6.50 7.55
C ILE A 103 14.45 6.22 6.94
N ASN A 104 14.66 4.97 6.57
CA ASN A 104 15.92 4.54 5.95
C ASN A 104 15.74 4.42 4.47
N ASP A 105 16.58 5.12 3.71
CA ASP A 105 16.49 5.14 2.26
C ASP A 105 16.50 3.74 1.62
N PRO A 106 17.36 2.77 2.08
CA PRO A 106 17.42 1.43 1.48
C PRO A 106 16.05 0.75 1.41
N GLU A 107 15.44 0.51 2.59
CA GLU A 107 14.10 -0.09 2.66
C GLU A 107 13.13 0.74 1.82
N LEU A 108 13.26 2.07 1.93
CA LEU A 108 12.44 2.97 1.14
C LEU A 108 12.61 2.68 -0.35
N GLN A 109 13.86 2.57 -0.82
CA GLN A 109 14.11 2.28 -2.22
C GLN A 109 13.42 0.99 -2.62
N ARG A 110 13.51 -0.03 -1.77
CA ARG A 110 12.82 -1.29 -1.97
C ARG A 110 11.29 -1.02 -2.05
N TRP A 111 10.79 -0.19 -1.13
CA TRP A 111 9.39 0.24 -1.14
C TRP A 111 9.07 0.86 -2.48
N GLN A 112 9.94 1.76 -2.93
CA GLN A 112 9.79 2.42 -4.22
C GLN A 112 9.75 1.43 -5.37
N LYS A 113 10.61 0.42 -5.36
CA LYS A 113 10.55 -0.60 -6.39
C LYS A 113 9.20 -1.34 -6.32
N THR A 114 8.82 -1.74 -5.10
CA THR A 114 7.55 -2.41 -4.88
C THR A 114 6.36 -1.52 -5.31
N LYS A 115 6.35 -0.23 -4.88
CA LYS A 115 5.26 0.67 -5.29
C LYS A 115 5.19 0.73 -6.81
N GLU A 116 6.36 0.83 -7.46
CA GLU A 116 6.39 0.79 -8.93
C GLU A 116 5.66 -0.45 -9.43
N ARG A 117 6.13 -1.64 -9.03
CA ARG A 117 5.46 -2.91 -9.44
C ARG A 117 3.94 -2.82 -9.25
N LEU A 118 3.55 -2.25 -8.11
CA LEU A 118 2.14 -2.05 -7.77
C LEU A 118 1.44 -1.24 -8.86
N PHE A 119 2.00 -0.08 -9.18
CA PHE A 119 1.43 0.79 -10.21
C PHE A 119 1.55 0.14 -11.57
N ARG A 120 2.66 -0.54 -11.82
CA ARG A 120 2.87 -1.26 -13.08
C ARG A 120 1.74 -2.25 -13.33
N LEU A 121 1.30 -2.96 -12.28
CA LEU A 121 0.26 -3.93 -12.45
C LEU A 121 -1.11 -3.26 -12.45
N PHE A 122 -1.34 -2.38 -11.47
CA PHE A 122 -2.59 -1.61 -11.37
C PHE A 122 -2.95 -0.90 -12.69
N SER A 123 -1.93 -0.61 -13.53
CA SER A 123 -2.16 0.09 -14.79
C SER A 123 -2.81 -0.80 -15.90
N GLY A 124 -3.16 -2.06 -15.57
CA GLY A 124 -3.88 -2.88 -16.54
C GLY A 124 -3.28 -4.24 -16.82
N GLU A 125 -2.70 -4.89 -15.81
CA GLU A 125 -2.22 -6.25 -15.99
C GLU A 125 -3.28 -7.24 -15.53
N TYR A 126 -3.33 -7.50 -14.23
CA TYR A 126 -4.28 -8.45 -13.65
C TYR A 126 -5.61 -7.77 -13.29
N ILE A 127 -5.56 -6.44 -13.06
CA ILE A 127 -6.76 -5.66 -12.74
C ILE A 127 -7.82 -5.87 -13.82
N SER A 128 -7.47 -5.58 -15.07
CA SER A 128 -8.38 -5.69 -16.21
C SER A 128 -9.12 -7.05 -16.26
N THR A 129 -8.44 -8.13 -15.88
CA THR A 129 -9.07 -9.46 -15.83
C THR A 129 -9.96 -9.57 -14.59
N LEU A 130 -9.51 -8.95 -13.51
CA LEU A 130 -10.23 -8.93 -12.25
C LEU A 130 -11.49 -8.05 -12.34
N MET A 131 -11.50 -7.12 -13.30
CA MET A 131 -12.56 -6.15 -13.48
C MET A 131 -13.72 -6.69 -14.32
N LYS A 132 -14.88 -6.02 -14.17
CA LYS A 132 -16.08 -6.15 -14.99
C LYS A 132 -16.57 -7.59 -15.29
N THR A 133 -15.75 -8.38 -15.98
CA THR A 133 -16.10 -9.73 -16.43
C THR A 133 -16.72 -10.57 -15.28
N MET A 12 -31.71 -4.72 -7.86
CA MET A 12 -30.38 -5.33 -7.56
C MET A 12 -29.34 -4.24 -7.32
N ASP A 13 -28.47 -4.45 -6.33
CA ASP A 13 -27.44 -3.46 -5.99
C ASP A 13 -26.07 -4.13 -5.89
N GLU A 14 -25.09 -3.40 -5.37
CA GLU A 14 -23.73 -3.93 -5.21
C GLU A 14 -23.53 -4.45 -3.78
N TYR A 15 -23.51 -5.78 -3.61
CA TYR A 15 -23.25 -6.38 -2.29
C TYR A 15 -21.79 -6.08 -1.93
N SER A 16 -20.90 -6.52 -2.81
CA SER A 16 -19.50 -6.19 -2.72
C SER A 16 -19.11 -5.48 -4.02
N PRO A 17 -19.39 -4.15 -4.14
CA PRO A 17 -19.14 -3.38 -5.37
C PRO A 17 -17.82 -3.78 -6.02
N LYS A 18 -17.92 -4.41 -7.20
CA LYS A 18 -16.75 -4.94 -7.91
C LYS A 18 -15.67 -3.88 -8.15
N ARG A 19 -16.06 -2.62 -8.27
CA ARG A 19 -15.11 -1.53 -8.49
C ARG A 19 -14.49 -1.02 -7.19
N HIS A 20 -15.30 -1.01 -6.11
CA HIS A 20 -14.88 -0.48 -4.81
C HIS A 20 -13.59 -1.10 -4.32
N ASP A 21 -13.56 -2.44 -4.23
CA ASP A 21 -12.37 -3.13 -3.69
C ASP A 21 -11.12 -2.86 -4.50
N VAL A 22 -11.20 -3.03 -5.82
CA VAL A 22 -10.06 -2.76 -6.69
C VAL A 22 -9.65 -1.28 -6.57
N ALA A 23 -10.64 -0.37 -6.71
CA ALA A 23 -10.38 1.07 -6.56
C ALA A 23 -9.72 1.35 -5.23
N GLN A 24 -10.34 0.84 -4.15
CA GLN A 24 -9.81 0.97 -2.80
C GLN A 24 -8.35 0.55 -2.75
N LEU A 25 -8.05 -0.63 -3.33
CA LEU A 25 -6.69 -1.16 -3.35
C LEU A 25 -5.71 -0.12 -3.87
N LYS A 26 -5.94 0.37 -5.09
CA LYS A 26 -5.05 1.38 -5.66
C LYS A 26 -5.15 2.69 -4.88
N PHE A 27 -6.38 3.19 -4.66
CA PHE A 27 -6.61 4.44 -3.88
C PHE A 27 -5.78 4.44 -2.59
N LEU A 28 -5.84 3.34 -1.84
CA LEU A 28 -5.09 3.22 -0.59
C LEU A 28 -3.60 3.34 -0.85
N CYS A 29 -3.10 2.54 -1.80
CA CYS A 29 -1.67 2.58 -2.16
C CYS A 29 -1.29 3.96 -2.70
N GLU A 30 -2.05 4.46 -3.67
CA GLU A 30 -1.86 5.79 -4.25
C GLU A 30 -1.78 6.85 -3.14
N SER A 31 -2.77 6.85 -2.24
CA SER A 31 -2.78 7.77 -1.10
C SER A 31 -1.59 7.51 -0.17
N LEU A 32 -1.34 6.23 0.15
CA LEU A 32 -0.20 5.85 1.00
C LEU A 32 1.09 6.37 0.43
N TYR A 33 1.27 6.22 -0.88
CA TYR A 33 2.46 6.72 -1.55
C TYR A 33 2.63 8.22 -1.29
N ASP A 34 1.51 8.95 -1.34
CA ASP A 34 1.51 10.39 -1.09
C ASP A 34 1.91 10.69 0.37
N GLU A 35 1.15 10.12 1.32
CA GLU A 35 1.47 10.29 2.77
C GLU A 35 2.92 9.84 3.04
N GLY A 36 3.30 8.71 2.44
CA GLY A 36 4.61 8.18 2.63
C GLY A 36 5.68 9.07 2.07
N ILE A 37 5.63 9.38 0.75
CA ILE A 37 6.63 10.28 0.13
C ILE A 37 6.74 11.58 0.95
N ALA A 38 5.59 12.18 1.29
CA ALA A 38 5.56 13.40 2.11
C ALA A 38 6.38 13.22 3.39
N THR A 39 6.20 12.08 4.05
CA THR A 39 6.88 11.81 5.29
C THR A 39 8.33 11.30 5.07
N LEU A 40 8.55 10.44 4.06
CA LEU A 40 9.88 9.92 3.80
C LEU A 40 10.81 11.00 3.23
N GLY A 41 10.24 12.01 2.56
CA GLY A 41 11.04 13.08 1.96
C GLY A 41 11.91 13.78 2.96
N ASP A 42 11.29 14.56 3.81
CA ASP A 42 11.97 15.30 4.88
C ASP A 42 11.00 15.59 6.00
N SER A 43 11.43 15.45 7.23
CA SER A 43 10.56 15.68 8.38
C SER A 43 10.33 17.18 8.59
N HIS A 44 9.13 17.54 9.08
CA HIS A 44 8.82 18.94 9.40
C HIS A 44 9.71 19.48 10.54
N HIS A 45 10.34 18.57 11.30
CA HIS A 45 11.18 18.94 12.43
C HIS A 45 12.68 18.83 12.10
N GLY A 46 13.02 18.32 10.90
CA GLY A 46 14.42 18.16 10.54
C GLY A 46 15.11 17.06 11.33
N TRP A 47 14.34 16.18 11.94
CA TRP A 47 14.86 15.05 12.71
C TRP A 47 14.43 13.74 12.06
N VAL A 48 14.72 12.62 12.69
CA VAL A 48 14.28 11.34 12.14
C VAL A 48 12.76 11.22 12.33
N ASN A 49 12.11 10.30 11.62
CA ASN A 49 10.66 10.16 11.75
C ASN A 49 10.33 9.26 12.91
N ASP A 50 9.62 9.82 13.87
CA ASP A 50 9.24 9.08 15.06
C ASP A 50 8.06 8.16 14.76
N PRO A 51 8.16 6.85 15.08
CA PRO A 51 7.06 5.88 14.85
C PRO A 51 5.72 6.35 15.44
N THR A 52 5.78 7.20 16.48
CA THR A 52 4.59 7.71 17.13
C THR A 52 4.00 8.93 16.35
N SER A 53 4.78 9.52 15.46
CA SER A 53 4.34 10.68 14.70
C SER A 53 3.05 10.39 13.93
N ALA A 54 2.17 11.39 13.84
CA ALA A 54 0.85 11.22 13.21
C ALA A 54 0.92 10.50 11.88
N VAL A 55 1.79 10.98 11.00
CA VAL A 55 1.97 10.40 9.71
C VAL A 55 2.36 8.93 9.83
N ASN A 56 3.42 8.66 10.62
CA ASN A 56 3.86 7.28 10.87
C ASN A 56 2.69 6.44 11.37
N LEU A 57 1.92 6.98 12.34
CA LEU A 57 0.73 6.31 12.88
C LEU A 57 -0.29 6.06 11.77
N GLN A 58 -0.65 7.12 11.04
CA GLN A 58 -1.57 7.04 9.94
C GLN A 58 -1.12 6.01 8.91
N LEU A 59 0.14 6.11 8.48
CA LEU A 59 0.70 5.14 7.53
C LEU A 59 0.67 3.75 8.14
N ASN A 60 0.99 3.66 9.45
CA ASN A 60 0.91 2.38 10.19
C ASN A 60 -0.50 1.82 10.04
N ASP A 61 -1.52 2.70 10.18
CA ASP A 61 -2.91 2.30 9.99
C ASP A 61 -3.10 1.90 8.54
N LEU A 62 -2.78 2.83 7.63
CA LEU A 62 -2.83 2.60 6.19
C LEU A 62 -2.31 1.20 5.86
N ILE A 63 -1.07 0.95 6.25
CA ILE A 63 -0.43 -0.34 6.04
C ILE A 63 -1.35 -1.49 6.47
N GLU A 64 -1.72 -1.52 7.75
CA GLU A 64 -2.62 -2.57 8.26
C GLU A 64 -3.98 -2.53 7.58
N HIS A 65 -4.53 -1.34 7.45
CA HIS A 65 -5.82 -1.12 6.76
C HIS A 65 -5.79 -1.84 5.41
N ILE A 66 -4.71 -1.60 4.65
CA ILE A 66 -4.47 -2.26 3.38
C ILE A 66 -4.14 -3.75 3.61
N ALA A 67 -3.27 -4.03 4.60
CA ALA A 67 -2.86 -5.41 4.93
C ALA A 67 -4.07 -6.28 5.19
N SER A 68 -4.87 -5.87 6.15
CA SER A 68 -6.11 -6.56 6.50
C SER A 68 -7.07 -6.61 5.30
N PHE A 69 -7.07 -5.54 4.48
CA PHE A 69 -7.84 -5.54 3.24
C PHE A 69 -7.32 -6.66 2.34
N VAL A 70 -6.00 -6.63 2.07
CA VAL A 70 -5.33 -7.68 1.29
C VAL A 70 -5.63 -9.05 1.88
N MET A 71 -5.41 -9.22 3.19
CA MET A 71 -5.70 -10.48 3.88
C MET A 71 -7.06 -11.03 3.41
N SER A 72 -8.10 -10.21 3.53
CA SER A 72 -9.43 -10.54 3.09
C SER A 72 -9.46 -10.67 1.54
N PHE A 73 -8.82 -9.72 0.86
CA PHE A 73 -8.68 -9.72 -0.61
C PHE A 73 -8.23 -11.11 -1.09
N LYS A 74 -7.10 -11.57 -0.57
CA LYS A 74 -6.54 -12.90 -0.90
C LYS A 74 -7.57 -14.01 -0.75
N ILE A 75 -8.43 -13.90 0.25
CA ILE A 75 -9.48 -14.87 0.50
C ILE A 75 -10.49 -14.80 -0.62
N LYS A 76 -11.01 -13.59 -0.88
CA LYS A 76 -12.00 -13.41 -1.93
C LYS A 76 -11.42 -13.69 -3.33
N TYR A 77 -10.17 -13.28 -3.57
CA TYR A 77 -9.51 -13.51 -4.87
C TYR A 77 -8.38 -14.51 -4.76
N PRO A 78 -8.59 -15.79 -5.10
CA PRO A 78 -7.48 -16.76 -5.12
C PRO A 78 -6.49 -16.44 -6.27
N ASP A 79 -7.00 -15.82 -7.34
CA ASP A 79 -6.22 -15.50 -8.56
C ASP A 79 -5.43 -14.19 -8.49
N ASP A 80 -5.68 -13.38 -7.47
CA ASP A 80 -5.02 -12.08 -7.34
C ASP A 80 -3.73 -12.15 -6.51
N GLY A 81 -3.35 -13.34 -6.07
CA GLY A 81 -2.15 -13.54 -5.29
C GLY A 81 -0.95 -12.72 -5.72
N ASP A 82 -0.81 -12.44 -7.03
CA ASP A 82 0.30 -11.60 -7.53
C ASP A 82 0.20 -10.19 -6.96
N LEU A 83 -1.01 -9.63 -6.99
CA LEU A 83 -1.28 -8.32 -6.41
C LEU A 83 -1.20 -8.40 -4.91
N SER A 84 -1.94 -9.34 -4.32
CA SER A 84 -1.96 -9.51 -2.87
C SER A 84 -0.53 -9.55 -2.32
N GLU A 85 0.31 -10.37 -2.93
CA GLU A 85 1.70 -10.47 -2.54
C GLU A 85 2.43 -9.13 -2.72
N LEU A 86 2.27 -8.53 -3.91
CA LEU A 86 2.86 -7.23 -4.24
C LEU A 86 2.43 -6.19 -3.21
N VAL A 87 1.14 -6.12 -2.95
CA VAL A 87 0.60 -5.19 -1.96
C VAL A 87 1.28 -5.45 -0.62
N GLU A 88 1.34 -6.73 -0.20
CA GLU A 88 2.04 -7.09 1.04
C GLU A 88 3.49 -6.61 1.00
N GLU A 89 4.17 -6.82 -0.13
CA GLU A 89 5.54 -6.33 -0.33
C GLU A 89 5.59 -4.82 -0.12
N TYR A 90 4.74 -4.10 -0.86
CA TYR A 90 4.61 -2.63 -0.74
C TYR A 90 4.32 -2.24 0.72
N LEU A 91 3.40 -2.96 1.35
CA LEU A 91 3.04 -2.74 2.75
C LEU A 91 4.27 -2.91 3.62
N ASP A 92 4.93 -4.05 3.46
CA ASP A 92 6.19 -4.36 4.16
C ASP A 92 7.16 -3.22 4.00
N ASP A 93 7.37 -2.80 2.75
CA ASP A 93 8.29 -1.69 2.45
C ASP A 93 7.92 -0.50 3.33
N THR A 94 6.66 -0.06 3.21
CA THR A 94 6.12 1.02 4.02
C THR A 94 6.39 0.75 5.51
N TYR A 95 6.00 -0.44 5.97
CA TYR A 95 6.19 -0.88 7.34
C TYR A 95 7.66 -0.72 7.74
N THR A 96 8.54 -1.39 6.98
CA THR A 96 9.98 -1.35 7.21
C THR A 96 10.49 0.12 7.23
N LEU A 97 10.12 0.89 6.20
CA LEU A 97 10.52 2.30 6.09
C LEU A 97 10.17 3.07 7.34
N PHE A 98 8.88 3.24 7.59
CA PHE A 98 8.42 4.00 8.75
C PHE A 98 8.80 3.36 10.07
N SER A 99 9.13 2.07 10.04
CA SER A 99 9.65 1.40 11.21
C SER A 99 11.12 1.84 11.46
N SER A 100 11.78 2.37 10.43
CA SER A 100 13.15 2.85 10.52
C SER A 100 13.16 4.37 10.70
N TYR A 101 13.37 4.81 11.96
CA TYR A 101 13.37 6.25 12.35
C TYR A 101 13.83 7.16 11.22
N GLY A 102 15.06 6.96 10.74
CA GLY A 102 15.54 7.74 9.63
C GLY A 102 15.49 6.93 8.36
N ILE A 103 14.71 7.37 7.40
CA ILE A 103 14.56 6.63 6.16
C ILE A 103 15.87 6.50 5.42
N ASN A 104 16.34 5.28 5.31
CA ASN A 104 17.63 4.98 4.66
C ASN A 104 17.58 3.74 3.80
N ASP A 105 18.67 3.55 3.03
CA ASP A 105 18.96 2.31 2.29
C ASP A 105 17.85 1.82 1.33
N PRO A 106 18.09 0.65 0.63
CA PRO A 106 17.15 0.07 -0.34
C PRO A 106 15.72 -0.03 0.15
N GLU A 107 15.50 -0.04 1.48
CA GLU A 107 14.16 -0.11 2.04
C GLU A 107 13.24 0.89 1.35
N LEU A 108 13.70 2.15 1.23
CA LEU A 108 12.92 3.17 0.53
C LEU A 108 12.85 2.86 -0.96
N GLN A 109 13.97 2.42 -1.53
CA GLN A 109 14.04 2.09 -2.93
C GLN A 109 13.04 0.99 -3.29
N ARG A 110 12.91 0.00 -2.39
CA ARG A 110 11.89 -1.05 -2.54
C ARG A 110 10.54 -0.38 -2.76
N TRP A 111 10.14 0.45 -1.76
CA TRP A 111 8.88 1.22 -1.81
C TRP A 111 8.66 1.84 -3.18
N GLN A 112 9.69 2.53 -3.68
CA GLN A 112 9.64 3.18 -4.99
C GLN A 112 9.29 2.17 -6.09
N LYS A 113 10.05 1.07 -6.13
CA LYS A 113 9.87 0.03 -7.16
C LYS A 113 8.59 -0.80 -6.95
N THR A 114 8.38 -1.29 -5.73
CA THR A 114 7.22 -2.16 -5.43
C THR A 114 5.90 -1.47 -5.77
N LYS A 115 5.80 -0.17 -5.49
CA LYS A 115 4.60 0.55 -5.86
C LYS A 115 4.44 0.53 -7.41
N GLU A 116 5.55 0.83 -8.15
CA GLU A 116 5.54 0.74 -9.63
C GLU A 116 5.04 -0.62 -10.05
N ARG A 117 5.58 -1.67 -9.43
CA ARG A 117 5.17 -3.05 -9.69
C ARG A 117 3.66 -3.17 -9.51
N LEU A 118 3.16 -2.77 -8.34
CA LEU A 118 1.72 -2.80 -8.05
C LEU A 118 0.91 -2.09 -9.13
N PHE A 119 1.43 -0.96 -9.59
CA PHE A 119 0.81 -0.16 -10.62
C PHE A 119 0.75 -0.91 -11.94
N ARG A 120 1.74 -1.76 -12.22
CA ARG A 120 1.70 -2.59 -13.44
C ARG A 120 0.49 -3.50 -13.39
N LEU A 121 0.26 -4.13 -12.22
CA LEU A 121 -0.85 -5.00 -11.99
C LEU A 121 -2.16 -4.29 -12.33
N PHE A 122 -2.37 -3.14 -11.71
CA PHE A 122 -3.57 -2.33 -11.97
C PHE A 122 -3.60 -1.84 -13.43
N SER A 123 -2.43 -1.47 -13.96
CA SER A 123 -2.31 -0.92 -15.32
C SER A 123 -2.44 -1.95 -16.48
N GLY A 124 -2.96 -3.15 -16.23
CA GLY A 124 -3.14 -4.09 -17.35
C GLY A 124 -2.57 -5.47 -17.14
N GLU A 125 -2.82 -6.05 -15.98
CA GLU A 125 -2.45 -7.44 -15.71
C GLU A 125 -3.71 -8.21 -15.28
N TYR A 126 -3.53 -9.24 -14.47
CA TYR A 126 -4.64 -10.05 -13.91
C TYR A 126 -5.76 -9.17 -13.33
N ILE A 127 -5.42 -7.95 -12.88
CA ILE A 127 -6.42 -7.02 -12.34
C ILE A 127 -7.54 -6.76 -13.38
N SER A 128 -7.17 -6.66 -14.67
CA SER A 128 -8.16 -6.48 -15.73
C SER A 128 -9.19 -7.62 -15.70
N THR A 129 -8.72 -8.86 -15.49
CA THR A 129 -9.60 -10.01 -15.32
C THR A 129 -10.38 -9.86 -14.02
N LEU A 130 -9.68 -9.43 -12.96
CA LEU A 130 -10.32 -9.15 -11.67
C LEU A 130 -11.54 -8.25 -11.87
N MET A 131 -11.40 -7.28 -12.77
CA MET A 131 -12.45 -6.40 -13.14
C MET A 131 -13.49 -7.13 -14.00
N LYS A 132 -14.63 -7.45 -13.41
CA LYS A 132 -15.72 -8.07 -14.16
C LYS A 132 -16.32 -7.04 -15.10
N THR A 133 -16.77 -5.94 -14.51
CA THR A 133 -17.31 -4.82 -15.23
C THR A 133 -16.16 -3.86 -15.65
N MET A 12 -13.30 -5.85 6.94
CA MET A 12 -14.79 -5.85 6.80
C MET A 12 -15.20 -5.99 5.34
N ASP A 13 -16.25 -6.77 5.08
CA ASP A 13 -16.76 -6.98 3.72
C ASP A 13 -18.27 -7.07 3.74
N GLU A 14 -18.90 -6.69 2.65
CA GLU A 14 -20.35 -6.81 2.54
C GLU A 14 -20.77 -7.18 1.12
N TYR A 15 -20.62 -6.24 0.20
CA TYR A 15 -21.02 -6.44 -1.20
C TYR A 15 -19.94 -7.10 -2.05
N SER A 16 -18.69 -7.03 -1.62
CA SER A 16 -17.57 -7.57 -2.33
C SER A 16 -17.62 -7.21 -3.85
N PRO A 17 -17.72 -5.90 -4.21
CA PRO A 17 -17.72 -5.47 -5.60
C PRO A 17 -16.30 -5.40 -6.14
N LYS A 18 -15.96 -6.34 -7.04
CA LYS A 18 -14.59 -6.45 -7.64
C LYS A 18 -13.98 -5.08 -7.91
N ARG A 19 -14.68 -4.25 -8.68
CA ARG A 19 -14.19 -2.92 -9.02
C ARG A 19 -13.99 -2.07 -7.78
N HIS A 20 -14.98 -2.07 -6.88
CA HIS A 20 -14.88 -1.29 -5.63
C HIS A 20 -13.63 -1.69 -4.86
N ASP A 21 -13.47 -3.00 -4.63
CA ASP A 21 -12.32 -3.52 -3.88
C ASP A 21 -11.02 -3.20 -4.59
N VAL A 22 -10.95 -3.52 -5.89
CA VAL A 22 -9.78 -3.17 -6.69
C VAL A 22 -9.50 -1.66 -6.54
N ALA A 23 -10.54 -0.85 -6.81
CA ALA A 23 -10.46 0.61 -6.66
C ALA A 23 -9.93 0.97 -5.28
N GLN A 24 -10.47 0.31 -4.24
CA GLN A 24 -10.03 0.49 -2.85
C GLN A 24 -8.53 0.19 -2.74
N LEU A 25 -8.13 -1.01 -3.21
CA LEU A 25 -6.72 -1.43 -3.19
C LEU A 25 -5.85 -0.39 -3.87
N LYS A 26 -6.26 -0.01 -5.08
CA LYS A 26 -5.57 1.02 -5.87
C LYS A 26 -5.48 2.30 -5.05
N PHE A 27 -6.64 2.83 -4.65
CA PHE A 27 -6.70 4.07 -3.87
C PHE A 27 -5.87 3.98 -2.60
N LEU A 28 -5.89 2.84 -1.91
CA LEU A 28 -5.07 2.66 -0.71
C LEU A 28 -3.59 2.82 -1.06
N CYS A 29 -3.16 2.13 -2.13
CA CYS A 29 -1.77 2.22 -2.63
C CYS A 29 -1.43 3.65 -3.07
N GLU A 30 -2.36 4.28 -3.79
CA GLU A 30 -2.18 5.64 -4.31
C GLU A 30 -2.21 6.68 -3.18
N SER A 31 -3.26 6.63 -2.33
CA SER A 31 -3.37 7.52 -1.17
C SER A 31 -2.10 7.42 -0.30
N LEU A 32 -1.76 6.19 0.10
CA LEU A 32 -0.56 5.97 0.91
C LEU A 32 0.71 6.44 0.21
N TYR A 33 0.70 6.48 -1.11
CA TYR A 33 1.88 6.96 -1.83
C TYR A 33 2.19 8.39 -1.40
N ASP A 34 1.17 9.24 -1.35
CA ASP A 34 1.32 10.63 -0.91
C ASP A 34 1.71 10.70 0.55
N GLU A 35 0.95 9.98 1.38
CA GLU A 35 1.20 9.95 2.82
C GLU A 35 2.60 9.39 3.11
N GLY A 36 2.98 8.35 2.37
CA GLY A 36 4.29 7.77 2.51
C GLY A 36 5.37 8.77 2.19
N ILE A 37 5.23 9.48 1.07
CA ILE A 37 6.19 10.54 0.72
C ILE A 37 6.19 11.63 1.79
N ALA A 38 5.01 12.00 2.30
CA ALA A 38 4.90 13.00 3.37
C ALA A 38 5.64 12.53 4.64
N THR A 39 5.49 11.25 4.98
CA THR A 39 6.10 10.68 6.17
C THR A 39 7.55 10.25 5.93
N LEU A 40 7.74 9.34 4.97
CA LEU A 40 9.05 8.75 4.69
C LEU A 40 9.97 9.72 3.96
N GLY A 41 9.40 10.66 3.22
CA GLY A 41 10.21 11.62 2.50
C GLY A 41 10.41 12.90 3.27
N ASP A 42 10.37 12.81 4.62
CA ASP A 42 10.57 13.97 5.45
C ASP A 42 12.08 14.29 5.54
N SER A 43 12.71 14.01 6.69
CA SER A 43 14.14 14.23 6.87
C SER A 43 14.62 15.56 6.27
N HIS A 44 13.79 16.63 6.38
CA HIS A 44 14.09 17.95 5.78
C HIS A 44 15.56 18.36 6.00
N HIS A 45 16.05 18.19 7.22
CA HIS A 45 17.44 18.49 7.56
C HIS A 45 18.18 17.23 8.05
N GLY A 46 17.71 16.05 7.61
CA GLY A 46 18.28 14.79 8.09
C GLY A 46 17.51 14.24 9.28
N TRP A 47 16.28 14.76 9.48
CA TRP A 47 15.43 14.34 10.61
C TRP A 47 15.13 12.85 10.59
N VAL A 48 14.80 12.32 11.75
CA VAL A 48 14.33 10.95 11.88
C VAL A 48 12.80 10.96 11.78
N ASN A 49 12.20 9.79 11.64
CA ASN A 49 10.75 9.68 11.58
C ASN A 49 10.18 9.58 12.97
N ASP A 50 9.26 10.48 13.29
CA ASP A 50 8.65 10.49 14.60
C ASP A 50 7.50 9.49 14.64
N PRO A 51 7.61 8.41 15.47
CA PRO A 51 6.54 7.39 15.61
C PRO A 51 5.21 8.02 16.06
N THR A 52 5.28 9.16 16.75
CA THR A 52 4.10 9.86 17.24
C THR A 52 3.36 10.56 16.09
N SER A 53 4.11 11.01 15.09
CA SER A 53 3.58 11.79 14.00
C SER A 53 2.31 11.16 13.42
N ALA A 54 1.31 12.01 13.21
CA ALA A 54 0.04 11.59 12.64
C ALA A 54 0.23 10.84 11.34
N VAL A 55 1.25 11.21 10.56
CA VAL A 55 1.56 10.56 9.34
C VAL A 55 1.98 9.12 9.63
N ASN A 56 2.99 8.98 10.50
CA ASN A 56 3.47 7.67 10.91
C ASN A 56 2.31 6.81 11.42
N LEU A 57 1.49 7.40 12.32
CA LEU A 57 0.31 6.73 12.87
C LEU A 57 -0.66 6.37 11.75
N GLN A 58 -1.00 7.36 10.91
CA GLN A 58 -1.86 7.16 9.78
C GLN A 58 -1.41 6.01 8.93
N LEU A 59 -0.13 6.02 8.56
CA LEU A 59 0.43 4.95 7.75
C LEU A 59 0.38 3.62 8.48
N ASN A 60 0.67 3.64 9.79
CA ASN A 60 0.56 2.40 10.62
C ASN A 60 -0.86 1.85 10.51
N ASP A 61 -1.85 2.77 10.56
CA ASP A 61 -3.26 2.40 10.37
C ASP A 61 -3.45 1.88 8.97
N LEU A 62 -3.07 2.71 7.98
CA LEU A 62 -3.11 2.36 6.57
C LEU A 62 -2.58 0.95 6.35
N ILE A 63 -1.33 0.74 6.75
CA ILE A 63 -0.65 -0.55 6.60
C ILE A 63 -1.54 -1.71 7.06
N GLU A 64 -2.00 -1.66 8.31
CA GLU A 64 -2.87 -2.72 8.82
C GLU A 64 -4.19 -2.71 8.11
N HIS A 65 -4.77 -1.54 7.94
CA HIS A 65 -6.02 -1.40 7.21
C HIS A 65 -5.92 -2.12 5.86
N ILE A 66 -4.89 -1.78 5.09
CA ILE A 66 -4.61 -2.44 3.82
C ILE A 66 -4.39 -3.95 4.05
N ALA A 67 -3.57 -4.30 5.08
CA ALA A 67 -3.31 -5.71 5.42
C ALA A 67 -4.61 -6.45 5.66
N SER A 68 -5.39 -5.96 6.60
CA SER A 68 -6.69 -6.53 6.93
C SER A 68 -7.62 -6.53 5.70
N PHE A 69 -7.55 -5.46 4.89
CA PHE A 69 -8.34 -5.37 3.66
C PHE A 69 -7.91 -6.48 2.70
N VAL A 70 -6.59 -6.57 2.45
CA VAL A 70 -6.03 -7.63 1.61
C VAL A 70 -6.45 -9.00 2.14
N MET A 71 -6.37 -9.19 3.47
CA MET A 71 -6.81 -10.44 4.12
C MET A 71 -8.14 -10.91 3.52
N SER A 72 -9.12 -10.00 3.50
CA SER A 72 -10.41 -10.26 2.89
C SER A 72 -10.28 -10.36 1.37
N PHE A 73 -9.54 -9.40 0.78
CA PHE A 73 -9.30 -9.38 -0.67
C PHE A 73 -8.86 -10.76 -1.19
N LYS A 74 -7.89 -11.39 -0.50
CA LYS A 74 -7.42 -12.75 -0.88
C LYS A 74 -8.59 -13.77 -0.88
N ILE A 75 -9.56 -13.55 0.01
CA ILE A 75 -10.78 -14.36 0.08
C ILE A 75 -11.66 -14.01 -1.11
N LYS A 76 -11.90 -12.70 -1.28
CA LYS A 76 -12.72 -12.18 -2.32
C LYS A 76 -12.19 -12.59 -3.70
N TYR A 77 -10.95 -12.24 -4.00
CA TYR A 77 -10.36 -12.53 -5.29
C TYR A 77 -9.02 -13.23 -5.19
N PRO A 78 -8.91 -14.46 -5.72
CA PRO A 78 -7.68 -15.24 -5.69
C PRO A 78 -6.79 -15.08 -6.95
N ASP A 79 -7.44 -14.82 -8.12
CA ASP A 79 -6.74 -14.78 -9.43
C ASP A 79 -5.70 -13.68 -9.53
N ASP A 80 -5.84 -12.67 -8.73
CA ASP A 80 -4.91 -11.56 -8.69
C ASP A 80 -3.79 -11.80 -7.66
N GLY A 81 -3.67 -13.05 -7.19
CA GLY A 81 -2.71 -13.40 -6.15
C GLY A 81 -1.38 -12.70 -6.24
N ASP A 82 -0.85 -12.50 -7.46
CA ASP A 82 0.46 -11.77 -7.64
C ASP A 82 0.35 -10.30 -7.21
N LEU A 83 -0.82 -9.70 -7.44
CA LEU A 83 -1.08 -8.33 -7.00
C LEU A 83 -1.20 -8.31 -5.50
N SER A 84 -2.01 -9.23 -4.96
CA SER A 84 -2.17 -9.37 -3.52
C SER A 84 -0.80 -9.61 -2.89
N GLU A 85 -0.05 -10.53 -3.50
CA GLU A 85 1.33 -10.83 -3.19
C GLU A 85 2.15 -9.52 -3.11
N LEU A 86 2.10 -8.72 -4.19
CA LEU A 86 2.78 -7.42 -4.25
C LEU A 86 2.31 -6.54 -3.11
N VAL A 87 0.98 -6.49 -2.91
CA VAL A 87 0.41 -5.71 -1.81
C VAL A 87 1.00 -6.19 -0.47
N GLU A 88 1.07 -7.52 -0.28
CA GLU A 88 1.68 -8.10 0.94
C GLU A 88 3.13 -7.61 1.08
N GLU A 89 3.86 -7.60 -0.04
CA GLU A 89 5.24 -7.08 -0.08
C GLU A 89 5.24 -5.59 0.29
N TYR A 90 4.44 -4.83 -0.45
CA TYR A 90 4.29 -3.39 -0.26
C TYR A 90 3.92 -3.07 1.19
N LEU A 91 2.95 -3.80 1.74
CA LEU A 91 2.53 -3.66 3.13
C LEU A 91 3.73 -3.80 4.04
N ASP A 92 4.41 -4.95 3.91
CA ASP A 92 5.62 -5.26 4.65
C ASP A 92 6.62 -4.12 4.52
N ASP A 93 7.00 -3.79 3.28
CA ASP A 93 7.95 -2.71 2.99
C ASP A 93 7.59 -1.45 3.77
N THR A 94 6.33 -1.02 3.64
CA THR A 94 5.82 0.16 4.35
C THR A 94 6.06 0.01 5.86
N TYR A 95 5.64 -1.12 6.42
CA TYR A 95 5.82 -1.38 7.85
C TYR A 95 7.31 -1.35 8.24
N THR A 96 8.12 -2.16 7.56
CA THR A 96 9.56 -2.26 7.84
C THR A 96 10.20 -0.87 7.99
N LEU A 97 9.87 0.05 7.07
CA LEU A 97 10.37 1.42 7.12
C LEU A 97 10.02 2.07 8.46
N PHE A 98 8.72 2.30 8.67
CA PHE A 98 8.19 2.95 9.90
C PHE A 98 8.56 2.25 11.19
N SER A 99 9.08 1.04 11.09
CA SER A 99 9.53 0.33 12.24
C SER A 99 10.84 0.97 12.76
N SER A 100 11.62 1.55 11.83
CA SER A 100 12.86 2.23 12.18
C SER A 100 12.61 3.71 12.44
N TYR A 101 13.20 4.25 13.52
CA TYR A 101 13.09 5.69 13.80
C TYR A 101 13.58 6.49 12.60
N GLY A 102 14.71 6.09 12.04
CA GLY A 102 15.22 6.75 10.85
C GLY A 102 14.94 5.93 9.62
N ILE A 103 14.24 6.52 8.66
CA ILE A 103 13.94 5.86 7.41
C ILE A 103 15.15 5.92 6.49
N ASN A 104 15.43 4.84 5.78
CA ASN A 104 16.59 4.82 4.88
C ASN A 104 16.16 4.69 3.44
N ASP A 105 16.92 5.31 2.56
CA ASP A 105 16.62 5.31 1.12
C ASP A 105 16.50 3.90 0.53
N PRO A 106 17.46 2.96 0.81
CA PRO A 106 17.41 1.59 0.23
C PRO A 106 16.04 0.94 0.44
N GLU A 107 15.68 0.76 1.71
CA GLU A 107 14.40 0.19 2.08
C GLU A 107 13.25 1.03 1.53
N LEU A 108 13.32 2.35 1.70
CA LEU A 108 12.29 3.24 1.19
C LEU A 108 12.12 3.09 -0.31
N GLN A 109 13.21 3.17 -1.06
CA GLN A 109 13.12 3.03 -2.50
C GLN A 109 12.62 1.66 -2.90
N ARG A 110 12.96 0.64 -2.10
CA ARG A 110 12.44 -0.70 -2.29
C ARG A 110 10.92 -0.64 -2.19
N TRP A 111 10.48 -0.05 -1.09
CA TRP A 111 9.06 0.20 -0.83
C TRP A 111 8.42 0.89 -2.05
N GLN A 112 9.06 1.98 -2.50
CA GLN A 112 8.61 2.71 -3.69
C GLN A 112 8.45 1.75 -4.88
N LYS A 113 9.50 0.95 -5.15
CA LYS A 113 9.49 -0.04 -6.23
C LYS A 113 8.33 -1.03 -6.05
N THR A 114 8.16 -1.55 -4.83
CA THR A 114 7.06 -2.46 -4.56
C THR A 114 5.70 -1.79 -4.89
N LYS A 115 5.56 -0.49 -4.61
CA LYS A 115 4.34 0.26 -4.96
C LYS A 115 4.18 0.32 -6.47
N GLU A 116 5.22 0.81 -7.15
CA GLU A 116 5.16 0.92 -8.62
C GLU A 116 4.92 -0.45 -9.26
N ARG A 117 5.52 -1.50 -8.66
CA ARG A 117 5.26 -2.88 -9.09
C ARG A 117 3.75 -3.12 -9.10
N LEU A 118 3.08 -2.81 -7.98
CA LEU A 118 1.60 -2.90 -7.90
C LEU A 118 0.95 -2.09 -9.02
N PHE A 119 1.53 -0.91 -9.31
CA PHE A 119 1.03 -0.03 -10.36
C PHE A 119 1.12 -0.70 -11.70
N ARG A 120 2.15 -1.51 -11.92
CA ARG A 120 2.25 -2.29 -13.15
C ARG A 120 0.96 -3.09 -13.30
N LEU A 121 0.61 -3.82 -12.23
CA LEU A 121 -0.58 -4.59 -12.16
C LEU A 121 -1.85 -3.73 -12.33
N PHE A 122 -1.90 -2.60 -11.63
CA PHE A 122 -3.08 -1.70 -11.69
C PHE A 122 -3.14 -0.86 -12.98
N SER A 123 -2.00 -0.61 -13.62
CA SER A 123 -1.94 0.24 -14.83
C SER A 123 -2.37 -0.47 -16.13
N GLY A 124 -3.05 -1.62 -16.02
CA GLY A 124 -3.53 -2.28 -17.23
C GLY A 124 -3.14 -3.73 -17.38
N GLU A 125 -2.59 -4.37 -16.33
CA GLU A 125 -2.28 -5.80 -16.43
C GLU A 125 -3.61 -6.59 -16.45
N TYR A 126 -3.98 -7.15 -15.30
CA TYR A 126 -5.23 -7.93 -15.14
C TYR A 126 -6.40 -7.04 -14.72
N ILE A 127 -6.11 -6.05 -13.87
CA ILE A 127 -7.13 -5.17 -13.29
C ILE A 127 -8.24 -4.76 -14.28
N SER A 128 -7.86 -4.22 -15.44
CA SER A 128 -8.84 -3.79 -16.45
C SER A 128 -9.88 -4.88 -16.74
N THR A 129 -9.42 -6.12 -16.91
CA THR A 129 -10.31 -7.26 -17.15
C THR A 129 -10.99 -7.70 -15.84
N LEU A 130 -10.21 -7.63 -14.75
CA LEU A 130 -10.67 -7.98 -13.41
C LEU A 130 -11.90 -7.16 -13.05
N MET A 131 -11.77 -5.85 -13.16
CA MET A 131 -12.87 -4.94 -12.88
C MET A 131 -13.64 -4.65 -14.16
N LYS A 132 -14.61 -5.52 -14.47
CA LYS A 132 -15.40 -5.34 -15.68
C LYS A 132 -16.16 -4.02 -15.63
N THR A 133 -16.53 -3.50 -16.80
CA THR A 133 -17.26 -2.26 -16.88
C THR A 133 -18.51 -2.30 -15.98
N MET A 12 -23.09 -9.50 -8.24
CA MET A 12 -23.25 -9.63 -6.77
C MET A 12 -21.92 -9.37 -6.09
N ASP A 13 -21.93 -8.56 -5.04
CA ASP A 13 -20.70 -8.23 -4.34
C ASP A 13 -20.74 -8.75 -2.94
N GLU A 14 -20.25 -9.95 -2.79
CA GLU A 14 -20.24 -10.68 -1.52
C GLU A 14 -19.71 -9.81 -0.37
N TYR A 15 -18.39 -9.58 -0.38
CA TYR A 15 -17.74 -8.81 0.66
C TYR A 15 -17.83 -7.31 0.36
N SER A 16 -17.04 -6.86 -0.60
CA SER A 16 -17.04 -5.46 -1.00
C SER A 16 -17.51 -5.31 -2.44
N PRO A 17 -18.03 -4.11 -2.84
CA PRO A 17 -18.41 -3.85 -4.22
C PRO A 17 -17.15 -3.79 -5.08
N LYS A 18 -16.82 -4.91 -5.74
CA LYS A 18 -15.57 -5.04 -6.54
C LYS A 18 -15.17 -3.74 -7.24
N ARG A 19 -16.11 -3.14 -7.98
CA ARG A 19 -15.85 -1.87 -8.67
C ARG A 19 -15.18 -0.82 -7.78
N HIS A 20 -15.68 -0.69 -6.55
CA HIS A 20 -15.12 0.26 -5.58
C HIS A 20 -14.00 -0.37 -4.77
N ASP A 21 -14.12 -1.66 -4.50
CA ASP A 21 -13.13 -2.39 -3.70
C ASP A 21 -11.79 -2.52 -4.43
N VAL A 22 -11.83 -2.84 -5.72
CA VAL A 22 -10.63 -2.81 -6.56
C VAL A 22 -10.10 -1.38 -6.61
N ALA A 23 -11.02 -0.40 -6.79
CA ALA A 23 -10.66 1.03 -6.77
C ALA A 23 -9.96 1.35 -5.46
N GLN A 24 -10.54 0.90 -4.34
CA GLN A 24 -9.96 1.07 -3.00
C GLN A 24 -8.54 0.54 -3.00
N LEU A 25 -8.34 -0.69 -3.54
CA LEU A 25 -7.02 -1.31 -3.62
C LEU A 25 -5.98 -0.32 -4.15
N LYS A 26 -6.24 0.21 -5.35
CA LYS A 26 -5.33 1.19 -5.95
C LYS A 26 -5.33 2.49 -5.16
N PHE A 27 -6.52 3.07 -4.96
CA PHE A 27 -6.69 4.33 -4.21
C PHE A 27 -5.87 4.33 -2.93
N LEU A 28 -5.92 3.23 -2.17
CA LEU A 28 -5.15 3.13 -0.92
C LEU A 28 -3.65 3.15 -1.22
N CYS A 29 -3.21 2.30 -2.16
CA CYS A 29 -1.80 2.27 -2.59
C CYS A 29 -1.39 3.65 -3.11
N GLU A 30 -2.18 4.19 -4.05
CA GLU A 30 -1.96 5.51 -4.61
C GLU A 30 -1.85 6.56 -3.50
N SER A 31 -2.86 6.63 -2.63
CA SER A 31 -2.82 7.56 -1.48
C SER A 31 -1.52 7.38 -0.70
N LEU A 32 -1.18 6.11 -0.39
CA LEU A 32 0.05 5.80 0.33
C LEU A 32 1.26 6.31 -0.43
N TYR A 33 1.27 6.09 -1.74
CA TYR A 33 2.38 6.54 -2.57
C TYR A 33 2.74 8.00 -2.22
N ASP A 34 1.71 8.85 -2.12
CA ASP A 34 1.93 10.26 -1.77
C ASP A 34 2.26 10.41 -0.30
N GLU A 35 1.38 9.91 0.58
CA GLU A 35 1.61 10.02 2.05
C GLU A 35 3.00 9.46 2.44
N GLY A 36 3.38 8.35 1.82
CA GLY A 36 4.66 7.73 2.07
C GLY A 36 5.80 8.61 1.65
N ILE A 37 5.85 8.98 0.36
CA ILE A 37 6.90 9.89 -0.13
C ILE A 37 6.88 11.20 0.66
N ALA A 38 5.67 11.76 0.87
CA ALA A 38 5.50 12.97 1.68
C ALA A 38 6.22 12.82 3.03
N THR A 39 6.06 11.66 3.66
CA THR A 39 6.68 11.40 4.94
C THR A 39 8.17 10.98 4.81
N LEU A 40 8.48 10.05 3.89
CA LEU A 40 9.87 9.59 3.72
C LEU A 40 10.78 10.70 3.20
N GLY A 41 10.21 11.68 2.49
CA GLY A 41 11.00 12.76 1.95
C GLY A 41 11.28 13.87 2.94
N ASP A 42 10.73 13.78 4.16
CA ASP A 42 10.95 14.79 5.16
C ASP A 42 11.09 14.21 6.54
N SER A 43 12.26 14.41 7.13
CA SER A 43 12.50 14.02 8.51
C SER A 43 11.70 14.95 9.43
N HIS A 44 10.40 14.70 9.48
CA HIS A 44 9.40 15.56 10.14
C HIS A 44 9.82 16.09 11.51
N HIS A 45 10.58 15.33 12.29
CA HIS A 45 11.05 15.82 13.60
C HIS A 45 12.41 16.57 13.51
N GLY A 46 12.74 17.08 12.32
CA GLY A 46 14.01 17.79 12.12
C GLY A 46 15.22 16.87 12.16
N TRP A 47 15.01 15.56 12.14
CA TRP A 47 16.07 14.55 12.19
C TRP A 47 15.49 13.17 11.92
N VAL A 48 14.64 12.71 12.82
CA VAL A 48 13.96 11.42 12.67
C VAL A 48 12.52 11.62 12.23
N ASN A 49 11.86 10.53 11.84
CA ASN A 49 10.45 10.57 11.50
C ASN A 49 9.65 10.05 12.68
N ASP A 50 8.94 10.96 13.34
CA ASP A 50 8.17 10.63 14.55
C ASP A 50 7.18 9.51 14.29
N PRO A 51 7.29 8.38 15.03
CA PRO A 51 6.32 7.28 14.94
C PRO A 51 4.88 7.76 15.21
N THR A 52 4.76 8.84 16.00
CA THR A 52 3.47 9.38 16.37
C THR A 52 3.09 10.64 15.59
N SER A 53 3.83 10.94 14.53
CA SER A 53 3.52 12.07 13.69
C SER A 53 2.27 11.77 12.87
N ALA A 54 1.48 12.79 12.57
CA ALA A 54 0.25 12.61 11.79
C ALA A 54 0.51 11.78 10.54
N VAL A 55 1.64 12.04 9.89
CA VAL A 55 2.01 11.32 8.73
C VAL A 55 2.30 9.86 9.06
N ASN A 56 3.28 9.62 9.96
CA ASN A 56 3.62 8.25 10.37
C ASN A 56 2.37 7.53 10.87
N LEU A 57 1.56 8.22 11.69
CA LEU A 57 0.30 7.67 12.19
C LEU A 57 -0.58 7.28 11.02
N GLN A 58 -0.83 8.22 10.11
CA GLN A 58 -1.59 7.95 8.92
C GLN A 58 -1.05 6.75 8.15
N LEU A 59 0.25 6.77 7.87
CA LEU A 59 0.91 5.71 7.10
C LEU A 59 0.81 4.38 7.80
N ASN A 60 1.29 4.31 9.04
CA ASN A 60 1.23 3.07 9.82
C ASN A 60 -0.21 2.59 9.98
N ASP A 61 -1.16 3.54 10.06
CA ASP A 61 -2.59 3.22 10.17
C ASP A 61 -3.07 2.64 8.87
N LEU A 62 -2.91 3.41 7.78
CA LEU A 62 -3.35 2.95 6.47
C LEU A 62 -2.71 1.63 6.11
N ILE A 63 -1.40 1.46 6.41
CA ILE A 63 -0.70 0.19 6.15
C ILE A 63 -1.53 -1.00 6.68
N GLU A 64 -1.84 -0.99 7.98
CA GLU A 64 -2.62 -2.07 8.57
C GLU A 64 -4.05 -2.03 8.07
N HIS A 65 -4.63 -0.83 8.02
CA HIS A 65 -5.98 -0.63 7.49
C HIS A 65 -6.11 -1.33 6.14
N ILE A 66 -5.16 -1.05 5.24
CA ILE A 66 -5.08 -1.70 3.94
C ILE A 66 -4.86 -3.20 4.12
N ALA A 67 -3.91 -3.58 5.00
CA ALA A 67 -3.65 -5.01 5.29
C ALA A 67 -4.94 -5.78 5.52
N SER A 68 -5.79 -5.29 6.43
CA SER A 68 -7.08 -5.92 6.69
C SER A 68 -7.92 -6.03 5.40
N PHE A 69 -7.87 -4.98 4.57
CA PHE A 69 -8.56 -4.99 3.28
C PHE A 69 -7.92 -6.02 2.37
N VAL A 70 -6.59 -6.01 2.29
CA VAL A 70 -5.84 -6.98 1.50
C VAL A 70 -6.23 -8.39 1.92
N MET A 71 -6.22 -8.66 3.23
CA MET A 71 -6.64 -9.96 3.74
C MET A 71 -8.04 -10.29 3.22
N SER A 72 -8.98 -9.36 3.42
CA SER A 72 -10.33 -9.47 2.93
C SER A 72 -10.32 -9.70 1.42
N PHE A 73 -9.46 -8.95 0.73
CA PHE A 73 -9.25 -9.11 -0.69
C PHE A 73 -8.82 -10.55 -1.00
N LYS A 74 -7.76 -11.00 -0.31
CA LYS A 74 -7.25 -12.40 -0.42
C LYS A 74 -8.35 -13.46 -0.13
N ILE A 75 -9.44 -13.06 0.50
CA ILE A 75 -10.56 -13.96 0.72
C ILE A 75 -11.25 -14.25 -0.62
N LYS A 76 -11.35 -13.23 -1.48
CA LYS A 76 -11.99 -13.37 -2.80
C LYS A 76 -10.96 -13.43 -3.97
N TYR A 77 -9.74 -12.89 -3.73
CA TYR A 77 -8.67 -12.74 -4.77
C TYR A 77 -8.57 -13.87 -5.76
N PRO A 78 -9.05 -13.67 -7.00
CA PRO A 78 -9.01 -14.69 -7.99
C PRO A 78 -7.71 -14.67 -8.79
N ASP A 79 -7.53 -13.67 -9.60
CA ASP A 79 -6.31 -13.54 -10.42
C ASP A 79 -5.42 -12.41 -9.95
N ASP A 80 -5.76 -11.81 -8.82
CA ASP A 80 -5.00 -10.69 -8.32
C ASP A 80 -3.95 -11.06 -7.30
N GLY A 81 -3.74 -12.36 -7.10
CA GLY A 81 -2.76 -12.86 -6.14
C GLY A 81 -1.45 -12.06 -6.11
N ASP A 82 -0.94 -11.67 -7.29
CA ASP A 82 0.29 -10.86 -7.35
C ASP A 82 0.05 -9.50 -6.74
N LEU A 83 -1.09 -8.90 -7.07
CA LEU A 83 -1.49 -7.60 -6.54
C LEU A 83 -1.66 -7.69 -5.03
N SER A 84 -2.42 -8.68 -4.58
CA SER A 84 -2.67 -8.87 -3.15
C SER A 84 -1.36 -9.02 -2.41
N GLU A 85 -0.54 -10.00 -2.84
CA GLU A 85 0.78 -10.23 -2.28
C GLU A 85 1.65 -8.96 -2.35
N LEU A 86 1.61 -8.30 -3.50
CA LEU A 86 2.36 -7.08 -3.74
C LEU A 86 1.95 -6.00 -2.76
N VAL A 87 0.64 -5.83 -2.55
CA VAL A 87 0.16 -4.87 -1.57
C VAL A 87 0.72 -5.26 -0.20
N GLU A 88 0.63 -6.56 0.17
CA GLU A 88 1.22 -7.04 1.44
C GLU A 88 2.71 -6.65 1.50
N GLU A 89 3.44 -6.91 0.40
CA GLU A 89 4.85 -6.50 0.25
C GLU A 89 5.00 -5.00 0.51
N TYR A 90 4.16 -4.22 -0.19
CA TYR A 90 4.13 -2.78 -0.06
C TYR A 90 3.87 -2.38 1.39
N LEU A 91 2.75 -2.85 1.95
CA LEU A 91 2.41 -2.56 3.35
C LEU A 91 3.57 -2.88 4.26
N ASP A 92 4.12 -4.08 4.07
CA ASP A 92 5.26 -4.56 4.84
C ASP A 92 6.41 -3.57 4.77
N ASP A 93 6.88 -3.28 3.56
CA ASP A 93 8.01 -2.35 3.41
C ASP A 93 7.67 -0.98 3.97
N THR A 94 6.46 -0.48 3.64
CA THR A 94 5.98 0.80 4.21
C THR A 94 6.11 0.78 5.74
N TYR A 95 5.53 -0.26 6.35
CA TYR A 95 5.60 -0.44 7.80
C TYR A 95 7.06 -0.46 8.25
N THR A 96 7.87 -1.28 7.58
CA THR A 96 9.30 -1.40 7.88
C THR A 96 9.96 -0.01 7.85
N LEU A 97 9.80 0.70 6.73
CA LEU A 97 10.34 2.05 6.51
C LEU A 97 10.04 2.97 7.67
N PHE A 98 8.77 3.24 7.89
CA PHE A 98 8.34 4.17 8.91
C PHE A 98 8.57 3.67 10.32
N SER A 99 8.84 2.37 10.45
CA SER A 99 9.19 1.80 11.73
C SER A 99 10.61 2.22 12.15
N SER A 100 11.45 2.66 11.19
CA SER A 100 12.77 3.19 11.53
C SER A 100 12.64 4.62 12.04
N TYR A 101 13.41 4.97 13.06
CA TYR A 101 13.42 6.34 13.59
C TYR A 101 13.76 7.31 12.46
N GLY A 102 14.85 7.01 11.76
CA GLY A 102 15.22 7.76 10.59
C GLY A 102 15.07 6.88 9.37
N ILE A 103 14.42 7.40 8.33
CA ILE A 103 14.19 6.60 7.12
C ILE A 103 15.50 6.19 6.49
N ASN A 104 15.66 4.90 6.24
CA ASN A 104 16.85 4.37 5.61
C ASN A 104 16.60 4.00 4.15
N ASP A 105 17.67 4.08 3.36
CA ASP A 105 17.60 3.95 1.89
C ASP A 105 17.16 2.59 1.31
N PRO A 106 17.93 1.47 1.54
CA PRO A 106 17.66 0.17 0.88
C PRO A 106 16.20 -0.25 0.90
N GLU A 107 15.65 -0.43 2.10
CA GLU A 107 14.24 -0.85 2.24
C GLU A 107 13.31 0.14 1.53
N LEU A 108 13.58 1.43 1.70
CA LEU A 108 12.81 2.46 1.01
C LEU A 108 12.93 2.26 -0.51
N GLN A 109 14.16 2.06 -1.00
CA GLN A 109 14.38 1.80 -2.41
C GLN A 109 13.56 0.58 -2.87
N ARG A 110 13.52 -0.46 -2.03
CA ARG A 110 12.70 -1.65 -2.30
C ARG A 110 11.22 -1.27 -2.31
N TRP A 111 10.82 -0.40 -1.38
CA TRP A 111 9.45 0.13 -1.34
C TRP A 111 9.14 0.75 -2.69
N GLN A 112 10.09 1.55 -3.18
CA GLN A 112 9.99 2.20 -4.49
C GLN A 112 9.81 1.16 -5.61
N LYS A 113 10.62 0.08 -5.56
CA LYS A 113 10.49 -1.04 -6.52
C LYS A 113 9.11 -1.68 -6.41
N THR A 114 8.62 -1.80 -5.20
CA THR A 114 7.32 -2.37 -4.95
C THR A 114 6.21 -1.47 -5.53
N LYS A 115 6.31 -0.12 -5.31
CA LYS A 115 5.30 0.80 -5.90
C LYS A 115 5.20 0.62 -7.40
N GLU A 116 6.34 0.75 -8.11
CA GLU A 116 6.33 0.59 -9.58
C GLU A 116 5.60 -0.66 -9.97
N ARG A 117 6.04 -1.81 -9.41
CA ARG A 117 5.36 -3.07 -9.65
C ARG A 117 3.86 -2.94 -9.42
N LEU A 118 3.47 -2.44 -8.23
CA LEU A 118 2.04 -2.26 -7.88
C LEU A 118 1.27 -1.61 -9.03
N PHE A 119 1.85 -0.56 -9.57
CA PHE A 119 1.23 0.19 -10.63
C PHE A 119 1.19 -0.57 -11.93
N ARG A 120 2.15 -1.46 -12.16
CA ARG A 120 2.11 -2.32 -13.34
C ARG A 120 0.80 -3.13 -13.31
N LEU A 121 0.45 -3.65 -12.11
CA LEU A 121 -0.77 -4.33 -11.88
C LEU A 121 -1.97 -3.38 -11.98
N PHE A 122 -1.90 -2.26 -11.25
CA PHE A 122 -2.98 -1.25 -11.27
C PHE A 122 -3.19 -0.61 -12.66
N SER A 123 -2.21 -0.79 -13.57
CA SER A 123 -2.30 -0.28 -14.95
C SER A 123 -3.28 -1.12 -15.82
N GLY A 124 -3.97 -2.11 -15.23
CA GLY A 124 -4.93 -2.90 -15.99
C GLY A 124 -4.73 -4.40 -15.90
N GLU A 125 -3.46 -4.88 -15.69
CA GLU A 125 -3.11 -6.34 -15.60
C GLU A 125 -4.36 -7.26 -15.46
N TYR A 126 -4.78 -7.49 -14.24
CA TYR A 126 -5.97 -8.32 -13.94
C TYR A 126 -7.25 -7.49 -13.89
N ILE A 127 -7.10 -6.23 -13.48
CA ILE A 127 -8.22 -5.31 -13.28
C ILE A 127 -9.13 -5.23 -14.50
N SER A 128 -8.58 -4.86 -15.67
CA SER A 128 -9.40 -4.69 -16.89
C SER A 128 -10.43 -5.82 -17.10
N THR A 129 -9.99 -7.06 -16.94
CA THR A 129 -10.89 -8.22 -17.05
C THR A 129 -11.99 -8.15 -15.98
N LEU A 130 -11.60 -7.75 -14.79
CA LEU A 130 -12.52 -7.57 -13.67
C LEU A 130 -13.42 -6.35 -13.89
N MET A 131 -12.89 -5.33 -14.56
CA MET A 131 -13.58 -4.09 -14.80
C MET A 131 -14.69 -4.22 -15.85
N LYS A 132 -15.62 -5.12 -15.60
CA LYS A 132 -16.77 -5.34 -16.48
C LYS A 132 -17.86 -4.30 -16.17
N THR A 133 -18.04 -4.02 -14.88
CA THR A 133 -19.01 -3.06 -14.40
C THR A 133 -18.51 -1.62 -14.65
N MET A 12 -23.15 -14.88 -0.16
CA MET A 12 -21.87 -14.18 0.07
C MET A 12 -21.78 -12.95 -0.83
N ASP A 13 -22.19 -11.81 -0.30
CA ASP A 13 -22.10 -10.56 -1.04
C ASP A 13 -20.76 -9.89 -0.77
N GLU A 14 -20.58 -8.67 -1.27
CA GLU A 14 -19.35 -7.95 -1.09
C GLU A 14 -19.52 -6.76 -0.17
N TYR A 15 -18.56 -6.59 0.76
CA TYR A 15 -18.50 -5.38 1.58
C TYR A 15 -18.35 -4.19 0.62
N SER A 16 -17.49 -4.36 -0.37
CA SER A 16 -17.28 -3.40 -1.41
C SER A 16 -17.25 -4.15 -2.76
N PRO A 17 -18.12 -3.76 -3.74
CA PRO A 17 -18.17 -4.44 -5.06
C PRO A 17 -16.79 -4.52 -5.69
N LYS A 18 -16.45 -5.67 -6.30
CA LYS A 18 -15.12 -5.91 -6.91
C LYS A 18 -14.49 -4.65 -7.52
N ARG A 19 -15.19 -4.02 -8.46
CA ARG A 19 -14.68 -2.81 -9.11
C ARG A 19 -14.40 -1.70 -8.09
N HIS A 20 -15.35 -1.51 -7.18
CA HIS A 20 -15.22 -0.50 -6.11
C HIS A 20 -14.06 -0.87 -5.18
N ASP A 21 -14.05 -2.13 -4.75
CA ASP A 21 -13.03 -2.64 -3.83
C ASP A 21 -11.65 -2.64 -4.48
N VAL A 22 -11.54 -3.17 -5.69
CA VAL A 22 -10.27 -3.12 -6.43
C VAL A 22 -9.85 -1.64 -6.58
N ALA A 23 -10.81 -0.76 -6.91
CA ALA A 23 -10.54 0.69 -6.98
C ALA A 23 -10.04 1.16 -5.62
N GLN A 24 -10.77 0.80 -4.56
CA GLN A 24 -10.36 1.12 -3.19
C GLN A 24 -8.95 0.59 -2.93
N LEU A 25 -8.66 -0.63 -3.39
CA LEU A 25 -7.34 -1.25 -3.23
C LEU A 25 -6.26 -0.32 -3.81
N LYS A 26 -6.39 0.00 -5.11
CA LYS A 26 -5.42 0.91 -5.74
C LYS A 26 -5.46 2.30 -5.07
N PHE A 27 -6.68 2.79 -4.78
CA PHE A 27 -6.86 4.06 -4.05
C PHE A 27 -6.09 4.03 -2.73
N LEU A 28 -6.24 2.94 -1.97
CA LEU A 28 -5.52 2.75 -0.70
C LEU A 28 -4.02 2.88 -0.96
N CYS A 29 -3.54 2.20 -2.01
CA CYS A 29 -2.14 2.29 -2.42
C CYS A 29 -1.78 3.74 -2.72
N GLU A 30 -2.56 4.38 -3.61
CA GLU A 30 -2.36 5.81 -3.93
C GLU A 30 -2.34 6.66 -2.66
N SER A 31 -3.29 6.42 -1.77
CA SER A 31 -3.39 7.15 -0.50
C SER A 31 -2.13 6.91 0.34
N LEU A 32 -1.81 5.63 0.59
CA LEU A 32 -0.60 5.30 1.35
C LEU A 32 0.63 5.85 0.66
N TYR A 33 0.67 5.74 -0.65
CA TYR A 33 1.75 6.30 -1.46
C TYR A 33 1.93 7.79 -1.09
N ASP A 34 0.81 8.51 -1.06
CA ASP A 34 0.83 9.94 -0.75
C ASP A 34 1.34 10.19 0.66
N GLU A 35 0.71 9.54 1.64
CA GLU A 35 1.12 9.67 3.03
C GLU A 35 2.59 9.23 3.19
N GLY A 36 2.94 8.15 2.51
CA GLY A 36 4.29 7.62 2.57
C GLY A 36 5.30 8.60 2.08
N ILE A 37 5.15 9.08 0.84
CA ILE A 37 6.07 10.08 0.28
C ILE A 37 6.22 11.27 1.24
N ALA A 38 5.09 11.78 1.74
CA ALA A 38 5.09 12.89 2.70
C ALA A 38 5.94 12.53 3.93
N THR A 39 5.73 11.32 4.45
CA THR A 39 6.47 10.85 5.60
C THR A 39 7.96 10.59 5.25
N LEU A 40 8.22 10.00 4.08
CA LEU A 40 9.60 9.70 3.66
C LEU A 40 10.39 11.00 3.45
N GLY A 41 9.69 12.10 3.13
CA GLY A 41 10.32 13.40 3.04
C GLY A 41 10.12 14.14 4.33
N ASP A 42 10.57 13.48 5.44
CA ASP A 42 10.37 13.93 6.83
C ASP A 42 10.27 15.44 6.98
N SER A 43 9.06 15.92 6.80
CA SER A 43 8.75 17.32 6.93
C SER A 43 8.28 17.65 8.37
N HIS A 44 8.14 16.60 9.21
CA HIS A 44 7.73 16.76 10.59
C HIS A 44 8.92 17.07 11.51
N HIS A 45 10.02 16.33 11.36
CA HIS A 45 11.18 16.53 12.24
C HIS A 45 12.39 17.15 11.53
N GLY A 46 12.42 17.09 10.19
CA GLY A 46 13.57 17.64 9.46
C GLY A 46 14.87 16.87 9.68
N TRP A 47 14.77 15.67 10.24
CA TRP A 47 15.91 14.80 10.50
C TRP A 47 15.49 13.35 10.27
N VAL A 48 14.84 12.78 11.28
CA VAL A 48 14.30 11.43 11.21
C VAL A 48 12.81 11.49 11.52
N ASN A 49 12.01 10.63 10.89
CA ASN A 49 10.59 10.61 11.21
C ASN A 49 10.32 9.56 12.28
N ASP A 50 10.04 10.04 13.48
CA ASP A 50 9.80 9.19 14.65
C ASP A 50 8.73 8.14 14.38
N PRO A 51 8.93 6.87 14.85
CA PRO A 51 7.89 5.82 14.71
C PRO A 51 6.52 6.25 15.33
N THR A 52 6.56 7.22 16.24
CA THR A 52 5.37 7.79 16.87
C THR A 52 4.89 9.06 16.12
N SER A 53 5.64 9.48 15.13
CA SER A 53 5.34 10.66 14.34
C SER A 53 3.99 10.51 13.66
N ALA A 54 3.24 11.61 13.64
CA ALA A 54 1.87 11.63 13.07
C ALA A 54 1.79 10.90 11.74
N VAL A 55 2.67 11.29 10.83
CA VAL A 55 2.76 10.71 9.54
C VAL A 55 2.92 9.19 9.62
N ASN A 56 3.95 8.77 10.38
CA ASN A 56 4.23 7.34 10.60
C ASN A 56 3.00 6.63 11.18
N LEU A 57 2.40 7.23 12.23
CA LEU A 57 1.20 6.65 12.88
C LEU A 57 0.10 6.45 11.87
N GLN A 58 -0.22 7.52 11.11
CA GLN A 58 -1.18 7.46 10.05
C GLN A 58 -0.93 6.29 9.13
N LEU A 59 0.30 6.21 8.63
CA LEU A 59 0.69 5.13 7.70
C LEU A 59 0.49 3.77 8.32
N ASN A 60 0.80 3.62 9.61
CA ASN A 60 0.62 2.33 10.31
C ASN A 60 -0.83 1.93 10.23
N ASP A 61 -1.72 2.90 10.50
CA ASP A 61 -3.16 2.68 10.35
C ASP A 61 -3.46 2.33 8.91
N LEU A 62 -2.99 3.19 7.98
CA LEU A 62 -3.12 2.96 6.54
C LEU A 62 -2.74 1.53 6.17
N ILE A 63 -1.49 1.18 6.46
CA ILE A 63 -0.93 -0.15 6.18
C ILE A 63 -1.89 -1.27 6.64
N GLU A 64 -2.31 -1.23 7.90
CA GLU A 64 -3.22 -2.25 8.42
C GLU A 64 -4.61 -2.09 7.84
N HIS A 65 -5.04 -0.85 7.67
CA HIS A 65 -6.31 -0.55 7.01
C HIS A 65 -6.33 -1.23 5.63
N ILE A 66 -5.21 -1.11 4.91
CA ILE A 66 -5.06 -1.78 3.62
C ILE A 66 -4.98 -3.29 3.86
N ALA A 67 -4.20 -3.72 4.88
CA ALA A 67 -4.07 -5.13 5.24
C ALA A 67 -5.45 -5.76 5.42
N SER A 68 -6.22 -5.22 6.36
CA SER A 68 -7.58 -5.69 6.60
C SER A 68 -8.42 -5.66 5.31
N PHE A 69 -8.29 -4.57 4.55
CA PHE A 69 -8.97 -4.45 3.27
C PHE A 69 -8.56 -5.60 2.33
N VAL A 70 -7.24 -5.82 2.21
CA VAL A 70 -6.70 -6.93 1.41
C VAL A 70 -7.32 -8.27 1.85
N MET A 71 -7.49 -8.45 3.17
CA MET A 71 -8.15 -9.67 3.68
C MET A 71 -9.49 -9.91 2.96
N SER A 72 -10.30 -8.84 2.82
CA SER A 72 -11.56 -8.91 2.10
C SER A 72 -11.34 -9.36 0.66
N PHE A 73 -10.29 -8.81 0.03
CA PHE A 73 -9.91 -9.20 -1.33
C PHE A 73 -9.77 -10.72 -1.41
N LYS A 74 -8.98 -11.29 -0.48
CA LYS A 74 -8.80 -12.76 -0.40
C LYS A 74 -10.11 -13.51 -0.20
N ILE A 75 -11.09 -12.88 0.45
CA ILE A 75 -12.41 -13.49 0.65
C ILE A 75 -13.12 -13.55 -0.71
N LYS A 76 -13.05 -12.45 -1.45
CA LYS A 76 -13.66 -12.35 -2.75
C LYS A 76 -12.94 -13.25 -3.76
N TYR A 77 -11.62 -13.10 -3.87
CA TYR A 77 -10.85 -13.84 -4.88
C TYR A 77 -9.33 -13.82 -4.58
N PRO A 78 -8.66 -14.99 -4.62
CA PRO A 78 -7.19 -15.08 -4.45
C PRO A 78 -6.45 -15.00 -5.82
N ASP A 79 -7.18 -14.56 -6.88
CA ASP A 79 -6.64 -14.48 -8.26
C ASP A 79 -5.51 -13.46 -8.41
N ASP A 80 -5.27 -12.71 -7.36
CA ASP A 80 -4.26 -11.68 -7.31
C ASP A 80 -2.99 -12.17 -6.59
N GLY A 81 -2.74 -13.46 -6.68
CA GLY A 81 -1.61 -14.09 -5.99
C GLY A 81 -0.34 -13.24 -5.96
N ASP A 82 0.01 -12.64 -7.10
CA ASP A 82 1.20 -11.75 -7.16
C ASP A 82 0.87 -10.35 -6.67
N LEU A 83 -0.31 -9.83 -7.04
CA LEU A 83 -0.77 -8.51 -6.60
C LEU A 83 -0.83 -8.45 -5.08
N SER A 84 -1.46 -9.46 -4.48
CA SER A 84 -1.56 -9.57 -3.02
C SER A 84 -0.17 -9.57 -2.45
N GLU A 85 0.67 -10.45 -3.00
CA GLU A 85 2.06 -10.52 -2.70
C GLU A 85 2.69 -9.11 -2.71
N LEU A 86 2.43 -8.37 -3.78
CA LEU A 86 2.93 -7.00 -3.93
C LEU A 86 2.35 -6.10 -2.86
N VAL A 87 1.04 -6.12 -2.72
CA VAL A 87 0.36 -5.28 -1.74
C VAL A 87 0.88 -5.60 -0.33
N GLU A 88 0.94 -6.89 0.01
CA GLU A 88 1.48 -7.31 1.30
C GLU A 88 2.95 -6.88 1.44
N GLU A 89 3.71 -7.01 0.34
CA GLU A 89 5.07 -6.49 0.27
C GLU A 89 5.03 -5.01 0.65
N TYR A 90 4.19 -4.26 -0.08
CA TYR A 90 3.97 -2.83 0.15
C TYR A 90 3.69 -2.53 1.62
N LEU A 91 2.69 -3.20 2.20
CA LEU A 91 2.33 -2.98 3.60
C LEU A 91 3.53 -3.19 4.51
N ASP A 92 4.20 -4.33 4.35
CA ASP A 92 5.39 -4.67 5.14
C ASP A 92 6.50 -3.65 4.88
N ASP A 93 6.75 -3.38 3.60
CA ASP A 93 7.74 -2.40 3.15
C ASP A 93 7.51 -1.07 3.87
N THR A 94 6.31 -0.51 3.67
CA THR A 94 5.89 0.73 4.32
C THR A 94 6.11 0.65 5.83
N TYR A 95 5.67 -0.46 6.44
CA TYR A 95 5.82 -0.68 7.86
C TYR A 95 7.30 -0.63 8.26
N THR A 96 8.13 -1.42 7.59
CA THR A 96 9.57 -1.46 7.87
C THR A 96 10.22 -0.06 7.77
N LEU A 97 10.02 0.61 6.62
CA LEU A 97 10.60 1.95 6.38
C LEU A 97 10.25 2.91 7.50
N PHE A 98 8.96 3.21 7.62
CA PHE A 98 8.48 4.16 8.63
C PHE A 98 8.74 3.70 10.04
N SER A 99 9.10 2.45 10.21
CA SER A 99 9.51 1.95 11.50
C SER A 99 11.02 2.23 11.75
N SER A 100 11.69 2.82 10.76
CA SER A 100 13.08 3.18 10.84
C SER A 100 13.19 4.72 10.78
N TYR A 101 13.46 5.33 11.95
CA TYR A 101 13.54 6.80 12.14
C TYR A 101 13.88 7.55 10.86
N GLY A 102 15.09 7.39 10.36
CA GLY A 102 15.46 8.01 9.11
C GLY A 102 15.38 6.99 8.02
N ILE A 103 14.62 7.29 6.99
CA ILE A 103 14.38 6.33 5.92
C ILE A 103 15.68 5.81 5.31
N ASN A 104 15.77 4.49 5.21
CA ASN A 104 16.95 3.82 4.64
C ASN A 104 16.89 3.89 3.13
N ASP A 105 18.05 4.09 2.50
CA ASP A 105 18.11 4.19 1.05
C ASP A 105 17.66 2.90 0.33
N PRO A 106 18.29 1.72 0.63
CA PRO A 106 17.88 0.43 0.01
C PRO A 106 16.42 0.13 0.29
N GLU A 107 16.06 0.12 1.56
CA GLU A 107 14.70 -0.13 2.00
C GLU A 107 13.74 0.82 1.28
N LEU A 108 14.07 2.11 1.23
CA LEU A 108 13.23 3.08 0.53
C LEU A 108 13.12 2.71 -0.92
N GLN A 109 14.26 2.48 -1.59
CA GLN A 109 14.24 2.11 -2.99
C GLN A 109 13.41 0.86 -3.21
N ARG A 110 13.45 -0.06 -2.24
CA ARG A 110 12.61 -1.23 -2.28
C ARG A 110 11.15 -0.77 -2.34
N TRP A 111 10.74 0.06 -1.36
CA TRP A 111 9.40 0.68 -1.33
C TRP A 111 9.10 1.36 -2.65
N GLN A 112 10.03 2.23 -3.07
CA GLN A 112 9.91 2.94 -4.34
C GLN A 112 9.54 1.97 -5.47
N LYS A 113 10.25 0.84 -5.54
CA LYS A 113 9.93 -0.16 -6.53
C LYS A 113 8.62 -0.88 -6.21
N THR A 114 8.43 -1.28 -4.96
CA THR A 114 7.20 -1.95 -4.54
C THR A 114 5.95 -1.14 -4.95
N LYS A 115 5.94 0.17 -4.64
CA LYS A 115 4.80 1.02 -5.05
C LYS A 115 4.60 0.96 -6.56
N GLU A 116 5.67 1.26 -7.33
CA GLU A 116 5.60 1.17 -8.81
C GLU A 116 5.10 -0.22 -9.24
N ARG A 117 5.71 -1.24 -8.66
CA ARG A 117 5.37 -2.63 -8.89
C ARG A 117 3.86 -2.87 -8.77
N LEU A 118 3.26 -2.40 -7.66
CA LEU A 118 1.79 -2.53 -7.45
C LEU A 118 0.99 -1.91 -8.60
N PHE A 119 1.46 -0.76 -9.08
CA PHE A 119 0.80 -0.03 -10.18
C PHE A 119 0.80 -0.88 -11.41
N ARG A 120 1.89 -1.58 -11.64
CA ARG A 120 2.00 -2.48 -12.79
C ARG A 120 0.84 -3.45 -12.80
N LEU A 121 0.56 -4.05 -11.65
CA LEU A 121 -0.49 -5.00 -11.54
C LEU A 121 -1.87 -4.36 -11.66
N PHE A 122 -2.07 -3.25 -10.97
CA PHE A 122 -3.37 -2.55 -10.99
C PHE A 122 -3.66 -1.92 -12.35
N SER A 123 -2.63 -1.43 -13.04
CA SER A 123 -2.80 -0.77 -14.34
C SER A 123 -3.02 -1.73 -15.53
N GLY A 124 -3.37 -3.00 -15.26
CA GLY A 124 -3.70 -3.88 -16.37
C GLY A 124 -3.00 -5.20 -16.43
N GLU A 125 -2.56 -5.76 -15.29
CA GLU A 125 -2.12 -7.14 -15.31
C GLU A 125 -3.41 -7.97 -15.26
N TYR A 126 -3.93 -8.16 -14.05
CA TYR A 126 -5.24 -8.79 -13.87
C TYR A 126 -6.38 -7.77 -13.86
N ILE A 127 -6.18 -6.71 -13.04
CA ILE A 127 -7.21 -5.73 -12.71
C ILE A 127 -8.13 -5.29 -13.86
N SER A 128 -7.57 -4.70 -14.91
CA SER A 128 -8.40 -4.20 -16.02
C SER A 128 -9.36 -5.27 -16.53
N THR A 129 -8.86 -6.49 -16.71
CA THR A 129 -9.69 -7.63 -17.10
C THR A 129 -10.65 -8.02 -15.95
N LEU A 130 -10.10 -8.02 -14.73
CA LEU A 130 -10.88 -8.31 -13.51
C LEU A 130 -12.13 -7.45 -13.47
N MET A 131 -11.96 -6.15 -13.71
CA MET A 131 -13.09 -5.21 -13.73
C MET A 131 -13.53 -4.90 -15.18
N LYS A 132 -13.39 -5.86 -16.10
CA LYS A 132 -13.80 -5.66 -17.49
C LYS A 132 -15.13 -6.34 -17.75
N THR A 133 -15.13 -7.67 -17.69
CA THR A 133 -16.33 -8.44 -17.93
C THR A 133 -17.27 -8.42 -16.70
N MET A 12 -27.32 -12.72 -12.12
CA MET A 12 -26.49 -12.76 -10.87
C MET A 12 -26.06 -11.35 -10.49
N ASP A 13 -25.82 -11.11 -9.19
CA ASP A 13 -25.39 -9.79 -8.72
C ASP A 13 -24.41 -9.93 -7.56
N GLU A 14 -23.87 -8.81 -7.13
CA GLU A 14 -22.94 -8.75 -6.00
C GLU A 14 -23.24 -7.50 -5.16
N TYR A 15 -22.78 -7.46 -3.91
CA TYR A 15 -22.97 -6.28 -3.08
C TYR A 15 -21.83 -5.30 -3.32
N SER A 16 -20.74 -5.40 -2.55
CA SER A 16 -19.57 -4.56 -2.77
C SER A 16 -18.93 -4.94 -4.12
N PRO A 17 -19.00 -4.05 -5.15
CA PRO A 17 -18.50 -4.37 -6.49
C PRO A 17 -17.01 -4.65 -6.52
N LYS A 18 -16.62 -5.75 -7.17
CA LYS A 18 -15.18 -6.13 -7.30
C LYS A 18 -14.36 -4.93 -7.71
N ARG A 19 -14.74 -4.29 -8.84
CA ARG A 19 -14.04 -3.10 -9.35
C ARG A 19 -13.76 -2.07 -8.24
N HIS A 20 -14.76 -1.83 -7.38
CA HIS A 20 -14.61 -0.88 -6.27
C HIS A 20 -13.60 -1.38 -5.25
N ASP A 21 -13.68 -2.67 -4.88
CA ASP A 21 -12.69 -3.25 -3.98
C ASP A 21 -11.30 -3.12 -4.60
N VAL A 22 -11.19 -3.40 -5.91
CA VAL A 22 -9.95 -3.20 -6.65
C VAL A 22 -9.51 -1.73 -6.55
N ALA A 23 -10.46 -0.82 -6.84
CA ALA A 23 -10.22 0.63 -6.72
C ALA A 23 -9.76 0.96 -5.32
N GLN A 24 -10.44 0.39 -4.33
CA GLN A 24 -10.08 0.55 -2.91
C GLN A 24 -8.62 0.16 -2.72
N LEU A 25 -8.24 -1.01 -3.26
CA LEU A 25 -6.85 -1.47 -3.18
C LEU A 25 -5.91 -0.40 -3.74
N LYS A 26 -6.23 0.10 -4.96
CA LYS A 26 -5.47 1.19 -5.57
C LYS A 26 -5.46 2.38 -4.62
N PHE A 27 -6.66 2.86 -4.26
CA PHE A 27 -6.85 4.00 -3.36
C PHE A 27 -6.01 3.84 -2.10
N LEU A 28 -6.07 2.67 -1.46
CA LEU A 28 -5.29 2.42 -0.25
C LEU A 28 -3.81 2.65 -0.54
N CYS A 29 -3.33 2.13 -1.67
CA CYS A 29 -1.96 2.36 -2.11
C CYS A 29 -1.74 3.85 -2.42
N GLU A 30 -2.61 4.43 -3.26
CA GLU A 30 -2.54 5.87 -3.59
C GLU A 30 -2.43 6.70 -2.31
N SER A 31 -3.32 6.41 -1.35
CA SER A 31 -3.34 7.10 -0.06
C SER A 31 -2.06 6.83 0.72
N LEU A 32 -1.73 5.55 0.94
CA LEU A 32 -0.51 5.19 1.69
C LEU A 32 0.74 5.80 1.04
N TYR A 33 0.81 5.73 -0.29
CA TYR A 33 1.90 6.35 -1.04
C TYR A 33 1.98 7.83 -0.66
N ASP A 34 0.81 8.49 -0.61
CA ASP A 34 0.71 9.90 -0.21
C ASP A 34 1.09 10.09 1.26
N GLU A 35 0.37 9.39 2.17
CA GLU A 35 0.66 9.46 3.61
C GLU A 35 2.12 9.18 3.88
N GLY A 36 2.65 8.14 3.26
CA GLY A 36 4.05 7.78 3.45
C GLY A 36 4.96 8.95 3.16
N ILE A 37 4.86 9.50 1.96
CA ILE A 37 5.64 10.69 1.59
C ILE A 37 5.34 11.85 2.56
N ALA A 38 4.05 12.04 2.89
CA ALA A 38 3.65 13.08 3.87
C ALA A 38 4.32 12.87 5.22
N THR A 39 4.45 11.61 5.63
CA THR A 39 5.07 11.28 6.90
C THR A 39 6.59 11.39 6.81
N LEU A 40 7.17 10.82 5.74
CA LEU A 40 8.63 10.85 5.56
C LEU A 40 9.14 12.30 5.40
N GLY A 41 8.26 13.20 4.93
CA GLY A 41 8.61 14.61 4.80
C GLY A 41 9.79 14.86 3.89
N ASP A 42 10.75 15.64 4.37
CA ASP A 42 11.94 15.98 3.61
C ASP A 42 13.09 15.06 3.97
N SER A 43 13.75 14.54 2.97
CA SER A 43 14.92 13.68 3.17
C SER A 43 16.24 14.45 2.87
N HIS A 44 16.18 15.79 2.69
CA HIS A 44 17.36 16.61 2.41
C HIS A 44 18.48 16.30 3.40
N HIS A 45 18.22 16.56 4.68
CA HIS A 45 19.19 16.30 5.76
C HIS A 45 19.35 14.80 6.09
N GLY A 46 18.48 13.94 5.55
CA GLY A 46 18.55 12.52 5.89
C GLY A 46 18.15 12.25 7.34
N TRP A 47 17.46 13.22 7.97
CA TRP A 47 17.07 13.13 9.38
C TRP A 47 16.14 11.93 9.65
N VAL A 48 15.81 11.75 10.93
CA VAL A 48 14.92 10.68 11.35
C VAL A 48 13.46 11.05 11.12
N ASN A 49 12.56 10.08 11.26
CA ASN A 49 11.14 10.32 11.12
C ASN A 49 10.47 10.38 12.47
N ASP A 50 9.33 11.06 12.53
CA ASP A 50 8.57 11.20 13.77
C ASP A 50 7.66 9.98 13.96
N PRO A 51 8.01 9.05 14.89
CA PRO A 51 7.19 7.85 15.15
C PRO A 51 5.83 8.20 15.77
N THR A 52 5.82 9.25 16.57
CA THR A 52 4.61 9.72 17.26
C THR A 52 3.65 10.44 16.32
N SER A 53 4.19 11.10 15.30
CA SER A 53 3.42 11.87 14.36
C SER A 53 2.16 11.11 13.90
N ALA A 54 1.01 11.80 13.87
CA ALA A 54 -0.26 11.17 13.48
C ALA A 54 -0.09 10.33 12.24
N VAL A 55 0.55 10.91 11.23
CA VAL A 55 0.81 10.26 9.98
C VAL A 55 1.39 8.88 10.20
N ASN A 56 2.50 8.81 10.96
CA ASN A 56 3.15 7.54 11.28
C ASN A 56 2.13 6.54 11.81
N LEU A 57 1.31 7.02 12.76
CA LEU A 57 0.22 6.20 13.32
C LEU A 57 -0.75 5.79 12.21
N GLN A 58 -1.25 6.78 11.46
CA GLN A 58 -2.14 6.54 10.33
C GLN A 58 -1.62 5.44 9.43
N LEU A 59 -0.33 5.52 9.07
CA LEU A 59 0.29 4.53 8.17
C LEU A 59 0.27 3.14 8.76
N ASN A 60 0.62 2.99 10.06
CA ASN A 60 0.60 1.66 10.68
C ASN A 60 -0.82 1.09 10.61
N ASP A 61 -1.81 1.98 10.84
CA ASP A 61 -3.22 1.61 10.67
C ASP A 61 -3.44 1.23 9.22
N LEU A 62 -3.12 2.17 8.32
CA LEU A 62 -3.18 1.97 6.87
C LEU A 62 -2.67 0.60 6.51
N ILE A 63 -1.40 0.35 6.84
CA ILE A 63 -0.74 -0.93 6.57
C ILE A 63 -1.66 -2.11 6.97
N GLU A 64 -2.16 -2.09 8.20
CA GLU A 64 -3.08 -3.13 8.66
C GLU A 64 -4.41 -3.05 7.96
N HIS A 65 -4.94 -1.85 7.85
CA HIS A 65 -6.19 -1.60 7.12
C HIS A 65 -6.11 -2.21 5.73
N ILE A 66 -4.98 -1.99 5.07
CA ILE A 66 -4.74 -2.56 3.76
C ILE A 66 -4.54 -4.08 3.90
N ALA A 67 -3.77 -4.51 4.91
CA ALA A 67 -3.56 -5.95 5.19
C ALA A 67 -4.90 -6.65 5.35
N SER A 68 -5.71 -6.19 6.30
CA SER A 68 -7.05 -6.73 6.53
C SER A 68 -7.89 -6.65 5.24
N PHE A 69 -7.74 -5.55 4.49
CA PHE A 69 -8.43 -5.41 3.20
C PHE A 69 -7.95 -6.50 2.24
N VAL A 70 -6.62 -6.60 2.06
CA VAL A 70 -6.02 -7.63 1.19
C VAL A 70 -6.52 -9.01 1.56
N MET A 71 -6.50 -9.35 2.86
CA MET A 71 -7.05 -10.63 3.33
C MET A 71 -8.46 -10.80 2.79
N SER A 72 -9.30 -9.80 3.04
CA SER A 72 -10.66 -9.77 2.55
C SER A 72 -10.66 -9.89 1.01
N PHE A 73 -9.78 -9.13 0.36
CA PHE A 73 -9.62 -9.17 -1.09
C PHE A 73 -9.45 -10.60 -1.58
N LYS A 74 -8.41 -11.30 -1.11
CA LYS A 74 -8.16 -12.70 -1.50
C LYS A 74 -9.35 -13.62 -1.18
N ILE A 75 -10.13 -13.29 -0.12
CA ILE A 75 -11.33 -14.07 0.19
C ILE A 75 -12.28 -14.00 -1.00
N LYS A 76 -12.36 -12.82 -1.61
CA LYS A 76 -13.20 -12.60 -2.74
C LYS A 76 -12.51 -13.05 -4.03
N TYR A 77 -11.27 -12.58 -4.25
CA TYR A 77 -10.55 -12.87 -5.49
C TYR A 77 -9.06 -13.10 -5.22
N PRO A 78 -8.63 -14.36 -5.00
CA PRO A 78 -7.21 -14.70 -4.74
C PRO A 78 -6.35 -14.77 -6.02
N ASP A 79 -6.97 -14.66 -7.21
CA ASP A 79 -6.24 -14.73 -8.50
C ASP A 79 -5.29 -13.54 -8.69
N ASP A 80 -5.38 -12.56 -7.82
CA ASP A 80 -4.56 -11.37 -7.81
C ASP A 80 -3.29 -11.56 -6.97
N GLY A 81 -2.97 -12.80 -6.61
CA GLY A 81 -1.86 -13.08 -5.71
C GLY A 81 -0.63 -12.19 -5.90
N ASP A 82 -0.29 -11.86 -7.16
CA ASP A 82 0.85 -10.95 -7.44
C ASP A 82 0.61 -9.54 -6.88
N LEU A 83 -0.64 -9.10 -6.96
CA LEU A 83 -1.04 -7.79 -6.43
C LEU A 83 -1.07 -7.85 -4.92
N SER A 84 -1.74 -8.86 -4.39
CA SER A 84 -1.80 -9.05 -2.95
C SER A 84 -0.39 -9.08 -2.41
N GLU A 85 0.44 -9.94 -3.01
CA GLU A 85 1.84 -10.02 -2.74
C GLU A 85 2.48 -8.62 -2.76
N LEU A 86 2.23 -7.87 -3.84
CA LEU A 86 2.74 -6.50 -3.99
C LEU A 86 2.30 -5.65 -2.82
N VAL A 87 1.00 -5.70 -2.53
CA VAL A 87 0.44 -4.97 -1.42
C VAL A 87 1.12 -5.42 -0.13
N GLU A 88 1.17 -6.74 0.09
CA GLU A 88 1.85 -7.33 1.25
C GLU A 88 3.29 -6.79 1.35
N GLU A 89 4.01 -6.83 0.21
CA GLU A 89 5.37 -6.28 0.13
C GLU A 89 5.34 -4.81 0.59
N TYR A 90 4.44 -4.04 -0.05
CA TYR A 90 4.23 -2.63 0.25
C TYR A 90 3.97 -2.41 1.74
N LEU A 91 3.01 -3.15 2.30
CA LEU A 91 2.69 -3.05 3.73
C LEU A 91 3.95 -3.25 4.56
N ASP A 92 4.68 -4.32 4.24
CA ASP A 92 5.96 -4.63 4.90
C ASP A 92 6.90 -3.46 4.81
N ASP A 93 7.19 -3.04 3.58
CA ASP A 93 8.10 -1.89 3.36
C ASP A 93 7.69 -0.69 4.21
N THR A 94 6.41 -0.31 4.08
CA THR A 94 5.85 0.80 4.88
C THR A 94 6.08 0.54 6.37
N TYR A 95 5.68 -0.67 6.81
CA TYR A 95 5.86 -1.14 8.18
C TYR A 95 7.33 -0.99 8.59
N THR A 96 8.22 -1.50 7.74
CA THR A 96 9.67 -1.41 7.95
C THR A 96 10.11 0.06 8.08
N LEU A 97 9.86 0.86 7.04
CA LEU A 97 10.25 2.28 6.98
C LEU A 97 9.87 3.03 8.23
N PHE A 98 8.56 3.14 8.46
CA PHE A 98 8.06 3.89 9.59
C PHE A 98 8.43 3.27 10.93
N SER A 99 8.86 2.02 10.90
CA SER A 99 9.39 1.37 12.07
C SER A 99 10.86 1.79 12.30
N SER A 100 11.50 2.37 11.27
CA SER A 100 12.85 2.88 11.38
C SER A 100 12.79 4.30 11.90
N TYR A 101 13.19 4.49 13.16
CA TYR A 101 13.22 5.82 13.77
C TYR A 101 13.87 6.81 12.80
N GLY A 102 15.02 6.40 12.26
CA GLY A 102 15.64 7.16 11.19
C GLY A 102 15.34 6.49 9.87
N ILE A 103 14.79 7.25 8.93
CA ILE A 103 14.43 6.71 7.63
C ILE A 103 15.68 6.43 6.81
N ASN A 104 15.74 5.24 6.23
CA ASN A 104 16.89 4.84 5.41
C ASN A 104 16.48 4.76 3.96
N ASP A 105 17.22 5.47 3.09
CA ASP A 105 16.91 5.49 1.65
C ASP A 105 16.76 4.09 1.04
N PRO A 106 17.65 3.07 1.35
CA PRO A 106 17.52 1.72 0.78
C PRO A 106 16.11 1.13 0.98
N GLU A 107 15.69 0.97 2.24
CA GLU A 107 14.34 0.48 2.56
C GLU A 107 13.28 1.41 1.96
N LEU A 108 13.56 2.73 1.96
CA LEU A 108 12.65 3.69 1.35
C LEU A 108 12.50 3.37 -0.14
N GLN A 109 13.63 3.18 -0.83
CA GLN A 109 13.60 2.82 -2.24
C GLN A 109 12.86 1.51 -2.45
N ARG A 110 13.04 0.57 -1.52
CA ARG A 110 12.27 -0.68 -1.53
C ARG A 110 10.78 -0.32 -1.65
N TRP A 111 10.32 0.50 -0.70
CA TRP A 111 8.95 1.04 -0.68
C TRP A 111 8.65 1.71 -2.02
N GLN A 112 9.58 2.55 -2.44
CA GLN A 112 9.50 3.27 -3.69
C GLN A 112 9.24 2.35 -4.87
N LYS A 113 9.93 1.22 -4.93
CA LYS A 113 9.73 0.28 -6.03
C LYS A 113 8.38 -0.41 -5.90
N THR A 114 8.10 -0.95 -4.72
CA THR A 114 6.84 -1.63 -4.43
C THR A 114 5.63 -0.76 -4.79
N LYS A 115 5.63 0.53 -4.38
CA LYS A 115 4.50 1.41 -4.73
C LYS A 115 4.32 1.48 -6.24
N GLU A 116 5.41 1.76 -6.98
CA GLU A 116 5.35 1.80 -8.44
C GLU A 116 4.88 0.44 -8.97
N ARG A 117 5.57 -0.63 -8.54
CA ARG A 117 5.21 -2.02 -8.89
C ARG A 117 3.70 -2.24 -8.80
N LEU A 118 3.10 -1.76 -7.69
CA LEU A 118 1.68 -1.92 -7.46
C LEU A 118 0.85 -1.23 -8.53
N PHE A 119 1.15 0.04 -8.77
CA PHE A 119 0.40 0.81 -9.75
C PHE A 119 0.66 0.33 -11.16
N ARG A 120 1.86 -0.20 -11.40
CA ARG A 120 2.21 -0.76 -12.71
C ARG A 120 1.43 -2.03 -12.98
N LEU A 121 1.16 -2.82 -11.93
CA LEU A 121 0.35 -3.98 -12.10
C LEU A 121 -1.12 -3.55 -12.18
N PHE A 122 -1.51 -2.65 -11.27
CA PHE A 122 -2.84 -1.99 -11.29
C PHE A 122 -3.11 -1.24 -12.63
N SER A 123 -2.08 -1.10 -13.49
CA SER A 123 -2.25 -0.42 -14.77
C SER A 123 -3.04 -1.31 -15.76
N GLY A 124 -3.19 -2.60 -15.42
CA GLY A 124 -4.01 -3.48 -16.24
C GLY A 124 -3.33 -4.76 -16.68
N GLU A 125 -2.43 -5.32 -15.84
CA GLU A 125 -1.85 -6.62 -16.15
C GLU A 125 -2.86 -7.72 -15.81
N TYR A 126 -2.96 -8.03 -14.51
CA TYR A 126 -3.91 -9.03 -14.02
C TYR A 126 -5.24 -8.37 -13.67
N ILE A 127 -5.15 -7.26 -12.91
CA ILE A 127 -6.29 -6.49 -12.40
C ILE A 127 -7.38 -6.26 -13.47
N SER A 128 -6.98 -6.07 -14.72
CA SER A 128 -7.90 -5.85 -15.83
C SER A 128 -9.10 -6.83 -15.81
N THR A 129 -8.83 -8.10 -15.48
CA THR A 129 -9.88 -9.10 -15.40
C THR A 129 -10.78 -8.83 -14.18
N LEU A 130 -10.14 -8.54 -13.04
CA LEU A 130 -10.86 -8.19 -11.81
C LEU A 130 -11.79 -7.02 -12.05
N MET A 131 -11.29 -5.98 -12.72
CA MET A 131 -12.12 -4.86 -13.09
C MET A 131 -12.90 -5.18 -14.38
N LYS A 132 -13.74 -6.21 -14.28
CA LYS A 132 -14.57 -6.68 -15.39
C LYS A 132 -15.74 -5.73 -15.63
N THR A 133 -16.26 -5.14 -14.56
CA THR A 133 -17.38 -4.26 -14.62
C THR A 133 -17.04 -2.87 -14.02
N MET A 12 -25.71 -13.96 0.76
CA MET A 12 -24.42 -13.64 0.12
C MET A 12 -24.67 -12.81 -1.13
N ASP A 13 -24.31 -11.54 -1.08
CA ASP A 13 -24.56 -10.63 -2.19
C ASP A 13 -23.33 -9.79 -2.47
N GLU A 14 -23.49 -8.73 -3.26
CA GLU A 14 -22.38 -7.84 -3.56
C GLU A 14 -22.03 -6.96 -2.36
N TYR A 15 -21.54 -7.60 -1.30
CA TYR A 15 -21.12 -6.90 -0.09
C TYR A 15 -20.09 -5.83 -0.44
N SER A 16 -19.14 -6.19 -1.29
CA SER A 16 -18.14 -5.27 -1.77
C SER A 16 -18.05 -5.33 -3.30
N PRO A 17 -18.24 -4.18 -3.99
CA PRO A 17 -18.10 -4.12 -5.43
C PRO A 17 -16.64 -4.37 -5.80
N LYS A 18 -16.38 -5.48 -6.48
CA LYS A 18 -15.01 -5.86 -6.84
C LYS A 18 -14.25 -4.70 -7.51
N ARG A 19 -14.94 -3.92 -8.35
CA ARG A 19 -14.31 -2.73 -8.95
C ARG A 19 -13.91 -1.73 -7.86
N HIS A 20 -14.81 -1.53 -6.87
CA HIS A 20 -14.52 -0.70 -5.70
C HIS A 20 -13.33 -1.28 -4.97
N ASP A 21 -13.41 -2.59 -4.64
CA ASP A 21 -12.32 -3.28 -3.93
C ASP A 21 -10.98 -3.01 -4.62
N VAL A 22 -10.93 -3.28 -5.92
CA VAL A 22 -9.73 -3.03 -6.72
C VAL A 22 -9.32 -1.55 -6.55
N ALA A 23 -10.27 -0.62 -6.82
CA ALA A 23 -10.03 0.82 -6.64
C ALA A 23 -9.49 1.08 -5.23
N GLN A 24 -10.14 0.48 -4.23
CA GLN A 24 -9.74 0.60 -2.83
C GLN A 24 -8.28 0.17 -2.66
N LEU A 25 -7.96 -1.02 -3.19
CA LEU A 25 -6.60 -1.58 -3.12
C LEU A 25 -5.58 -0.59 -3.68
N LYS A 26 -5.88 -0.02 -4.87
CA LYS A 26 -5.00 0.97 -5.47
C LYS A 26 -5.00 2.25 -4.64
N PHE A 27 -6.21 2.78 -4.38
CA PHE A 27 -6.36 4.02 -3.59
C PHE A 27 -5.56 3.96 -2.32
N LEU A 28 -5.64 2.85 -1.59
CA LEU A 28 -4.88 2.71 -0.35
C LEU A 28 -3.38 2.89 -0.62
N CYS A 29 -2.87 2.19 -1.63
CA CYS A 29 -1.47 2.33 -2.05
C CYS A 29 -1.18 3.78 -2.45
N GLU A 30 -2.02 4.33 -3.35
CA GLU A 30 -1.87 5.72 -3.81
C GLU A 30 -1.86 6.68 -2.62
N SER A 31 -2.88 6.57 -1.78
CA SER A 31 -2.98 7.39 -0.56
C SER A 31 -1.69 7.24 0.25
N LEU A 32 -1.31 5.98 0.52
CA LEU A 32 -0.08 5.69 1.25
C LEU A 32 1.11 6.34 0.57
N TYR A 33 1.24 6.12 -0.73
CA TYR A 33 2.33 6.70 -1.49
C TYR A 33 2.37 8.20 -1.32
N ASP A 34 1.20 8.83 -1.29
CA ASP A 34 1.12 10.29 -1.12
C ASP A 34 1.67 10.71 0.22
N GLU A 35 1.14 10.12 1.29
CA GLU A 35 1.63 10.40 2.63
C GLU A 35 3.10 9.98 2.77
N GLY A 36 3.42 8.82 2.20
CA GLY A 36 4.77 8.29 2.25
C GLY A 36 5.77 9.18 1.60
N ILE A 37 5.60 9.50 0.31
CA ILE A 37 6.54 10.39 -0.38
C ILE A 37 6.71 11.71 0.41
N ALA A 38 5.60 12.20 0.97
CA ALA A 38 5.62 13.43 1.77
C ALA A 38 6.42 13.24 3.07
N THR A 39 6.14 12.17 3.82
CA THR A 39 6.81 11.96 5.10
C THR A 39 8.17 11.28 4.99
N LEU A 40 8.30 10.31 4.08
CA LEU A 40 9.58 9.61 3.86
C LEU A 40 10.65 10.55 3.32
N GLY A 41 10.23 11.65 2.67
CA GLY A 41 11.19 12.59 2.13
C GLY A 41 11.44 13.78 3.05
N ASP A 42 11.46 13.54 4.38
CA ASP A 42 11.70 14.63 5.33
C ASP A 42 12.13 14.12 6.69
N SER A 43 13.01 14.88 7.33
CA SER A 43 13.35 14.66 8.72
C SER A 43 12.19 15.26 9.54
N HIS A 44 11.04 14.57 9.48
CA HIS A 44 9.77 15.11 10.00
C HIS A 44 9.87 15.77 11.37
N HIS A 45 10.60 15.17 12.31
CA HIS A 45 10.77 15.81 13.63
C HIS A 45 12.03 16.68 13.70
N GLY A 46 12.52 17.15 12.55
CA GLY A 46 13.73 17.98 12.52
C GLY A 46 15.00 17.17 12.37
N TRP A 47 14.97 15.90 12.75
CA TRP A 47 16.13 15.01 12.66
C TRP A 47 15.75 13.76 11.86
N VAL A 48 14.73 13.06 12.32
CA VAL A 48 14.24 11.85 11.69
C VAL A 48 12.75 11.98 11.38
N ASN A 49 12.22 11.02 10.64
CA ASN A 49 10.79 10.98 10.36
C ASN A 49 10.14 10.28 11.53
N ASP A 50 9.33 11.01 12.29
CA ASP A 50 8.74 10.47 13.51
C ASP A 50 7.82 9.32 13.20
N PRO A 51 8.12 8.10 13.70
CA PRO A 51 7.24 6.94 13.50
C PRO A 51 5.81 7.22 13.99
N THR A 52 5.67 8.19 14.90
CA THR A 52 4.38 8.56 15.44
C THR A 52 3.93 9.96 15.01
N SER A 53 4.47 10.43 13.88
CA SER A 53 4.06 11.67 13.30
C SER A 53 2.67 11.48 12.71
N ALA A 54 1.85 12.53 12.71
CA ALA A 54 0.48 12.44 12.18
C ALA A 54 0.42 11.60 10.90
N VAL A 55 1.23 11.97 9.91
CA VAL A 55 1.27 11.24 8.62
C VAL A 55 1.76 9.80 8.81
N ASN A 56 2.89 9.60 9.53
CA ASN A 56 3.39 8.23 9.80
C ASN A 56 2.28 7.41 10.42
N LEU A 57 1.49 8.03 11.30
CA LEU A 57 0.36 7.39 11.93
C LEU A 57 -0.67 7.05 10.90
N GLN A 58 -1.00 8.01 10.03
CA GLN A 58 -1.95 7.78 8.94
C GLN A 58 -1.55 6.56 8.14
N LEU A 59 -0.28 6.55 7.72
CA LEU A 59 0.29 5.45 6.94
C LEU A 59 0.27 4.16 7.75
N ASN A 60 0.90 4.17 8.91
CA ASN A 60 0.92 2.99 9.81
C ASN A 60 -0.49 2.45 10.01
N ASP A 61 -1.44 3.37 10.25
CA ASP A 61 -2.85 3.01 10.43
C ASP A 61 -3.40 2.36 9.18
N LEU A 62 -3.31 3.08 8.07
CA LEU A 62 -3.83 2.58 6.82
C LEU A 62 -3.15 1.27 6.42
N ILE A 63 -1.84 1.11 6.73
CA ILE A 63 -1.12 -0.16 6.46
C ILE A 63 -1.93 -1.36 7.01
N GLU A 64 -2.39 -1.24 8.26
CA GLU A 64 -3.22 -2.30 8.86
C GLU A 64 -4.54 -2.37 8.16
N HIS A 65 -5.12 -1.20 7.92
CA HIS A 65 -6.36 -1.09 7.16
C HIS A 65 -6.24 -1.84 5.82
N ILE A 66 -5.11 -1.63 5.13
CA ILE A 66 -4.81 -2.35 3.90
C ILE A 66 -4.64 -3.83 4.20
N ALA A 67 -3.86 -4.15 5.26
CA ALA A 67 -3.65 -5.55 5.69
C ALA A 67 -5.00 -6.26 5.86
N SER A 68 -5.87 -5.65 6.67
CA SER A 68 -7.22 -6.16 6.91
C SER A 68 -7.99 -6.27 5.60
N PHE A 69 -7.97 -5.19 4.80
CA PHE A 69 -8.65 -5.17 3.50
C PHE A 69 -8.14 -6.31 2.62
N VAL A 70 -6.81 -6.40 2.48
CA VAL A 70 -6.17 -7.46 1.72
C VAL A 70 -6.68 -8.81 2.16
N MET A 71 -6.68 -9.07 3.49
CA MET A 71 -7.19 -10.34 4.03
C MET A 71 -8.50 -10.71 3.35
N SER A 72 -9.47 -9.80 3.40
CA SER A 72 -10.76 -10.00 2.73
C SER A 72 -10.56 -10.14 1.21
N PHE A 73 -9.70 -9.29 0.64
CA PHE A 73 -9.37 -9.35 -0.79
C PHE A 73 -8.94 -10.77 -1.17
N LYS A 74 -7.93 -11.30 -0.49
CA LYS A 74 -7.46 -12.70 -0.71
C LYS A 74 -8.61 -13.71 -0.55
N ILE A 75 -9.54 -13.41 0.37
CA ILE A 75 -10.70 -14.27 0.59
C ILE A 75 -11.58 -14.29 -0.67
N LYS A 76 -11.74 -13.12 -1.30
CA LYS A 76 -12.60 -13.02 -2.48
C LYS A 76 -11.87 -13.26 -3.80
N TYR A 77 -10.62 -12.81 -3.92
CA TYR A 77 -9.85 -12.94 -5.15
C TYR A 77 -8.62 -13.82 -4.97
N PRO A 78 -8.76 -15.16 -5.08
CA PRO A 78 -7.62 -16.08 -4.93
C PRO A 78 -6.54 -15.89 -6.03
N ASP A 79 -6.97 -15.48 -7.23
CA ASP A 79 -6.06 -15.30 -8.38
C ASP A 79 -5.34 -13.95 -8.38
N ASP A 80 -5.75 -13.04 -7.52
CA ASP A 80 -5.13 -11.72 -7.41
C ASP A 80 -3.92 -11.72 -6.50
N GLY A 81 -3.60 -12.87 -5.91
CA GLY A 81 -2.48 -12.99 -5.01
C GLY A 81 -1.24 -12.20 -5.45
N ASP A 82 -1.03 -12.06 -6.77
CA ASP A 82 0.10 -11.27 -7.30
C ASP A 82 0.05 -9.85 -6.79
N LEU A 83 -1.15 -9.28 -6.81
CA LEU A 83 -1.38 -7.94 -6.31
C LEU A 83 -1.44 -7.96 -4.80
N SER A 84 -2.25 -8.86 -4.25
CA SER A 84 -2.38 -8.98 -2.79
C SER A 84 -1.01 -9.11 -2.12
N GLU A 85 -0.15 -9.97 -2.68
CA GLU A 85 1.20 -10.14 -2.19
C GLU A 85 1.99 -8.85 -2.33
N LEU A 86 1.89 -8.23 -3.49
CA LEU A 86 2.53 -6.94 -3.76
C LEU A 86 2.08 -5.94 -2.68
N VAL A 87 0.78 -5.99 -2.38
CA VAL A 87 0.21 -5.18 -1.32
C VAL A 87 0.90 -5.53 0.00
N GLU A 88 0.95 -6.84 0.34
CA GLU A 88 1.69 -7.29 1.53
C GLU A 88 3.10 -6.71 1.51
N GLU A 89 3.79 -6.89 0.37
CA GLU A 89 5.14 -6.38 0.15
C GLU A 89 5.23 -4.91 0.48
N TYR A 90 4.49 -4.06 -0.26
CA TYR A 90 4.55 -2.63 0.00
C TYR A 90 4.12 -2.30 1.41
N LEU A 91 3.12 -3.02 1.94
CA LEU A 91 2.70 -2.84 3.34
C LEU A 91 3.88 -3.07 4.26
N ASP A 92 4.49 -4.25 4.11
CA ASP A 92 5.70 -4.64 4.86
C ASP A 92 6.78 -3.61 4.68
N ASP A 93 7.06 -3.26 3.42
CA ASP A 93 8.06 -2.23 3.10
C ASP A 93 7.76 -0.95 3.86
N THR A 94 6.52 -0.46 3.70
CA THR A 94 6.04 0.74 4.41
C THR A 94 6.31 0.61 5.92
N TYR A 95 5.81 -0.49 6.51
CA TYR A 95 6.01 -0.77 7.93
C TYR A 95 7.51 -0.71 8.28
N THR A 96 8.32 -1.38 7.45
CA THR A 96 9.78 -1.38 7.63
C THR A 96 10.33 0.06 7.59
N LEU A 97 9.98 0.80 6.53
CA LEU A 97 10.42 2.19 6.35
C LEU A 97 10.10 3.02 7.57
N PHE A 98 8.81 3.21 7.83
CA PHE A 98 8.36 4.03 8.97
C PHE A 98 8.88 3.51 10.30
N SER A 99 9.31 2.26 10.35
CA SER A 99 9.91 1.72 11.53
C SER A 99 11.33 2.30 11.71
N SER A 100 11.97 2.69 10.59
CA SER A 100 13.29 3.27 10.61
C SER A 100 13.20 4.76 10.93
N TYR A 101 13.92 5.18 11.99
CA TYR A 101 13.99 6.58 12.33
C TYR A 101 14.94 7.21 11.35
N GLY A 102 14.39 7.66 10.32
CA GLY A 102 15.11 8.17 9.18
C GLY A 102 15.11 7.19 8.05
N ILE A 103 14.26 7.45 7.10
CA ILE A 103 14.06 6.60 5.93
C ILE A 103 15.38 6.33 5.21
N ASN A 104 15.68 5.07 4.98
CA ASN A 104 16.92 4.68 4.31
C ASN A 104 16.64 4.35 2.85
N ASP A 105 17.54 4.77 1.97
CA ASP A 105 17.38 4.59 0.52
C ASP A 105 17.09 3.14 0.11
N PRO A 106 17.94 2.15 0.51
CA PRO A 106 17.74 0.73 0.12
C PRO A 106 16.32 0.23 0.39
N GLU A 107 15.83 0.47 1.62
CA GLU A 107 14.47 0.07 2.01
C GLU A 107 13.44 0.91 1.25
N LEU A 108 13.57 2.23 1.36
CA LEU A 108 12.66 3.16 0.69
C LEU A 108 12.55 2.88 -0.80
N GLN A 109 13.68 2.82 -1.49
CA GLN A 109 13.66 2.59 -2.92
C GLN A 109 12.99 1.28 -3.29
N ARG A 110 13.14 0.26 -2.43
CA ARG A 110 12.41 -0.99 -2.63
C ARG A 110 10.92 -0.74 -2.57
N TRP A 111 10.51 -0.04 -1.50
CA TRP A 111 9.11 0.39 -1.33
C TRP A 111 8.64 1.12 -2.61
N GLN A 112 9.47 2.05 -3.07
CA GLN A 112 9.22 2.80 -4.30
C GLN A 112 9.02 1.83 -5.49
N LYS A 113 9.88 0.81 -5.60
CA LYS A 113 9.77 -0.21 -6.67
C LYS A 113 8.55 -1.10 -6.47
N THR A 114 8.34 -1.54 -5.23
CA THR A 114 7.22 -2.43 -4.89
C THR A 114 5.88 -1.80 -5.32
N LYS A 115 5.68 -0.53 -5.00
CA LYS A 115 4.47 0.15 -5.45
C LYS A 115 4.40 0.13 -6.99
N GLU A 116 5.56 0.30 -7.68
CA GLU A 116 5.61 0.23 -9.14
C GLU A 116 5.04 -1.09 -9.60
N ARG A 117 5.66 -2.20 -9.15
CA ARG A 117 5.19 -3.58 -9.46
C ARG A 117 3.66 -3.68 -9.32
N LEU A 118 3.13 -3.06 -8.25
CA LEU A 118 1.69 -3.02 -7.99
C LEU A 118 0.97 -2.19 -9.06
N PHE A 119 1.52 -1.01 -9.37
CA PHE A 119 0.94 -0.12 -10.39
C PHE A 119 1.02 -0.76 -11.75
N ARG A 120 2.16 -1.40 -12.03
CA ARG A 120 2.37 -2.12 -13.30
C ARG A 120 1.20 -3.06 -13.58
N LEU A 121 0.72 -3.72 -12.53
CA LEU A 121 -0.38 -4.64 -12.65
C LEU A 121 -1.74 -3.94 -12.62
N PHE A 122 -1.91 -3.02 -11.67
CA PHE A 122 -3.15 -2.19 -11.60
C PHE A 122 -3.45 -1.50 -12.93
N SER A 123 -2.39 -1.08 -13.64
CA SER A 123 -2.54 -0.30 -14.89
C SER A 123 -2.99 -1.13 -16.11
N GLY A 124 -3.42 -2.38 -15.91
CA GLY A 124 -3.94 -3.14 -17.04
C GLY A 124 -3.32 -4.50 -17.24
N GLU A 125 -3.13 -5.26 -16.17
CA GLU A 125 -2.68 -6.65 -16.28
C GLU A 125 -3.89 -7.57 -16.05
N TYR A 126 -4.04 -8.06 -14.82
CA TYR A 126 -5.19 -8.85 -14.42
C TYR A 126 -6.30 -7.92 -13.93
N ILE A 127 -5.91 -6.90 -13.14
CA ILE A 127 -6.84 -5.92 -12.55
C ILE A 127 -7.94 -5.46 -13.52
N SER A 128 -7.57 -5.08 -14.74
CA SER A 128 -8.54 -4.63 -15.75
C SER A 128 -9.74 -5.59 -15.84
N THR A 129 -9.44 -6.85 -16.11
CA THR A 129 -10.43 -7.91 -16.14
C THR A 129 -10.97 -8.19 -14.72
N LEU A 130 -10.06 -8.11 -13.75
CA LEU A 130 -10.36 -8.34 -12.33
C LEU A 130 -11.49 -7.45 -11.83
N MET A 131 -11.35 -6.14 -12.05
CA MET A 131 -12.35 -5.18 -11.57
C MET A 131 -13.56 -5.09 -12.51
N LYS A 132 -13.34 -5.28 -13.82
CA LYS A 132 -14.41 -5.21 -14.79
C LYS A 132 -15.35 -6.44 -14.67
N THR A 133 -15.63 -7.12 -15.78
CA THR A 133 -16.51 -8.25 -15.81
C THR A 133 -15.95 -9.36 -16.71
N MET A 12 -26.66 -12.42 -3.22
CA MET A 12 -25.92 -12.06 -4.45
C MET A 12 -25.93 -10.54 -4.66
N ASP A 13 -25.49 -9.79 -3.64
CA ASP A 13 -25.43 -8.34 -3.70
C ASP A 13 -24.09 -7.86 -3.18
N GLU A 14 -23.28 -7.31 -4.07
CA GLU A 14 -21.95 -6.84 -3.68
C GLU A 14 -22.04 -5.57 -2.85
N TYR A 15 -21.88 -5.69 -1.51
CA TYR A 15 -21.84 -4.52 -0.62
C TYR A 15 -20.81 -3.55 -1.15
N SER A 16 -19.61 -4.08 -1.36
CA SER A 16 -18.56 -3.36 -2.03
C SER A 16 -18.16 -4.18 -3.26
N PRO A 17 -18.67 -3.84 -4.46
CA PRO A 17 -18.39 -4.61 -5.67
C PRO A 17 -16.88 -4.77 -5.89
N LYS A 18 -16.46 -5.95 -6.35
CA LYS A 18 -15.02 -6.23 -6.59
C LYS A 18 -14.30 -5.02 -7.19
N ARG A 19 -14.89 -4.41 -8.23
CA ARG A 19 -14.32 -3.22 -8.88
C ARG A 19 -13.95 -2.16 -7.84
N HIS A 20 -14.91 -1.84 -6.94
CA HIS A 20 -14.69 -0.85 -5.87
C HIS A 20 -13.63 -1.35 -4.92
N ASP A 21 -13.68 -2.63 -4.55
CA ASP A 21 -12.66 -3.23 -3.66
C ASP A 21 -11.28 -3.01 -4.27
N VAL A 22 -11.15 -3.31 -5.57
CA VAL A 22 -9.90 -3.07 -6.30
C VAL A 22 -9.54 -1.58 -6.23
N ALA A 23 -10.50 -0.71 -6.64
CA ALA A 23 -10.31 0.76 -6.57
C ALA A 23 -9.82 1.15 -5.18
N GLN A 24 -10.55 0.71 -4.15
CA GLN A 24 -10.19 0.95 -2.76
C GLN A 24 -8.74 0.54 -2.50
N LEU A 25 -8.39 -0.70 -2.88
CA LEU A 25 -7.01 -1.20 -2.72
C LEU A 25 -6.02 -0.22 -3.34
N LYS A 26 -6.33 0.22 -4.58
CA LYS A 26 -5.51 1.22 -5.26
C LYS A 26 -5.45 2.50 -4.42
N PHE A 27 -6.61 3.07 -4.11
CA PHE A 27 -6.71 4.29 -3.30
C PHE A 27 -5.92 4.17 -2.00
N LEU A 28 -6.01 3.02 -1.35
CA LEU A 28 -5.25 2.78 -0.12
C LEU A 28 -3.74 2.87 -0.43
N CYS A 29 -3.31 2.13 -1.47
CA CYS A 29 -1.91 2.16 -1.93
C CYS A 29 -1.48 3.59 -2.26
N GLU A 30 -2.32 4.28 -3.06
CA GLU A 30 -2.08 5.66 -3.46
C GLU A 30 -1.95 6.56 -2.24
N SER A 31 -2.97 6.54 -1.38
CA SER A 31 -2.98 7.35 -0.16
C SER A 31 -1.71 7.12 0.65
N LEU A 32 -1.36 5.84 0.86
CA LEU A 32 -0.13 5.51 1.59
C LEU A 32 1.08 6.14 0.92
N TYR A 33 1.17 6.01 -0.41
CA TYR A 33 2.28 6.60 -1.16
C TYR A 33 2.33 8.12 -0.91
N ASP A 34 1.15 8.75 -0.87
CA ASP A 34 1.07 10.20 -0.61
C ASP A 34 1.63 10.50 0.76
N GLU A 35 1.06 9.84 1.79
CA GLU A 35 1.56 9.96 3.16
C GLU A 35 3.05 9.71 3.19
N GLY A 36 3.46 8.59 2.58
CA GLY A 36 4.85 8.25 2.52
C GLY A 36 5.70 9.35 1.97
N ILE A 37 5.40 9.85 0.79
CA ILE A 37 6.17 10.97 0.22
C ILE A 37 6.16 12.18 1.16
N ALA A 38 5.01 12.44 1.79
CA ALA A 38 4.88 13.55 2.73
C ALA A 38 5.73 13.32 3.99
N THR A 39 5.64 12.11 4.57
CA THR A 39 6.38 11.82 5.79
C THR A 39 7.83 11.34 5.53
N LEU A 40 8.00 10.37 4.62
CA LEU A 40 9.31 9.80 4.33
C LEU A 40 10.15 10.71 3.42
N GLY A 41 9.48 11.54 2.63
CA GLY A 41 10.19 12.42 1.72
C GLY A 41 10.62 13.68 2.40
N ASP A 42 11.51 13.56 3.40
CA ASP A 42 12.01 14.71 4.12
C ASP A 42 13.50 14.60 4.36
N SER A 43 14.15 15.75 4.34
CA SER A 43 15.59 15.88 4.60
C SER A 43 15.89 17.33 5.06
N HIS A 44 14.98 17.92 5.84
CA HIS A 44 15.09 19.32 6.25
C HIS A 44 16.01 19.52 7.44
N HIS A 45 15.76 18.81 8.54
CA HIS A 45 16.58 18.99 9.75
C HIS A 45 17.34 17.73 10.16
N GLY A 46 17.40 16.74 9.26
CA GLY A 46 18.09 15.50 9.60
C GLY A 46 17.38 14.68 10.65
N TRP A 47 16.10 14.96 10.89
CA TRP A 47 15.33 14.22 11.89
C TRP A 47 14.97 12.85 11.35
N VAL A 48 14.78 11.92 12.25
CA VAL A 48 14.31 10.60 11.89
C VAL A 48 12.79 10.65 11.74
N ASN A 49 12.18 9.62 11.20
CA ASN A 49 10.74 9.61 11.05
C ASN A 49 10.09 9.12 12.32
N ASP A 50 9.45 10.07 13.02
CA ASP A 50 8.82 9.80 14.30
C ASP A 50 7.67 8.81 14.19
N PRO A 51 7.80 7.61 14.82
CA PRO A 51 6.72 6.61 14.83
C PRO A 51 5.42 7.16 15.48
N THR A 52 5.56 8.16 16.35
CA THR A 52 4.43 8.78 17.04
C THR A 52 3.65 9.74 16.12
N SER A 53 4.30 10.24 15.08
CA SER A 53 3.70 11.19 14.17
C SER A 53 2.37 10.66 13.63
N ALA A 54 1.33 11.51 13.65
CA ALA A 54 -0.01 11.10 13.21
C ALA A 54 0.03 10.34 11.90
N VAL A 55 0.76 10.86 10.92
CA VAL A 55 0.88 10.19 9.60
C VAL A 55 1.39 8.74 9.82
N ASN A 56 2.42 8.58 10.65
CA ASN A 56 2.96 7.25 10.99
C ASN A 56 1.85 6.36 11.54
N LEU A 57 0.97 6.93 12.36
CA LEU A 57 -0.19 6.21 12.89
C LEU A 57 -1.13 5.89 11.74
N GLN A 58 -1.34 6.89 10.88
CA GLN A 58 -2.17 6.76 9.71
C GLN A 58 -1.68 5.61 8.83
N LEU A 59 -0.41 5.71 8.41
CA LEU A 59 0.22 4.70 7.56
C LEU A 59 0.14 3.33 8.19
N ASN A 60 0.63 3.20 9.42
CA ASN A 60 0.62 1.90 10.10
C ASN A 60 -0.79 1.33 10.21
N ASP A 61 -1.75 2.22 10.47
CA ASP A 61 -3.16 1.85 10.56
C ASP A 61 -3.69 1.42 9.20
N LEU A 62 -3.57 2.33 8.23
CA LEU A 62 -4.04 2.05 6.88
C LEU A 62 -3.33 0.82 6.28
N ILE A 63 -2.02 0.67 6.54
CA ILE A 63 -1.28 -0.52 6.12
C ILE A 63 -1.99 -1.78 6.62
N GLU A 64 -2.37 -1.77 7.91
CA GLU A 64 -3.12 -2.87 8.50
C GLU A 64 -4.47 -3.00 7.80
N HIS A 65 -5.14 -1.86 7.64
CA HIS A 65 -6.40 -1.81 6.88
C HIS A 65 -6.23 -2.53 5.55
N ILE A 66 -5.20 -2.13 4.80
CA ILE A 66 -4.88 -2.74 3.52
C ILE A 66 -4.55 -4.22 3.71
N ALA A 67 -3.72 -4.54 4.72
CA ALA A 67 -3.33 -5.92 5.02
C ALA A 67 -4.57 -6.80 5.16
N SER A 68 -5.42 -6.42 6.11
CA SER A 68 -6.69 -7.10 6.34
C SER A 68 -7.55 -7.06 5.06
N PHE A 69 -7.55 -5.90 4.39
CA PHE A 69 -8.28 -5.72 3.14
C PHE A 69 -7.83 -6.77 2.14
N VAL A 70 -6.52 -6.86 1.92
CA VAL A 70 -5.93 -7.85 1.04
C VAL A 70 -6.45 -9.23 1.40
N MET A 71 -6.35 -9.61 2.69
CA MET A 71 -6.90 -10.89 3.14
C MET A 71 -8.34 -11.06 2.65
N SER A 72 -9.19 -10.07 2.92
CA SER A 72 -10.58 -10.07 2.45
C SER A 72 -10.62 -10.12 0.92
N PHE A 73 -9.74 -9.34 0.27
CA PHE A 73 -9.62 -9.32 -1.18
C PHE A 73 -9.42 -10.73 -1.70
N LYS A 74 -8.45 -11.43 -1.11
CA LYS A 74 -8.16 -12.84 -1.47
C LYS A 74 -9.40 -13.74 -1.25
N ILE A 75 -10.26 -13.38 -0.30
CA ILE A 75 -11.50 -14.13 -0.07
C ILE A 75 -12.52 -13.78 -1.16
N LYS A 76 -12.54 -12.52 -1.60
CA LYS A 76 -13.45 -12.07 -2.61
C LYS A 76 -13.01 -12.52 -4.02
N TYR A 77 -11.70 -12.49 -4.28
CA TYR A 77 -11.17 -12.89 -5.57
C TYR A 77 -9.97 -13.82 -5.42
N PRO A 78 -9.86 -14.87 -6.27
CA PRO A 78 -8.76 -15.86 -6.20
C PRO A 78 -7.51 -15.47 -7.03
N ASP A 79 -7.73 -14.78 -8.17
CA ASP A 79 -6.64 -14.39 -9.11
C ASP A 79 -5.82 -13.18 -8.62
N ASP A 80 -6.05 -12.76 -7.38
CA ASP A 80 -5.32 -11.67 -6.76
C ASP A 80 -3.90 -12.06 -6.44
N GLY A 81 -3.62 -13.34 -6.51
CA GLY A 81 -2.34 -13.89 -6.16
C GLY A 81 -1.15 -13.04 -6.54
N ASP A 82 -1.19 -12.35 -7.68
CA ASP A 82 -0.06 -11.48 -8.09
C ASP A 82 -0.15 -10.09 -7.44
N LEU A 83 -1.36 -9.55 -7.37
CA LEU A 83 -1.60 -8.22 -6.79
C LEU A 83 -1.27 -8.20 -5.30
N SER A 84 -1.89 -9.10 -4.55
CA SER A 84 -1.69 -9.18 -3.10
C SER A 84 -0.23 -9.43 -2.78
N GLU A 85 0.37 -10.30 -3.56
CA GLU A 85 1.78 -10.60 -3.53
C GLU A 85 2.60 -9.28 -3.44
N LEU A 86 2.19 -8.28 -4.23
CA LEU A 86 2.84 -6.97 -4.21
C LEU A 86 2.25 -6.10 -3.11
N VAL A 87 0.93 -6.13 -2.96
CA VAL A 87 0.25 -5.31 -1.94
C VAL A 87 0.83 -5.60 -0.56
N GLU A 88 0.90 -6.89 -0.18
CA GLU A 88 1.49 -7.29 1.09
C GLU A 88 2.95 -6.84 1.14
N GLU A 89 3.68 -7.09 0.04
CA GLU A 89 5.08 -6.62 -0.12
C GLU A 89 5.16 -5.12 0.20
N TYR A 90 4.36 -4.33 -0.52
CA TYR A 90 4.25 -2.89 -0.35
C TYR A 90 3.97 -2.54 1.11
N LEU A 91 2.90 -3.12 1.65
CA LEU A 91 2.51 -2.91 3.05
C LEU A 91 3.69 -3.18 3.97
N ASP A 92 4.19 -4.40 3.88
CA ASP A 92 5.32 -4.87 4.67
C ASP A 92 6.52 -3.95 4.54
N ASP A 93 6.88 -3.63 3.30
CA ASP A 93 8.02 -2.71 3.04
C ASP A 93 7.78 -1.38 3.73
N THR A 94 6.60 -0.78 3.49
CA THR A 94 6.23 0.49 4.16
C THR A 94 6.36 0.31 5.68
N TYR A 95 5.73 -0.75 6.19
CA TYR A 95 5.79 -1.07 7.61
C TYR A 95 7.25 -1.16 8.07
N THR A 96 8.05 -1.91 7.33
CA THR A 96 9.46 -2.09 7.64
C THR A 96 10.23 -0.74 7.60
N LEU A 97 9.90 0.14 6.65
CA LEU A 97 10.53 1.47 6.58
C LEU A 97 10.30 2.20 7.88
N PHE A 98 9.02 2.44 8.18
CA PHE A 98 8.61 3.12 9.42
C PHE A 98 9.05 2.36 10.66
N SER A 99 9.42 1.09 10.50
CA SER A 99 9.94 0.31 11.59
C SER A 99 11.38 0.75 11.96
N SER A 100 12.00 1.59 11.12
CA SER A 100 13.30 2.17 11.41
C SER A 100 13.13 3.67 11.52
N TYR A 101 13.45 4.25 12.69
CA TYR A 101 13.30 5.71 12.92
C TYR A 101 13.84 6.50 11.74
N GLY A 102 15.10 6.30 11.41
CA GLY A 102 15.65 6.97 10.26
C GLY A 102 15.28 6.22 9.01
N ILE A 103 14.52 6.85 8.16
CA ILE A 103 14.09 6.22 6.94
C ILE A 103 15.27 6.01 6.02
N ASN A 104 15.61 4.76 5.85
CA ASN A 104 16.74 4.39 5.01
C ASN A 104 16.38 4.58 3.56
N ASP A 105 17.12 5.46 2.88
CA ASP A 105 16.89 5.74 1.47
C ASP A 105 16.87 4.46 0.61
N PRO A 106 17.84 3.48 0.81
CA PRO A 106 17.83 2.24 0.04
C PRO A 106 16.51 1.49 0.24
N GLU A 107 16.19 1.19 1.51
CA GLU A 107 14.95 0.54 1.85
C GLU A 107 13.76 1.30 1.28
N LEU A 108 13.76 2.63 1.47
CA LEU A 108 12.68 3.46 0.94
C LEU A 108 12.56 3.31 -0.56
N GLN A 109 13.67 3.48 -1.29
CA GLN A 109 13.64 3.37 -2.74
C GLN A 109 13.21 1.97 -3.19
N ARG A 110 13.63 0.95 -2.47
CA ARG A 110 13.15 -0.41 -2.75
C ARG A 110 11.63 -0.47 -2.50
N TRP A 111 11.19 0.17 -1.41
CA TRP A 111 9.75 0.30 -1.10
C TRP A 111 9.07 0.99 -2.26
N GLN A 112 9.66 2.10 -2.68
CA GLN A 112 9.19 2.85 -3.83
C GLN A 112 9.04 1.97 -5.05
N LYS A 113 10.06 1.15 -5.34
CA LYS A 113 10.00 0.22 -6.45
C LYS A 113 8.90 -0.82 -6.23
N THR A 114 8.78 -1.28 -4.99
CA THR A 114 7.70 -2.20 -4.61
C THR A 114 6.34 -1.61 -5.02
N LYS A 115 6.06 -0.36 -4.60
CA LYS A 115 4.81 0.28 -5.04
C LYS A 115 4.80 0.50 -6.55
N GLU A 116 5.97 0.86 -7.15
CA GLU A 116 6.07 1.00 -8.61
C GLU A 116 5.46 -0.24 -9.28
N ARG A 117 6.05 -1.42 -8.98
CA ARG A 117 5.54 -2.73 -9.49
C ARG A 117 4.04 -2.84 -9.29
N LEU A 118 3.58 -2.50 -8.10
CA LEU A 118 2.17 -2.55 -7.76
C LEU A 118 1.33 -1.65 -8.69
N PHE A 119 1.80 -0.42 -8.91
CA PHE A 119 1.08 0.52 -9.76
C PHE A 119 1.06 0.07 -11.20
N ARG A 120 2.12 -0.57 -11.65
CA ARG A 120 2.16 -1.07 -13.03
C ARG A 120 1.08 -2.10 -13.25
N LEU A 121 0.78 -2.90 -12.22
CA LEU A 121 -0.23 -3.90 -12.35
C LEU A 121 -1.62 -3.25 -12.22
N PHE A 122 -1.77 -2.41 -11.20
CA PHE A 122 -3.00 -1.63 -10.99
C PHE A 122 -3.38 -0.79 -12.24
N SER A 123 -2.38 -0.44 -13.06
CA SER A 123 -2.62 0.41 -14.24
C SER A 123 -3.28 -0.34 -15.43
N GLY A 124 -3.72 -1.59 -15.24
CA GLY A 124 -4.44 -2.29 -16.31
C GLY A 124 -3.89 -3.66 -16.65
N GLU A 125 -3.28 -4.36 -15.69
CA GLU A 125 -2.84 -5.71 -15.95
C GLU A 125 -3.93 -6.71 -15.53
N TYR A 126 -3.59 -7.68 -14.66
CA TYR A 126 -4.57 -8.65 -14.15
C TYR A 126 -5.80 -7.95 -13.54
N ILE A 127 -5.62 -6.70 -13.06
CA ILE A 127 -6.72 -5.92 -12.49
C ILE A 127 -7.90 -5.83 -13.47
N SER A 128 -7.61 -5.48 -14.73
CA SER A 128 -8.64 -5.37 -15.76
C SER A 128 -9.53 -6.63 -15.83
N THR A 129 -8.91 -7.80 -15.67
CA THR A 129 -9.66 -9.05 -15.62
C THR A 129 -10.33 -9.20 -14.24
N LEU A 130 -9.56 -8.89 -13.18
CA LEU A 130 -10.06 -8.94 -11.79
C LEU A 130 -11.36 -8.15 -11.68
N MET A 131 -11.30 -6.88 -12.06
CA MET A 131 -12.50 -6.03 -12.14
C MET A 131 -13.10 -6.18 -13.52
N LYS A 132 -13.61 -7.40 -13.80
CA LYS A 132 -14.15 -7.78 -15.11
C LYS A 132 -14.77 -6.63 -15.90
N THR A 133 -15.67 -5.89 -15.27
CA THR A 133 -16.38 -4.85 -15.95
C THR A 133 -16.75 -3.68 -15.00
N MET A 12 -24.57 -19.21 -3.98
CA MET A 12 -23.41 -18.38 -4.38
C MET A 12 -23.64 -16.94 -3.96
N ASP A 13 -22.61 -16.30 -3.43
CA ASP A 13 -22.72 -14.93 -2.92
C ASP A 13 -22.21 -13.91 -3.92
N GLU A 14 -22.38 -12.65 -3.58
CA GLU A 14 -21.84 -11.53 -4.37
C GLU A 14 -20.98 -10.64 -3.45
N TYR A 15 -20.11 -11.29 -2.67
CA TYR A 15 -19.23 -10.66 -1.67
C TYR A 15 -18.43 -9.47 -2.21
N SER A 16 -18.10 -9.49 -3.50
CA SER A 16 -17.19 -8.51 -4.03
C SER A 16 -17.76 -7.66 -5.16
N PRO A 17 -18.23 -6.43 -4.83
CA PRO A 17 -18.58 -5.46 -5.84
C PRO A 17 -17.28 -4.96 -6.45
N LYS A 18 -16.87 -5.58 -7.56
CA LYS A 18 -15.53 -5.38 -8.16
C LYS A 18 -14.99 -3.96 -7.96
N ARG A 19 -15.72 -2.96 -8.47
CA ARG A 19 -15.29 -1.56 -8.34
C ARG A 19 -15.07 -1.13 -6.90
N HIS A 20 -16.03 -1.49 -6.03
CA HIS A 20 -15.95 -1.12 -4.60
C HIS A 20 -14.61 -1.50 -3.98
N ASP A 21 -14.27 -2.78 -4.10
CA ASP A 21 -13.04 -3.30 -3.50
C ASP A 21 -11.81 -2.87 -4.28
N VAL A 22 -11.84 -3.08 -5.60
CA VAL A 22 -10.73 -2.71 -6.46
C VAL A 22 -10.36 -1.22 -6.28
N ALA A 23 -11.36 -0.33 -6.36
CA ALA A 23 -11.12 1.12 -6.14
C ALA A 23 -10.51 1.35 -4.76
N GLN A 24 -11.08 0.67 -3.75
CA GLN A 24 -10.56 0.73 -2.37
C GLN A 24 -9.07 0.38 -2.34
N LEU A 25 -8.71 -0.73 -3.00
CA LEU A 25 -7.33 -1.20 -3.04
C LEU A 25 -6.40 -0.12 -3.60
N LYS A 26 -6.79 0.43 -4.76
CA LYS A 26 -6.03 1.51 -5.40
C LYS A 26 -5.96 2.72 -4.48
N PHE A 27 -7.13 3.30 -4.19
CA PHE A 27 -7.25 4.49 -3.32
C PHE A 27 -6.39 4.38 -2.08
N LEU A 28 -6.51 3.26 -1.36
CA LEU A 28 -5.73 3.05 -0.14
C LEU A 28 -4.23 3.09 -0.41
N CYS A 29 -3.78 2.31 -1.41
CA CYS A 29 -2.34 2.27 -1.77
C CYS A 29 -1.88 3.62 -2.31
N GLU A 30 -2.62 4.13 -3.29
CA GLU A 30 -2.34 5.42 -3.89
C GLU A 30 -2.26 6.52 -2.83
N SER A 31 -3.27 6.62 -1.97
CA SER A 31 -3.28 7.60 -0.90
C SER A 31 -2.15 7.37 0.10
N LEU A 32 -1.98 6.12 0.56
CA LEU A 32 -0.88 5.80 1.50
C LEU A 32 0.44 6.27 0.92
N TYR A 33 0.67 5.95 -0.35
CA TYR A 33 1.89 6.37 -1.03
C TYR A 33 2.14 7.87 -0.79
N ASP A 34 1.07 8.66 -0.91
CA ASP A 34 1.13 10.11 -0.66
C ASP A 34 1.49 10.39 0.79
N GLU A 35 0.69 9.82 1.71
CA GLU A 35 0.96 9.96 3.15
C GLU A 35 2.42 9.58 3.45
N GLY A 36 2.89 8.52 2.77
CA GLY A 36 4.24 8.04 2.95
C GLY A 36 5.25 9.04 2.49
N ILE A 37 5.26 9.38 1.19
CA ILE A 37 6.21 10.38 0.65
C ILE A 37 6.16 11.63 1.50
N ALA A 38 4.94 12.17 1.69
CA ALA A 38 4.71 13.36 2.50
C ALA A 38 5.44 13.27 3.83
N THR A 39 5.30 12.15 4.51
CA THR A 39 5.88 11.98 5.83
C THR A 39 7.36 11.54 5.79
N LEU A 40 7.72 10.61 4.90
CA LEU A 40 9.10 10.13 4.84
C LEU A 40 10.06 11.23 4.41
N GLY A 41 9.58 12.24 3.67
CA GLY A 41 10.44 13.33 3.24
C GLY A 41 11.49 12.89 2.25
N ASP A 42 12.55 12.31 2.77
CA ASP A 42 13.69 11.82 2.00
C ASP A 42 14.64 11.02 2.86
N SER A 43 15.14 9.91 2.33
CA SER A 43 16.12 9.11 3.05
C SER A 43 17.46 9.81 3.10
N HIS A 44 17.99 10.19 1.93
CA HIS A 44 19.29 10.87 1.81
C HIS A 44 19.41 12.04 2.79
N HIS A 45 18.37 12.85 2.88
CA HIS A 45 18.36 14.01 3.79
C HIS A 45 18.50 13.61 5.27
N GLY A 46 18.34 12.32 5.58
CA GLY A 46 18.43 11.88 6.97
C GLY A 46 17.21 12.23 7.79
N TRP A 47 16.09 12.55 7.11
CA TRP A 47 14.86 12.92 7.79
C TRP A 47 14.43 11.82 8.74
N VAL A 48 13.83 12.21 9.83
CA VAL A 48 13.37 11.27 10.82
C VAL A 48 11.87 11.08 10.76
N ASN A 49 11.44 9.93 11.20
CA ASN A 49 10.03 9.62 11.30
C ASN A 49 9.68 9.45 12.75
N ASP A 50 8.57 10.01 13.16
CA ASP A 50 8.13 9.84 14.53
C ASP A 50 7.05 8.80 14.54
N PRO A 51 7.34 7.56 14.96
CA PRO A 51 6.35 6.48 14.98
C PRO A 51 5.00 6.92 15.60
N THR A 52 5.04 7.91 16.50
CA THR A 52 3.83 8.41 17.15
C THR A 52 3.23 9.66 16.47
N SER A 53 3.87 10.15 15.41
CA SER A 53 3.38 11.32 14.73
C SER A 53 2.06 11.03 14.02
N ALA A 54 1.17 12.02 14.00
CA ALA A 54 -0.17 11.88 13.39
C ALA A 54 -0.17 11.09 12.10
N VAL A 55 0.74 11.40 11.20
CA VAL A 55 0.81 10.73 9.92
C VAL A 55 1.37 9.34 10.11
N ASN A 56 2.48 9.24 10.86
CA ASN A 56 3.09 7.94 11.12
C ASN A 56 2.03 6.97 11.64
N LEU A 57 1.17 7.47 12.55
CA LEU A 57 0.07 6.69 13.10
C LEU A 57 -0.92 6.38 11.99
N GLN A 58 -1.23 7.40 11.18
CA GLN A 58 -2.12 7.22 10.05
C GLN A 58 -1.66 6.10 9.18
N LEU A 59 -0.41 6.18 8.72
CA LEU A 59 0.18 5.13 7.87
C LEU A 59 0.13 3.79 8.58
N ASN A 60 0.45 3.79 9.88
CA ASN A 60 0.37 2.55 10.69
C ASN A 60 -1.04 1.99 10.59
N ASP A 61 -2.04 2.88 10.72
CA ASP A 61 -3.45 2.51 10.55
C ASP A 61 -3.65 2.02 9.14
N LEU A 62 -3.31 2.88 8.16
CA LEU A 62 -3.38 2.56 6.72
C LEU A 62 -2.86 1.17 6.45
N ILE A 63 -1.63 0.91 6.86
CA ILE A 63 -0.98 -0.39 6.68
C ILE A 63 -1.94 -1.54 7.08
N GLU A 64 -2.45 -1.50 8.31
CA GLU A 64 -3.43 -2.50 8.78
C GLU A 64 -4.72 -2.37 8.01
N HIS A 65 -5.20 -1.14 7.92
CA HIS A 65 -6.41 -0.76 7.17
C HIS A 65 -6.43 -1.48 5.82
N ILE A 66 -5.33 -1.35 5.10
CA ILE A 66 -5.16 -2.00 3.81
C ILE A 66 -4.93 -3.50 4.01
N ALA A 67 -4.06 -3.87 4.97
CA ALA A 67 -3.74 -5.28 5.24
C ALA A 67 -5.01 -6.09 5.50
N SER A 68 -5.79 -5.66 6.48
CA SER A 68 -7.04 -6.33 6.80
C SER A 68 -7.98 -6.35 5.58
N PHE A 69 -8.04 -5.24 4.83
CA PHE A 69 -8.82 -5.22 3.59
C PHE A 69 -8.27 -6.30 2.62
N VAL A 70 -6.96 -6.23 2.35
CA VAL A 70 -6.28 -7.21 1.50
C VAL A 70 -6.56 -8.63 2.00
N MET A 71 -6.35 -8.88 3.30
CA MET A 71 -6.64 -10.22 3.88
C MET A 71 -8.03 -10.69 3.46
N SER A 72 -9.03 -9.81 3.66
CA SER A 72 -10.40 -10.07 3.25
C SER A 72 -10.48 -10.22 1.72
N PHE A 73 -9.79 -9.33 0.99
CA PHE A 73 -9.69 -9.41 -0.47
C PHE A 73 -9.24 -10.82 -0.89
N LYS A 74 -8.17 -11.31 -0.23
CA LYS A 74 -7.64 -12.67 -0.49
C LYS A 74 -8.72 -13.74 -0.32
N ILE A 75 -9.63 -13.53 0.63
CA ILE A 75 -10.76 -14.43 0.85
C ILE A 75 -11.65 -14.37 -0.38
N LYS A 76 -11.93 -13.14 -0.79
CA LYS A 76 -12.80 -12.87 -1.90
C LYS A 76 -12.21 -13.37 -3.22
N TYR A 77 -10.96 -12.98 -3.52
CA TYR A 77 -10.33 -13.35 -4.77
C TYR A 77 -8.91 -13.86 -4.58
N PRO A 78 -8.53 -14.95 -5.32
CA PRO A 78 -7.21 -15.58 -5.22
C PRO A 78 -6.22 -15.19 -6.37
N ASP A 79 -6.75 -14.87 -7.57
CA ASP A 79 -5.91 -14.61 -8.76
C ASP A 79 -5.15 -13.29 -8.71
N ASP A 80 -5.48 -12.45 -7.76
CA ASP A 80 -4.78 -11.20 -7.54
C ASP A 80 -3.60 -11.37 -6.58
N GLY A 81 -3.32 -12.62 -6.20
CA GLY A 81 -2.28 -12.94 -5.23
C GLY A 81 -1.03 -12.09 -5.34
N ASP A 82 -0.60 -11.78 -6.57
CA ASP A 82 0.59 -10.92 -6.77
C ASP A 82 0.28 -9.49 -6.30
N LEU A 83 -0.85 -8.98 -6.74
CA LEU A 83 -1.33 -7.65 -6.32
C LEU A 83 -1.42 -7.58 -4.81
N SER A 84 -2.13 -8.54 -4.21
CA SER A 84 -2.28 -8.58 -2.75
C SER A 84 -0.91 -8.63 -2.09
N GLU A 85 -0.12 -9.62 -2.50
CA GLU A 85 1.23 -9.78 -2.04
C GLU A 85 2.02 -8.47 -2.14
N LEU A 86 1.92 -7.78 -3.28
CA LEU A 86 2.60 -6.52 -3.49
C LEU A 86 2.04 -5.47 -2.55
N VAL A 87 0.71 -5.38 -2.49
CA VAL A 87 0.05 -4.45 -1.57
C VAL A 87 0.55 -4.72 -0.16
N GLU A 88 0.45 -5.99 0.28
CA GLU A 88 0.94 -6.41 1.61
C GLU A 88 2.39 -5.98 1.80
N GLU A 89 3.25 -6.32 0.83
CA GLU A 89 4.66 -5.91 0.84
C GLU A 89 4.76 -4.38 1.02
N TYR A 90 3.95 -3.65 0.25
CA TYR A 90 3.94 -2.20 0.32
C TYR A 90 3.61 -1.73 1.75
N LEU A 91 2.53 -2.27 2.32
CA LEU A 91 2.17 -1.95 3.72
C LEU A 91 3.33 -2.33 4.63
N ASP A 92 3.88 -3.52 4.41
CA ASP A 92 5.03 -4.04 5.16
C ASP A 92 6.18 -3.06 5.13
N ASP A 93 6.64 -2.71 3.92
CA ASP A 93 7.75 -1.75 3.76
C ASP A 93 7.42 -0.45 4.49
N THR A 94 6.22 0.08 4.22
CA THR A 94 5.72 1.30 4.87
C THR A 94 5.83 1.16 6.40
N TYR A 95 5.31 0.03 6.92
CA TYR A 95 5.39 -0.27 8.35
C TYR A 95 6.85 -0.30 8.80
N THR A 96 7.66 -1.07 8.09
CA THR A 96 9.10 -1.17 8.37
C THR A 96 9.73 0.24 8.53
N LEU A 97 9.60 1.06 7.48
CA LEU A 97 10.12 2.44 7.48
C LEU A 97 9.57 3.23 8.64
N PHE A 98 8.26 3.48 8.60
CA PHE A 98 7.58 4.30 9.61
C PHE A 98 7.72 3.75 11.03
N SER A 99 8.12 2.50 11.17
CA SER A 99 8.35 1.94 12.49
C SER A 99 9.79 2.23 13.00
N SER A 100 10.64 2.86 12.18
CA SER A 100 12.00 3.21 12.57
C SER A 100 12.04 4.60 13.24
N TYR A 101 13.22 5.19 13.36
CA TYR A 101 13.38 6.53 13.91
C TYR A 101 13.80 7.50 12.79
N GLY A 102 14.79 7.09 12.01
CA GLY A 102 15.22 7.84 10.86
C GLY A 102 14.93 7.05 9.61
N ILE A 103 14.48 7.72 8.54
CA ILE A 103 14.12 7.00 7.33
C ILE A 103 15.35 6.36 6.68
N ASN A 104 15.30 5.04 6.55
CA ASN A 104 16.40 4.27 5.99
C ASN A 104 16.30 4.22 4.48
N ASP A 105 17.33 4.73 3.79
CA ASP A 105 17.39 4.68 2.33
C ASP A 105 17.20 3.26 1.82
N PRO A 106 17.98 2.26 2.36
CA PRO A 106 17.85 0.85 1.95
C PRO A 106 16.39 0.39 1.90
N GLU A 107 15.68 0.57 3.03
CA GLU A 107 14.29 0.21 3.12
C GLU A 107 13.44 1.09 2.20
N LEU A 108 13.61 2.41 2.29
CA LEU A 108 12.83 3.33 1.43
C LEU A 108 13.01 3.01 -0.04
N GLN A 109 14.26 2.88 -0.49
CA GLN A 109 14.53 2.57 -1.89
C GLN A 109 13.88 1.25 -2.31
N ARG A 110 13.66 0.35 -1.34
CA ARG A 110 12.95 -0.89 -1.60
C ARG A 110 11.44 -0.60 -1.61
N TRP A 111 10.99 0.20 -0.62
CA TRP A 111 9.59 0.67 -0.52
C TRP A 111 9.17 1.22 -1.86
N GLN A 112 10.06 2.07 -2.43
CA GLN A 112 9.86 2.65 -3.73
C GLN A 112 9.60 1.56 -4.77
N LYS A 113 10.54 0.61 -4.94
CA LYS A 113 10.35 -0.50 -5.89
C LYS A 113 9.00 -1.17 -5.67
N THR A 114 8.70 -1.50 -4.42
CA THR A 114 7.45 -2.13 -4.06
C THR A 114 6.24 -1.30 -4.53
N LYS A 115 6.26 0.04 -4.31
CA LYS A 115 5.17 0.87 -4.84
C LYS A 115 5.22 0.90 -6.35
N GLU A 116 6.42 1.18 -6.92
CA GLU A 116 6.61 1.19 -8.39
C GLU A 116 5.90 -0.02 -9.01
N ARG A 117 6.31 -1.23 -8.57
CA ARG A 117 5.68 -2.48 -9.01
C ARG A 117 4.17 -2.43 -8.75
N LEU A 118 3.80 -2.13 -7.50
CA LEU A 118 2.39 -2.07 -7.09
C LEU A 118 1.56 -1.25 -8.05
N PHE A 119 2.10 -0.10 -8.46
CA PHE A 119 1.40 0.78 -9.37
C PHE A 119 1.25 0.14 -10.71
N ARG A 120 2.29 -0.57 -11.18
CA ARG A 120 2.21 -1.32 -12.43
C ARG A 120 0.94 -2.17 -12.43
N LEU A 121 0.68 -2.86 -11.31
CA LEU A 121 -0.50 -3.62 -11.15
C LEU A 121 -1.73 -2.70 -11.12
N PHE A 122 -1.69 -1.69 -10.23
CA PHE A 122 -2.79 -0.72 -10.06
C PHE A 122 -3.09 0.14 -11.31
N SER A 123 -2.20 0.16 -12.30
CA SER A 123 -2.48 0.88 -13.55
C SER A 123 -3.53 0.11 -14.35
N GLY A 124 -3.69 -1.19 -14.02
CA GLY A 124 -4.71 -1.97 -14.65
C GLY A 124 -4.22 -3.28 -15.22
N GLU A 125 -3.23 -3.94 -14.56
CA GLU A 125 -2.81 -5.28 -14.99
C GLU A 125 -4.04 -6.17 -14.97
N TYR A 126 -4.58 -6.38 -13.77
CA TYR A 126 -5.83 -7.09 -13.60
C TYR A 126 -6.99 -6.11 -13.72
N ILE A 127 -6.84 -4.93 -13.08
CA ILE A 127 -7.92 -3.93 -13.00
C ILE A 127 -8.67 -3.75 -14.31
N SER A 128 -7.99 -3.33 -15.38
CA SER A 128 -8.66 -3.08 -16.65
C SER A 128 -9.46 -4.30 -17.17
N THR A 129 -8.87 -5.50 -17.03
CA THR A 129 -9.59 -6.72 -17.42
C THR A 129 -10.70 -7.04 -16.40
N LEU A 130 -10.48 -6.63 -15.15
CA LEU A 130 -11.47 -6.81 -14.10
C LEU A 130 -12.64 -5.84 -14.30
N MET A 131 -12.32 -4.64 -14.77
CA MET A 131 -13.30 -3.64 -15.06
C MET A 131 -14.05 -3.99 -16.34
N LYS A 132 -13.32 -4.40 -17.38
CA LYS A 132 -13.93 -4.83 -18.63
C LYS A 132 -14.58 -6.21 -18.48
N THR A 133 -15.19 -6.69 -19.55
CA THR A 133 -15.83 -7.98 -19.55
C THR A 133 -14.84 -9.07 -19.99
N MET A 12 -23.68 -15.22 -5.50
CA MET A 12 -22.84 -15.00 -4.28
C MET A 12 -22.92 -13.54 -3.83
N ASP A 13 -22.20 -13.18 -2.77
CA ASP A 13 -22.25 -11.81 -2.26
C ASP A 13 -20.89 -11.15 -2.23
N GLU A 14 -20.76 -10.09 -3.00
CA GLU A 14 -19.57 -9.25 -3.04
C GLU A 14 -20.01 -7.79 -3.06
N TYR A 15 -20.40 -7.30 -1.89
CA TYR A 15 -20.97 -5.96 -1.72
C TYR A 15 -20.15 -4.88 -2.42
N SER A 16 -18.84 -4.91 -2.27
CA SER A 16 -17.98 -3.89 -2.85
C SER A 16 -18.16 -3.82 -4.37
N PRO A 17 -18.60 -2.65 -4.91
CA PRO A 17 -18.73 -2.48 -6.36
C PRO A 17 -17.40 -2.81 -7.02
N LYS A 18 -17.43 -3.56 -8.12
CA LYS A 18 -16.19 -3.95 -8.82
C LYS A 18 -15.27 -2.76 -9.10
N ARG A 19 -15.85 -1.58 -9.23
CA ARG A 19 -15.07 -0.35 -9.32
C ARG A 19 -14.38 -0.11 -7.99
N HIS A 20 -15.22 0.08 -6.98
CA HIS A 20 -14.80 0.45 -5.64
C HIS A 20 -13.80 -0.48 -4.99
N ASP A 21 -13.95 -1.81 -5.14
CA ASP A 21 -12.96 -2.69 -4.45
C ASP A 21 -11.60 -2.63 -5.09
N VAL A 22 -11.53 -2.75 -6.41
CA VAL A 22 -10.26 -2.56 -7.09
C VAL A 22 -9.79 -1.11 -6.88
N ALA A 23 -10.72 -0.14 -7.04
CA ALA A 23 -10.41 1.28 -6.78
C ALA A 23 -9.79 1.41 -5.41
N GLN A 24 -10.49 0.91 -4.38
CA GLN A 24 -10.01 0.91 -3.00
C GLN A 24 -8.61 0.31 -2.90
N LEU A 25 -8.42 -0.85 -3.55
CA LEU A 25 -7.12 -1.53 -3.56
C LEU A 25 -6.00 -0.57 -3.94
N LYS A 26 -6.09 -0.02 -5.17
CA LYS A 26 -5.10 0.95 -5.64
C LYS A 26 -5.16 2.22 -4.81
N PHE A 27 -6.36 2.74 -4.61
CA PHE A 27 -6.61 3.95 -3.80
C PHE A 27 -5.81 3.89 -2.51
N LEU A 28 -5.92 2.78 -1.77
CA LEU A 28 -5.17 2.60 -0.53
C LEU A 28 -3.68 2.69 -0.80
N CYS A 29 -3.20 1.89 -1.78
CA CYS A 29 -1.79 1.91 -2.19
C CYS A 29 -1.38 3.35 -2.56
N GLU A 30 -2.17 3.99 -3.42
CA GLU A 30 -1.96 5.38 -3.83
C GLU A 30 -1.90 6.29 -2.61
N SER A 31 -2.87 6.14 -1.70
CA SER A 31 -2.91 6.93 -0.48
C SER A 31 -1.59 6.82 0.24
N LEU A 32 -1.20 5.57 0.59
CA LEU A 32 0.10 5.32 1.21
C LEU A 32 1.24 5.87 0.35
N TYR A 33 1.10 5.76 -0.96
CA TYR A 33 2.09 6.28 -1.89
C TYR A 33 2.22 7.81 -1.73
N ASP A 34 1.10 8.49 -1.49
CA ASP A 34 1.08 9.95 -1.32
C ASP A 34 1.45 10.35 0.09
N GLU A 35 0.70 9.85 1.06
CA GLU A 35 0.95 10.12 2.48
C GLU A 35 2.35 9.62 2.88
N GLY A 36 2.74 8.48 2.31
CA GLY A 36 4.05 7.91 2.55
C GLY A 36 5.17 8.82 2.13
N ILE A 37 5.24 9.16 0.83
CA ILE A 37 6.30 10.06 0.32
C ILE A 37 6.36 11.34 1.16
N ALA A 38 5.20 11.98 1.39
CA ALA A 38 5.14 13.18 2.23
C ALA A 38 5.78 12.92 3.60
N THR A 39 5.45 11.77 4.18
CA THR A 39 5.98 11.39 5.48
C THR A 39 7.47 10.98 5.38
N LEU A 40 7.86 10.18 4.37
CA LEU A 40 9.27 9.78 4.23
C LEU A 40 10.16 10.98 3.89
N GLY A 41 9.56 12.00 3.26
CA GLY A 41 10.29 13.22 2.94
C GLY A 41 10.29 14.22 4.09
N ASP A 42 9.63 13.88 5.22
CA ASP A 42 9.58 14.77 6.38
C ASP A 42 10.97 14.94 6.95
N SER A 43 11.67 15.95 6.48
CA SER A 43 13.05 16.18 6.89
C SER A 43 13.42 17.67 6.81
N HIS A 44 12.49 18.57 7.21
CA HIS A 44 12.76 20.02 7.23
C HIS A 44 14.05 20.30 8.01
N HIS A 45 14.03 19.98 9.31
CA HIS A 45 15.23 20.11 10.16
C HIS A 45 16.26 19.03 9.82
N GLY A 46 15.82 17.95 9.15
CA GLY A 46 16.71 16.84 8.83
C GLY A 46 16.56 15.68 9.79
N TRP A 47 15.47 15.68 10.59
CA TRP A 47 15.21 14.61 11.54
C TRP A 47 14.75 13.35 10.84
N VAL A 48 14.73 12.25 11.58
CA VAL A 48 14.20 10.99 11.06
C VAL A 48 12.67 11.00 11.22
N ASN A 49 11.99 10.09 10.52
CA ASN A 49 10.54 10.01 10.68
C ASN A 49 10.21 9.15 11.87
N ASP A 50 9.56 9.75 12.85
CA ASP A 50 9.20 9.08 14.09
C ASP A 50 7.97 8.23 13.87
N PRO A 51 8.03 6.91 14.21
CA PRO A 51 6.85 5.99 14.10
C PRO A 51 5.60 6.47 14.88
N THR A 52 5.72 7.56 15.65
CA THR A 52 4.63 8.10 16.43
C THR A 52 3.94 9.27 15.70
N SER A 53 4.56 9.76 14.62
CA SER A 53 4.00 10.86 13.86
C SER A 53 2.64 10.47 13.28
N ALA A 54 1.68 11.40 13.32
CA ALA A 54 0.31 11.13 12.85
C ALA A 54 0.27 10.36 11.56
N VAL A 55 0.89 10.90 10.51
CA VAL A 55 0.92 10.26 9.23
C VAL A 55 1.50 8.89 9.37
N ASN A 56 2.71 8.80 9.96
CA ASN A 56 3.37 7.53 10.18
C ASN A 56 2.38 6.52 10.80
N LEU A 57 1.69 6.96 11.86
CA LEU A 57 0.66 6.14 12.51
C LEU A 57 -0.41 5.74 11.52
N GLN A 58 -1.01 6.75 10.85
CA GLN A 58 -2.01 6.55 9.83
C GLN A 58 -1.53 5.56 8.79
N LEU A 59 -0.32 5.77 8.29
CA LEU A 59 0.29 4.88 7.29
C LEU A 59 0.32 3.45 7.80
N ASN A 60 0.86 3.24 9.01
CA ASN A 60 0.88 1.89 9.61
C ASN A 60 -0.56 1.34 9.69
N ASP A 61 -1.49 2.18 10.20
CA ASP A 61 -2.92 1.82 10.30
C ASP A 61 -3.46 1.40 8.95
N LEU A 62 -3.33 2.30 7.97
CA LEU A 62 -3.81 2.03 6.62
C LEU A 62 -3.09 0.83 6.01
N ILE A 63 -1.78 0.69 6.27
CA ILE A 63 -1.02 -0.49 5.81
C ILE A 63 -1.77 -1.77 6.26
N GLU A 64 -2.09 -1.84 7.56
CA GLU A 64 -2.88 -2.96 8.09
C GLU A 64 -4.27 -2.96 7.46
N HIS A 65 -4.86 -1.78 7.35
CA HIS A 65 -6.16 -1.60 6.69
C HIS A 65 -6.13 -2.28 5.31
N ILE A 66 -5.10 -1.95 4.52
CA ILE A 66 -4.87 -2.57 3.22
C ILE A 66 -4.76 -4.08 3.41
N ALA A 67 -3.94 -4.50 4.39
CA ALA A 67 -3.79 -5.92 4.74
C ALA A 67 -5.17 -6.57 4.91
N SER A 68 -5.99 -5.98 5.80
CA SER A 68 -7.36 -6.45 6.03
C SER A 68 -8.16 -6.45 4.74
N PHE A 69 -8.11 -5.33 4.00
CA PHE A 69 -8.81 -5.22 2.72
C PHE A 69 -8.38 -6.35 1.80
N VAL A 70 -7.07 -6.50 1.61
CA VAL A 70 -6.51 -7.59 0.83
C VAL A 70 -7.01 -8.93 1.37
N MET A 71 -6.99 -9.08 2.70
CA MET A 71 -7.48 -10.30 3.35
C MET A 71 -8.86 -10.64 2.82
N SER A 72 -9.81 -9.69 2.95
CA SER A 72 -11.15 -9.87 2.42
C SER A 72 -11.10 -10.06 0.90
N PHE A 73 -10.24 -9.27 0.25
CA PHE A 73 -10.07 -9.35 -1.20
C PHE A 73 -9.76 -10.77 -1.64
N LYS A 74 -8.65 -11.34 -1.14
CA LYS A 74 -8.29 -12.74 -1.50
C LYS A 74 -9.41 -13.75 -1.22
N ILE A 75 -10.28 -13.44 -0.25
CA ILE A 75 -11.44 -14.31 0.04
C ILE A 75 -12.48 -14.22 -1.08
N LYS A 76 -12.53 -13.09 -1.76
CA LYS A 76 -13.47 -12.88 -2.81
C LYS A 76 -12.82 -13.09 -4.17
N TYR A 77 -11.69 -12.44 -4.39
CA TYR A 77 -10.91 -12.57 -5.62
C TYR A 77 -9.51 -13.14 -5.30
N PRO A 78 -9.41 -14.45 -4.97
CA PRO A 78 -8.12 -15.13 -4.64
C PRO A 78 -7.12 -15.14 -5.83
N ASP A 79 -7.58 -14.78 -7.03
CA ASP A 79 -6.71 -14.69 -8.22
C ASP A 79 -5.75 -13.49 -8.12
N ASP A 80 -5.82 -12.75 -7.02
CA ASP A 80 -4.97 -11.61 -6.73
C ASP A 80 -3.61 -12.05 -6.17
N GLY A 81 -3.37 -13.35 -6.10
CA GLY A 81 -2.17 -13.89 -5.49
C GLY A 81 -0.89 -13.10 -5.77
N ASP A 82 -0.74 -12.56 -7.00
CA ASP A 82 0.43 -11.72 -7.34
C ASP A 82 0.24 -10.31 -6.81
N LEU A 83 -0.93 -9.74 -7.04
CA LEU A 83 -1.27 -8.42 -6.48
C LEU A 83 -1.09 -8.47 -4.96
N SER A 84 -1.59 -9.54 -4.34
CA SER A 84 -1.45 -9.79 -2.91
C SER A 84 0.03 -9.78 -2.58
N GLU A 85 0.78 -10.63 -3.27
CA GLU A 85 2.21 -10.71 -3.16
C GLU A 85 2.85 -9.31 -3.15
N LEU A 86 2.41 -8.48 -4.07
CA LEU A 86 2.90 -7.12 -4.19
C LEU A 86 2.41 -6.27 -3.03
N VAL A 87 1.11 -6.33 -2.76
CA VAL A 87 0.52 -5.58 -1.66
C VAL A 87 1.20 -5.94 -0.35
N GLU A 88 1.33 -7.26 -0.08
CA GLU A 88 2.01 -7.73 1.13
C GLU A 88 3.41 -7.10 1.22
N GLU A 89 4.19 -7.19 0.12
CA GLU A 89 5.51 -6.53 0.05
C GLU A 89 5.35 -5.03 0.33
N TYR A 90 4.38 -4.40 -0.34
CA TYR A 90 4.10 -2.97 -0.15
C TYR A 90 3.81 -2.67 1.32
N LEU A 91 2.86 -3.39 1.92
CA LEU A 91 2.51 -3.21 3.33
C LEU A 91 3.74 -3.43 4.20
N ASP A 92 4.37 -4.58 4.01
CA ASP A 92 5.58 -4.97 4.72
C ASP A 92 6.65 -3.90 4.58
N ASP A 93 6.90 -3.48 3.35
CA ASP A 93 7.94 -2.48 3.05
C ASP A 93 7.65 -1.16 3.72
N THR A 94 6.51 -0.55 3.36
CA THR A 94 6.12 0.72 3.96
C THR A 94 6.14 0.61 5.48
N TYR A 95 5.64 -0.51 6.01
CA TYR A 95 5.70 -0.78 7.43
C TYR A 95 7.17 -0.78 7.89
N THR A 96 8.00 -1.58 7.20
CA THR A 96 9.44 -1.64 7.49
C THR A 96 10.02 -0.22 7.65
N LEU A 97 9.67 0.68 6.72
CA LEU A 97 10.15 2.06 6.76
C LEU A 97 9.60 2.82 7.95
N PHE A 98 8.29 3.06 7.92
CA PHE A 98 7.61 3.88 8.93
C PHE A 98 7.67 3.28 10.31
N SER A 99 7.82 1.97 10.39
CA SER A 99 7.92 1.33 11.69
C SER A 99 9.40 1.12 12.14
N SER A 100 10.35 1.78 11.46
CA SER A 100 11.76 1.72 11.85
C SER A 100 12.11 3.01 12.63
N TYR A 101 13.32 3.05 13.23
CA TYR A 101 13.82 4.25 13.95
C TYR A 101 13.52 5.53 13.14
N GLY A 102 13.76 5.42 11.84
CA GLY A 102 13.52 6.49 10.91
C GLY A 102 13.52 5.94 9.50
N ILE A 103 13.14 6.75 8.52
CA ILE A 103 13.13 6.27 7.15
C ILE A 103 14.56 6.07 6.65
N ASN A 104 14.84 4.87 6.17
CA ASN A 104 16.18 4.51 5.69
C ASN A 104 16.20 4.39 4.18
N ASP A 105 17.24 4.95 3.58
CA ASP A 105 17.41 4.96 2.12
C ASP A 105 17.25 3.59 1.48
N PRO A 106 18.02 2.56 1.93
CA PRO A 106 18.00 1.21 1.34
C PRO A 106 16.58 0.68 1.12
N GLU A 107 15.78 0.68 2.18
CA GLU A 107 14.40 0.23 2.10
C GLU A 107 13.59 1.18 1.25
N LEU A 108 13.70 2.49 1.53
CA LEU A 108 12.99 3.50 0.75
C LEU A 108 13.25 3.32 -0.74
N GLN A 109 14.53 3.21 -1.11
CA GLN A 109 14.89 3.00 -2.49
C GLN A 109 14.20 1.76 -3.03
N ARG A 110 14.21 0.68 -2.23
CA ARG A 110 13.46 -0.53 -2.56
C ARG A 110 11.98 -0.19 -2.75
N TRP A 111 11.42 0.55 -1.78
CA TRP A 111 10.02 1.00 -1.81
C TRP A 111 9.69 1.62 -3.15
N GLN A 112 10.59 2.50 -3.62
CA GLN A 112 10.44 3.13 -4.95
C GLN A 112 10.14 2.07 -6.02
N LYS A 113 10.78 0.91 -5.89
CA LYS A 113 10.54 -0.24 -6.78
C LYS A 113 9.24 -0.94 -6.38
N THR A 114 9.12 -1.28 -5.10
CA THR A 114 7.91 -1.95 -4.57
C THR A 114 6.61 -1.22 -5.03
N LYS A 115 6.58 0.12 -4.91
CA LYS A 115 5.42 0.88 -5.38
C LYS A 115 5.21 0.67 -6.87
N GLU A 116 6.29 0.83 -7.68
CA GLU A 116 6.20 0.57 -9.13
C GLU A 116 5.61 -0.80 -9.39
N ARG A 117 6.20 -1.84 -8.76
CA ARG A 117 5.71 -3.22 -8.88
C ARG A 117 4.19 -3.28 -8.73
N LEU A 118 3.68 -2.65 -7.66
CA LEU A 118 2.24 -2.55 -7.38
C LEU A 118 1.47 -1.94 -8.56
N PHE A 119 2.01 -0.87 -9.10
CA PHE A 119 1.40 -0.18 -10.22
C PHE A 119 1.45 -0.97 -11.49
N ARG A 120 2.51 -1.79 -11.66
CA ARG A 120 2.60 -2.65 -12.85
C ARG A 120 1.31 -3.43 -13.00
N LEU A 121 0.76 -3.92 -11.85
CA LEU A 121 -0.46 -4.66 -11.86
C LEU A 121 -1.65 -3.77 -12.24
N PHE A 122 -1.80 -2.63 -11.53
CA PHE A 122 -2.94 -1.71 -11.74
C PHE A 122 -2.89 -0.95 -13.08
N SER A 123 -1.75 -0.96 -13.76
CA SER A 123 -1.57 -0.23 -15.03
C SER A 123 -2.09 -1.00 -16.26
N GLY A 124 -2.89 -2.07 -16.07
CA GLY A 124 -3.41 -2.79 -17.21
C GLY A 124 -3.19 -4.29 -17.19
N GLU A 125 -2.24 -4.79 -16.37
CA GLU A 125 -1.94 -6.23 -16.32
C GLU A 125 -3.19 -7.08 -15.97
N TYR A 126 -3.32 -7.49 -14.71
CA TYR A 126 -4.44 -8.32 -14.28
C TYR A 126 -5.63 -7.49 -13.83
N ILE A 127 -5.35 -6.40 -13.10
CA ILE A 127 -6.38 -5.53 -12.53
C ILE A 127 -7.54 -5.23 -13.51
N SER A 128 -7.20 -4.80 -14.74
CA SER A 128 -8.23 -4.48 -15.76
C SER A 128 -9.29 -5.58 -15.85
N THR A 129 -8.84 -6.83 -15.87
CA THR A 129 -9.70 -7.98 -15.91
C THR A 129 -10.19 -8.34 -14.49
N LEU A 130 -9.27 -8.21 -13.51
CA LEU A 130 -9.58 -8.45 -12.09
C LEU A 130 -10.86 -7.75 -11.68
N MET A 131 -11.01 -6.49 -12.09
CA MET A 131 -12.25 -5.74 -11.84
C MET A 131 -13.22 -5.97 -12.99
N LYS A 132 -14.41 -6.48 -12.71
CA LYS A 132 -15.38 -6.74 -13.76
C LYS A 132 -15.81 -5.44 -14.44
N THR A 133 -16.65 -4.66 -13.75
CA THR A 133 -17.12 -3.40 -14.24
C THR A 133 -16.88 -2.30 -13.20
#